data_8C5Z
#
_entry.id   8C5Z
#
loop_
_entity.id
_entity.type
_entity.pdbx_description
1 polymer 'Replication factor A'
2 polymer 'RPA32 subunit of the hetero-oligomeric complex involved in homologous recombination'
3 polymer 'RPA14 subunit of the hetero-oligomeric complex involved in homologous recombination'
4 non-polymer 'ZINC ION'
#
loop_
_entity_poly.entity_id
_entity_poly.type
_entity_poly.pdbx_seq_one_letter_code
_entity_poly.pdbx_strand_id
1 'polypeptide(L)'
;MSVLTKDRIIEIIERKTGMSREEIEEEIRKIMEEDPYLSEQGAAALLAERLGIDLIEKEEVSLMRISELYPGMDPREVNV
VGRVLKKYPPREYTRKDGSVGRVASLIIYDDSGRARVVLWDAKVSEYYNKIEVGDVIKVLDAQVKESLSGLPELHINFRA
RIILNPDDPRVEMIPPLEEVRVATYTRKKIKDIEAGDRFVEVRGTIAKVYRVLTYDACPECKKKVDYDEGLGVWICPEHG
EVQPIKMTILDFGLDDGTGYIRVTLFGDDAEELLGVSPEEIAEKIKELEESGLTTKEAARKLAEDEFYNIIGREIVVRGN
VIEDRFLGLILRASSWEDVDYRREIERIKEELEKLGVM
;
A,D,G,J
2 'polypeptide(L)'
;KKRMPATRLYIKDILEGYFVKSEGDFEPNYLITKYARKVYRAKIVGTVVREPLIAEDETYGKFQVDDGTGVIWVLGFRDD
TKFAKLVRKGDLVQVIGKIAEWRDDKQILVEGVSKVHPNMWILHRYETLKEKIEHIKKAKIALEIYNQYGITAKSKVIAK
NKGIEEELLEVIDELYGIMM
;
B,E,H,K
3 'polypeptide(L)'
;RRRKPAVERKISEIREEDTRVSLIGRVIKVDKMDYMFWLDDGTGVAIIESESDLPKVGQVVRVIGRIIRNEEGIHIYAEV
IQDFSDADLEALEEIRELERKLLPRLEGEIVW
;
C,F,I,L
#
# COMPACT_ATOMS: atom_id res chain seq x y z
N SER A 2 40.70 -7.90 30.34
CA SER A 2 40.70 -8.05 31.80
C SER A 2 41.73 -7.13 32.44
N VAL A 3 41.29 -6.41 33.48
CA VAL A 3 42.18 -5.52 34.21
C VAL A 3 43.24 -6.35 34.93
N LEU A 4 44.45 -5.80 35.03
CA LEU A 4 45.52 -6.50 35.73
C LEU A 4 45.14 -6.77 37.18
N THR A 5 45.50 -7.94 37.67
CA THR A 5 45.15 -8.32 39.03
C THR A 5 45.90 -7.48 40.05
N LYS A 6 45.47 -7.56 41.31
CA LYS A 6 46.10 -6.79 42.37
C LYS A 6 47.57 -7.16 42.52
N ASP A 7 47.87 -8.46 42.45
CA ASP A 7 49.26 -8.90 42.55
C ASP A 7 50.07 -8.48 41.33
N ARG A 8 49.44 -8.47 40.15
CA ARG A 8 50.15 -8.07 38.93
C ARG A 8 50.59 -6.62 38.99
N ILE A 9 49.72 -5.73 39.50
CA ILE A 9 50.08 -4.32 39.60
C ILE A 9 51.24 -4.12 40.57
N ILE A 10 51.24 -4.88 41.67
CA ILE A 10 52.34 -4.79 42.63
C ILE A 10 53.65 -5.21 41.98
N GLU A 11 53.62 -6.26 41.15
CA GLU A 11 54.82 -6.70 40.46
C GLU A 11 55.32 -5.63 39.50
N ILE A 12 54.41 -4.97 38.78
CA ILE A 12 54.80 -3.93 37.84
C ILE A 12 55.39 -2.74 38.58
N ILE A 13 54.77 -2.33 39.68
CA ILE A 13 55.29 -1.21 40.46
C ILE A 13 56.64 -1.57 41.07
N GLU A 14 56.81 -2.82 41.48
CA GLU A 14 58.11 -3.25 42.00
C GLU A 14 59.20 -3.13 40.94
N ARG A 15 58.88 -3.50 39.70
CA ARG A 15 59.86 -3.42 38.62
C ARG A 15 60.14 -1.98 38.21
N LYS A 16 59.09 -1.15 38.12
CA LYS A 16 59.24 0.20 37.60
C LYS A 16 59.76 1.19 38.65
N THR A 17 59.74 0.82 39.94
CA THR A 17 60.20 1.71 40.99
C THR A 17 61.29 1.12 41.87
N GLY A 18 61.29 -0.19 42.09
CA GLY A 18 62.28 -0.80 42.95
C GLY A 18 61.93 -0.85 44.42
N MET A 19 60.76 -0.36 44.81
CA MET A 19 60.32 -0.47 46.19
C MET A 19 59.93 -1.90 46.53
N SER A 20 60.11 -2.27 47.79
CA SER A 20 59.77 -3.61 48.24
C SER A 20 58.25 -3.79 48.32
N ARG A 21 57.84 -5.06 48.41
CA ARG A 21 56.42 -5.36 48.51
C ARG A 21 55.81 -4.79 49.78
N GLU A 22 56.54 -4.86 50.90
CA GLU A 22 56.03 -4.31 52.16
C GLU A 22 55.85 -2.80 52.07
N GLU A 23 56.79 -2.10 51.43
CA GLU A 23 56.65 -0.65 51.26
C GLU A 23 55.44 -0.31 50.41
N ILE A 24 55.23 -1.05 49.32
CA ILE A 24 54.04 -0.82 48.49
C ILE A 24 52.78 -1.11 49.28
N GLU A 25 52.78 -2.19 50.07
CA GLU A 25 51.64 -2.52 50.90
C GLU A 25 51.34 -1.43 51.92
N GLU A 26 52.38 -0.79 52.46
CA GLU A 26 52.17 0.32 53.37
C GLU A 26 51.58 1.53 52.65
N GLU A 27 52.05 1.80 51.43
CA GLU A 27 51.48 2.89 50.65
C GLU A 27 50.04 2.60 50.25
N ILE A 28 49.73 1.33 49.97
CA ILE A 28 48.35 0.94 49.74
C ILE A 28 47.51 1.19 50.99
N ARG A 29 48.04 0.80 52.16
CA ARG A 29 47.31 0.97 53.41
C ARG A 29 47.08 2.45 53.72
N LYS A 30 47.95 3.32 53.20
CA LYS A 30 47.70 4.76 53.34
C LYS A 30 46.48 5.18 52.53
N ILE A 31 46.19 4.47 51.43
CA ILE A 31 45.19 4.95 50.47
C ILE A 31 43.77 4.83 51.04
N MET A 32 43.33 3.61 51.40
CA MET A 32 41.94 3.46 51.82
C MET A 32 41.67 4.17 53.14
N GLU A 33 42.71 4.55 53.89
CA GLU A 33 42.50 5.46 55.00
C GLU A 33 41.89 6.78 54.51
N GLU A 34 42.38 7.28 53.36
CA GLU A 34 41.77 8.44 52.75
C GLU A 34 40.42 8.10 52.12
N ASP A 35 40.36 7.01 51.37
CA ASP A 35 39.14 6.58 50.68
C ASP A 35 38.86 5.11 50.98
N PRO A 36 38.04 4.82 51.99
CA PRO A 36 37.74 3.41 52.32
C PRO A 36 36.90 2.70 51.28
N TYR A 37 36.35 3.42 50.31
CA TYR A 37 35.47 2.84 49.29
C TYR A 37 36.24 2.32 48.08
N LEU A 38 37.57 2.38 48.09
CA LEU A 38 38.37 1.87 46.99
C LEU A 38 38.80 0.44 47.27
N SER A 39 38.95 -0.35 46.20
CA SER A 39 39.39 -1.72 46.34
C SER A 39 40.91 -1.80 46.48
N GLU A 40 41.38 -2.97 46.91
CA GLU A 40 42.83 -3.19 46.98
C GLU A 40 43.46 -3.08 45.61
N GLN A 41 42.84 -3.66 44.59
CA GLN A 41 43.28 -3.48 43.21
C GLN A 41 43.14 -2.03 42.78
N GLY A 42 42.03 -1.38 43.15
CA GLY A 42 41.87 0.03 42.85
C GLY A 42 42.88 0.90 43.56
N ALA A 43 43.25 0.55 44.80
CA ALA A 43 44.28 1.30 45.50
C ALA A 43 45.63 1.17 44.79
N ALA A 44 45.97 -0.04 44.33
CA ALA A 44 47.21 -0.21 43.57
C ALA A 44 47.18 0.57 42.27
N ALA A 45 46.04 0.58 41.58
CA ALA A 45 45.92 1.35 40.34
C ALA A 45 46.10 2.84 40.62
N LEU A 46 45.50 3.34 41.71
CA LEU A 46 45.65 4.75 42.05
C LEU A 46 47.09 5.09 42.40
N LEU A 47 47.77 4.20 43.13
CA LEU A 47 49.17 4.42 43.46
C LEU A 47 50.04 4.45 42.20
N ALA A 48 49.77 3.54 41.26
CA ALA A 48 50.49 3.56 39.99
C ALA A 48 50.21 4.83 39.21
N GLU A 49 48.97 5.31 39.23
CA GLU A 49 48.64 6.57 38.57
C GLU A 49 49.40 7.74 39.19
N ARG A 50 49.49 7.77 40.52
CA ARG A 50 50.30 8.78 41.19
C ARG A 50 51.77 8.61 40.84
N LEU A 51 52.26 7.37 40.80
CA LEU A 51 53.65 7.12 40.46
C LEU A 51 53.92 7.34 38.98
N GLY A 52 52.89 7.31 38.14
CA GLY A 52 53.04 7.44 36.72
C GLY A 52 53.18 6.14 35.97
N ILE A 53 52.89 5.00 36.61
CA ILE A 53 53.04 3.70 35.99
C ILE A 53 51.77 3.23 35.29
N ASP A 54 50.62 3.85 35.57
CA ASP A 54 49.31 3.33 35.19
C ASP A 54 49.10 3.25 33.67
N LEU A 55 50.11 3.56 32.86
CA LEU A 55 49.97 3.55 31.41
C LEU A 55 50.30 2.19 30.83
N ILE A 56 50.06 1.12 31.60
CA ILE A 56 50.35 -0.24 31.12
C ILE A 56 49.57 -0.57 29.86
N GLU A 57 48.33 -0.09 29.74
CA GLU A 57 47.46 -0.47 28.63
C GLU A 57 48.04 -0.11 27.27
N LYS A 58 48.96 0.85 27.21
CA LYS A 58 49.58 1.22 25.95
C LYS A 58 50.65 0.21 25.55
N LEU A 63 46.47 6.58 14.83
CA LEU A 63 47.43 6.78 13.75
C LEU A 63 47.27 5.71 12.67
N MET A 64 46.34 4.79 12.89
CA MET A 64 46.09 3.72 11.93
C MET A 64 45.22 4.23 10.80
N ARG A 65 45.57 3.87 9.57
CA ARG A 65 44.86 4.31 8.37
C ARG A 65 44.10 3.13 7.77
N ILE A 66 43.50 3.37 6.60
CA ILE A 66 42.67 2.35 5.97
C ILE A 66 43.51 1.47 5.04
N SER A 67 44.63 1.99 4.55
CA SER A 67 45.42 1.26 3.55
C SER A 67 46.00 -0.02 4.13
N GLU A 68 46.57 0.04 5.33
CA GLU A 68 47.24 -1.12 5.90
C GLU A 68 46.27 -2.21 6.33
N LEU A 69 44.97 -1.94 6.37
CA LEU A 69 44.02 -2.93 6.84
C LEU A 69 43.80 -4.01 5.81
N TYR A 70 43.83 -5.27 6.27
CA TYR A 70 43.59 -6.46 5.47
C TYR A 70 42.71 -7.41 6.26
N PRO A 71 41.99 -8.32 5.60
CA PRO A 71 41.12 -9.23 6.35
C PRO A 71 41.91 -10.08 7.35
N GLY A 72 41.31 -10.29 8.52
CA GLY A 72 41.91 -11.09 9.56
C GLY A 72 42.38 -10.36 10.78
N MET A 73 42.17 -9.05 10.87
CA MET A 73 42.55 -8.31 12.07
C MET A 73 41.61 -8.61 13.23
N ASP A 74 42.17 -8.54 14.43
CA ASP A 74 41.37 -8.51 15.64
C ASP A 74 40.57 -7.20 15.66
N PRO A 75 39.25 -7.24 15.89
CA PRO A 75 38.48 -5.99 15.92
C PRO A 75 38.98 -4.99 16.93
N ARG A 76 39.66 -5.43 17.99
CA ARG A 76 40.19 -4.51 18.98
C ARG A 76 41.19 -3.55 18.37
N GLU A 77 41.87 -3.96 17.29
CA GLU A 77 42.84 -3.10 16.64
C GLU A 77 42.21 -2.18 15.60
N VAL A 78 40.90 -2.28 15.38
CA VAL A 78 40.23 -1.48 14.35
C VAL A 78 39.97 -0.09 14.94
N ASN A 79 40.74 0.90 14.48
CA ASN A 79 40.55 2.29 14.92
C ASN A 79 40.92 3.25 13.78
N VAL A 80 39.93 3.58 12.95
CA VAL A 80 40.14 4.42 11.78
C VAL A 80 39.04 5.48 11.72
N VAL A 81 39.30 6.51 10.91
CA VAL A 81 38.36 7.60 10.70
C VAL A 81 38.14 7.75 9.20
N GLY A 82 37.04 8.39 8.83
CA GLY A 82 36.71 8.57 7.44
C GLY A 82 35.56 9.51 7.17
N ARG A 83 35.63 10.25 6.05
CA ARG A 83 34.55 11.12 5.63
C ARG A 83 33.70 10.41 4.58
N VAL A 84 32.38 10.61 4.69
CA VAL A 84 31.45 9.93 3.79
C VAL A 84 31.71 10.36 2.35
N LEU A 85 31.89 9.39 1.47
CA LEU A 85 32.03 9.64 0.04
C LEU A 85 30.75 9.38 -0.73
N LYS A 86 30.14 8.21 -0.56
CA LYS A 86 28.86 7.91 -1.19
C LYS A 86 27.97 7.21 -0.18
N LYS A 87 26.67 7.46 -0.27
CA LYS A 87 25.69 6.87 0.63
C LYS A 87 24.69 6.07 -0.19
N TYR A 88 24.58 4.77 0.11
CA TYR A 88 23.66 3.89 -0.60
C TYR A 88 22.36 3.75 0.19
N PRO A 89 21.24 3.53 -0.50
CA PRO A 89 20.00 3.25 0.21
C PRO A 89 20.06 1.90 0.89
N PRO A 90 19.38 1.73 2.02
CA PRO A 90 19.38 0.42 2.69
C PRO A 90 18.67 -0.61 1.83
N ARG A 91 19.13 -1.86 1.94
CA ARG A 91 18.56 -2.97 1.21
C ARG A 91 18.08 -4.01 2.21
N GLU A 92 17.43 -5.06 1.70
CA GLU A 92 16.93 -6.13 2.53
C GLU A 92 17.57 -7.46 2.14
N TYR A 93 17.97 -8.23 3.15
CA TYR A 93 18.62 -9.50 2.93
C TYR A 93 17.97 -10.55 3.82
N THR A 94 17.96 -11.79 3.34
CA THR A 94 17.36 -12.90 4.08
C THR A 94 18.44 -13.58 4.91
N ARG A 95 18.19 -13.72 6.20
CA ARG A 95 19.13 -14.34 7.11
C ARG A 95 19.13 -15.84 6.94
N LYS A 96 20.08 -16.50 7.60
CA LYS A 96 20.22 -17.96 7.47
C LYS A 96 19.01 -18.69 8.02
N ASP A 97 18.32 -18.11 8.99
CA ASP A 97 17.15 -18.73 9.62
C ASP A 97 15.87 -18.52 8.81
N GLY A 98 15.94 -17.80 7.70
CA GLY A 98 14.78 -17.51 6.90
C GLY A 98 14.21 -16.13 7.13
N SER A 99 14.56 -15.48 8.23
CA SER A 99 14.11 -14.12 8.46
C SER A 99 14.80 -13.16 7.50
N VAL A 100 14.16 -12.01 7.28
CA VAL A 100 14.64 -11.00 6.36
C VAL A 100 15.33 -9.91 7.17
N GLY A 101 16.60 -9.62 6.84
CA GLY A 101 17.37 -8.61 7.52
C GLY A 101 17.42 -7.31 6.73
N ARG A 102 17.86 -6.27 7.42
CA ARG A 102 17.87 -4.91 6.90
C ARG A 102 19.33 -4.53 6.72
N VAL A 103 19.77 -4.36 5.47
CA VAL A 103 21.19 -4.21 5.15
C VAL A 103 21.39 -2.87 4.44
N ALA A 104 22.43 -2.14 4.84
CA ALA A 104 22.76 -0.88 4.21
C ALA A 104 24.27 -0.79 4.02
N SER A 105 24.70 -0.07 2.98
CA SER A 105 26.10 0.12 2.68
C SER A 105 26.42 1.59 2.57
N LEU A 106 27.64 1.96 2.99
CA LEU A 106 28.11 3.34 2.97
C LEU A 106 29.54 3.38 2.46
N ILE A 107 29.92 4.52 1.88
CA ILE A 107 31.25 4.72 1.32
C ILE A 107 31.92 5.88 2.07
N ILE A 108 33.10 5.63 2.61
CA ILE A 108 33.88 6.64 3.31
C ILE A 108 35.32 6.59 2.80
N TYR A 109 36.07 7.64 3.12
CA TYR A 109 37.44 7.75 2.64
C TYR A 109 38.25 8.58 3.61
N ASP A 110 39.58 8.44 3.52
CA ASP A 110 40.51 9.32 4.19
C ASP A 110 41.57 9.79 3.20
N ASP A 111 42.61 10.48 3.68
CA ASP A 111 43.70 10.83 2.78
C ASP A 111 44.54 9.64 2.39
N SER A 112 44.35 8.48 3.02
CA SER A 112 45.10 7.28 2.71
C SER A 112 44.38 6.32 1.78
N GLY A 113 43.06 6.40 1.66
CA GLY A 113 42.35 5.51 0.77
C GLY A 113 40.85 5.60 1.00
N ARG A 114 40.16 4.60 0.46
CA ARG A 114 38.71 4.48 0.60
C ARG A 114 38.35 3.05 0.96
N ALA A 115 37.18 2.88 1.56
CA ALA A 115 36.71 1.57 1.95
C ALA A 115 35.18 1.55 1.92
N ARG A 116 34.63 0.34 1.79
CA ARG A 116 33.19 0.12 1.75
C ARG A 116 32.75 -0.50 3.08
N VAL A 117 31.78 0.13 3.73
CA VAL A 117 31.27 -0.32 5.02
C VAL A 117 29.83 -0.77 4.85
N VAL A 118 29.49 -1.91 5.45
CA VAL A 118 28.16 -2.49 5.39
C VAL A 118 27.56 -2.48 6.78
N LEU A 119 26.37 -1.89 6.91
CA LEU A 119 25.71 -1.71 8.19
C LEU A 119 24.53 -2.65 8.27
N TRP A 120 24.39 -3.34 9.41
CA TRP A 120 23.55 -4.52 9.51
C TRP A 120 22.45 -4.35 10.56
N ASP A 121 21.30 -4.96 10.29
CA ASP A 121 20.30 -5.31 11.31
C ASP A 121 19.81 -4.04 12.01
N ALA A 122 19.72 -4.01 13.33
CA ALA A 122 19.12 -2.88 14.04
C ALA A 122 19.99 -1.64 13.98
N LYS A 123 21.29 -1.78 13.69
CA LYS A 123 22.19 -0.64 13.76
C LYS A 123 21.87 0.41 12.71
N VAL A 124 21.23 0.01 11.60
CA VAL A 124 20.92 0.97 10.55
C VAL A 124 19.99 2.05 11.09
N SER A 125 18.95 1.65 11.82
CA SER A 125 18.09 2.64 12.46
C SER A 125 18.85 3.47 13.47
N GLU A 126 19.93 2.92 14.02
CA GLU A 126 20.69 3.62 15.04
C GLU A 126 21.65 4.64 14.44
N TYR A 127 22.25 4.33 13.29
CA TYR A 127 23.30 5.20 12.76
C TYR A 127 23.03 5.72 11.35
N TYR A 128 22.34 4.93 10.52
CA TYR A 128 22.15 5.35 9.13
C TYR A 128 21.35 6.65 9.05
N ASN A 129 20.32 6.79 9.89
CA ASN A 129 19.51 7.99 9.86
C ASN A 129 20.32 9.21 10.30
N LYS A 130 21.15 9.06 11.34
CA LYS A 130 21.85 10.22 11.88
C LYS A 130 23.04 10.60 11.01
N ILE A 131 23.50 9.70 10.15
CA ILE A 131 24.70 9.94 9.35
C ILE A 131 24.31 10.54 8.01
N GLU A 132 25.09 11.52 7.55
CA GLU A 132 24.88 12.17 6.26
C GLU A 132 26.21 12.22 5.52
N VAL A 133 26.12 12.58 4.23
CA VAL A 133 27.33 12.68 3.41
C VAL A 133 28.20 13.83 3.92
N GLY A 134 29.51 13.61 3.88
CA GLY A 134 30.47 14.58 4.34
C GLY A 134 30.79 14.51 5.81
N ASP A 135 30.11 13.66 6.56
CA ASP A 135 30.36 13.54 7.99
C ASP A 135 31.58 12.67 8.25
N VAL A 136 32.07 12.73 9.49
CA VAL A 136 33.26 12.00 9.90
C VAL A 136 32.84 10.91 10.87
N ILE A 137 33.36 9.70 10.66
CA ILE A 137 32.96 8.52 11.41
C ILE A 137 34.18 7.92 12.09
N LYS A 138 34.05 7.58 13.36
CA LYS A 138 35.08 6.86 14.10
C LYS A 138 34.67 5.39 14.18
N VAL A 139 35.60 4.49 13.87
CA VAL A 139 35.29 3.08 13.75
C VAL A 139 36.10 2.31 14.79
N LEU A 140 35.41 1.46 15.56
CA LEU A 140 36.03 0.65 16.59
C LEU A 140 35.37 -0.73 16.65
N ASP A 141 36.19 -1.73 16.98
CA ASP A 141 35.71 -3.06 17.36
C ASP A 141 34.85 -3.69 16.27
N ALA A 142 35.28 -3.55 15.02
CA ALA A 142 34.51 -4.03 13.89
C ALA A 142 35.28 -5.10 13.11
N GLN A 143 34.55 -5.78 12.23
CA GLN A 143 35.10 -6.88 11.45
C GLN A 143 35.45 -6.41 10.03
N VAL A 144 36.56 -6.94 9.50
CA VAL A 144 37.05 -6.58 8.18
C VAL A 144 36.88 -7.81 7.27
N LYS A 145 36.32 -7.58 6.09
CA LYS A 145 36.06 -8.65 5.13
C LYS A 145 36.57 -8.23 3.75
N GLU A 146 36.95 -9.22 2.96
CA GLU A 146 37.43 -8.98 1.61
C GLU A 146 36.25 -8.83 0.65
N SER A 147 36.33 -7.82 -0.22
CA SER A 147 35.28 -7.60 -1.20
C SER A 147 35.51 -8.43 -2.46
N LEU A 148 34.49 -8.47 -3.31
CA LEU A 148 34.64 -9.06 -4.64
C LEU A 148 35.60 -8.28 -5.51
N SER A 149 35.82 -7.00 -5.20
CA SER A 149 36.81 -6.18 -5.90
C SER A 149 38.19 -6.27 -5.29
N GLY A 150 38.36 -7.06 -4.22
CA GLY A 150 39.65 -7.23 -3.59
C GLY A 150 40.00 -6.18 -2.56
N LEU A 151 39.12 -5.22 -2.30
CA LEU A 151 39.40 -4.20 -1.30
C LEU A 151 38.70 -4.56 0.01
N PRO A 152 39.26 -4.17 1.15
CA PRO A 152 38.64 -4.51 2.44
C PRO A 152 37.25 -3.89 2.57
N GLU A 153 36.34 -4.67 3.14
CA GLU A 153 35.00 -4.20 3.46
C GLU A 153 34.79 -4.28 4.96
N LEU A 154 34.04 -3.32 5.49
CA LEU A 154 33.82 -3.21 6.92
C LEU A 154 32.40 -3.67 7.25
N HIS A 155 32.29 -4.70 8.07
CA HIS A 155 30.99 -5.25 8.47
C HIS A 155 30.70 -4.79 9.90
N ILE A 156 29.62 -4.01 10.05
CA ILE A 156 29.23 -3.48 11.35
C ILE A 156 28.25 -4.47 11.95
N ASN A 157 28.74 -5.30 12.87
CA ASN A 157 27.91 -6.24 13.59
C ASN A 157 27.49 -5.65 14.92
N PHE A 158 26.90 -6.48 15.79
CA PHE A 158 26.46 -6.01 17.10
C PHE A 158 27.64 -5.50 17.92
N ARG A 159 28.77 -6.20 17.85
CA ARG A 159 29.95 -5.79 18.63
C ARG A 159 30.56 -4.50 18.09
N ALA A 160 30.41 -4.24 16.79
CA ALA A 160 30.96 -3.04 16.20
C ALA A 160 30.23 -1.79 16.71
N ARG A 161 30.96 -0.68 16.73
CA ARG A 161 30.41 0.58 17.20
C ARG A 161 30.76 1.69 16.22
N ILE A 162 29.84 2.65 16.11
CA ILE A 162 30.01 3.81 15.23
C ILE A 162 29.77 5.06 16.06
N ILE A 163 30.65 6.04 15.93
CA ILE A 163 30.59 7.29 16.69
C ILE A 163 30.52 8.46 15.73
N LEU A 164 29.63 9.40 16.02
CA LEU A 164 29.45 10.59 15.20
C LEU A 164 30.29 11.73 15.76
N ASN A 165 31.08 12.36 14.88
CA ASN A 165 31.92 13.51 15.22
C ASN A 165 32.83 13.19 16.41
N PRO A 166 33.84 12.36 16.23
CA PRO A 166 34.77 12.09 17.32
C PRO A 166 35.75 13.25 17.51
N ASP A 167 36.37 13.27 18.70
CA ASP A 167 37.40 14.26 19.01
C ASP A 167 38.79 13.68 18.73
N ASP A 168 38.98 13.26 17.48
CA ASP A 168 40.23 12.63 17.07
C ASP A 168 41.05 13.59 16.21
N PRO A 169 42.37 13.62 16.40
CA PRO A 169 43.21 14.49 15.58
C PRO A 169 43.17 14.16 14.10
N ARG A 170 42.85 12.92 13.73
CA ARG A 170 42.86 12.54 12.32
C ARG A 170 41.67 13.09 11.56
N VAL A 171 40.70 13.71 12.23
CA VAL A 171 39.55 14.27 11.54
C VAL A 171 39.96 15.41 10.65
N GLU A 172 40.82 16.30 11.15
CA GLU A 172 41.21 17.49 10.40
C GLU A 172 42.07 17.17 9.18
N MET A 173 42.79 16.05 9.20
CA MET A 173 43.68 15.72 8.10
C MET A 173 42.98 15.00 6.96
N ILE A 174 41.69 14.75 7.07
CA ILE A 174 40.90 14.18 5.97
C ILE A 174 40.56 15.28 4.97
N PRO A 175 40.87 15.10 3.69
CA PRO A 175 40.51 16.12 2.71
C PRO A 175 39.01 16.22 2.58
N PRO A 176 38.50 17.40 2.21
CA PRO A 176 37.06 17.55 2.03
C PRO A 176 36.58 16.92 0.74
N LEU A 177 35.26 16.85 0.59
CA LEU A 177 34.67 16.25 -0.59
C LEU A 177 35.02 17.01 -1.86
N GLU A 178 35.10 18.34 -1.78
CA GLU A 178 35.43 19.14 -2.95
C GLU A 178 36.82 18.82 -3.47
N GLU A 179 37.76 18.53 -2.56
CA GLU A 179 39.14 18.26 -2.97
C GLU A 179 39.33 16.85 -3.52
N VAL A 180 38.33 15.98 -3.39
CA VAL A 180 38.43 14.61 -3.89
C VAL A 180 38.62 14.64 -5.41
N ARG A 181 39.69 14.01 -5.89
CA ARG A 181 40.00 13.98 -7.31
C ARG A 181 39.96 12.53 -7.81
N VAL A 182 39.42 12.36 -9.00
CA VAL A 182 39.31 11.04 -9.64
C VAL A 182 39.86 11.14 -11.07
N ALA A 183 39.76 10.05 -11.81
CA ALA A 183 40.23 10.01 -13.19
C ALA A 183 39.37 10.93 -14.06
N THR A 184 39.75 11.08 -15.33
CA THR A 184 39.07 12.00 -16.22
C THR A 184 38.20 11.27 -17.24
N TYR A 185 38.71 10.15 -17.76
CA TYR A 185 38.03 9.35 -18.79
C TYR A 185 37.75 10.27 -19.98
N THR A 186 36.62 10.12 -20.67
CA THR A 186 36.31 10.98 -21.81
C THR A 186 34.81 10.95 -22.12
N ARG A 187 34.19 12.13 -22.23
CA ARG A 187 32.80 12.20 -22.62
C ARG A 187 32.67 12.22 -24.13
N LYS A 188 31.77 11.39 -24.65
CA LYS A 188 31.68 11.18 -26.08
C LYS A 188 30.26 10.74 -26.45
N LYS A 189 29.84 11.10 -27.65
CA LYS A 189 28.55 10.64 -28.16
C LYS A 189 28.69 9.21 -28.69
N ILE A 190 27.56 8.52 -28.79
CA ILE A 190 27.59 7.13 -29.22
C ILE A 190 27.94 7.02 -30.70
N LYS A 191 27.35 7.88 -31.54
CA LYS A 191 27.41 7.66 -32.98
C LYS A 191 28.82 7.77 -33.54
N ASP A 192 29.76 8.32 -32.79
CA ASP A 192 31.11 8.58 -33.29
C ASP A 192 32.19 7.92 -32.44
N ILE A 193 32.00 6.65 -32.10
CA ILE A 193 33.01 5.86 -31.40
C ILE A 193 33.27 4.59 -32.21
N GLU A 194 34.53 4.16 -32.23
CA GLU A 194 34.95 2.97 -32.95
C GLU A 194 35.59 1.99 -32.00
N ALA A 195 35.94 0.81 -32.52
CA ALA A 195 36.52 -0.24 -31.71
C ALA A 195 37.88 0.19 -31.17
N GLY A 196 38.18 -0.26 -29.95
CA GLY A 196 39.47 0.01 -29.34
C GLY A 196 39.57 1.33 -28.62
N ASP A 197 38.49 2.10 -28.55
CA ASP A 197 38.54 3.38 -27.84
C ASP A 197 38.36 3.17 -26.34
N ARG A 198 39.31 3.65 -25.56
CA ARG A 198 39.40 3.36 -24.15
C ARG A 198 39.04 4.60 -23.33
N PHE A 199 38.53 4.36 -22.12
CA PHE A 199 38.22 5.40 -21.15
C PHE A 199 37.18 6.38 -21.72
N VAL A 200 36.02 5.82 -22.02
CA VAL A 200 34.91 6.57 -22.62
C VAL A 200 33.70 6.43 -21.73
N GLU A 201 33.00 7.54 -21.49
CA GLU A 201 31.79 7.57 -20.68
C GLU A 201 30.60 7.96 -21.56
N VAL A 202 29.46 7.34 -21.30
CA VAL A 202 28.23 7.60 -22.07
C VAL A 202 27.07 7.64 -21.10
N ARG A 203 26.20 8.65 -21.26
CA ARG A 203 25.00 8.81 -20.45
C ARG A 203 23.77 8.48 -21.27
N GLY A 204 22.85 7.72 -20.70
CA GLY A 204 21.66 7.40 -21.44
C GLY A 204 20.67 6.55 -20.69
N THR A 205 19.82 5.86 -21.45
CA THR A 205 18.69 5.10 -20.95
C THR A 205 18.90 3.63 -21.23
N ILE A 206 18.53 2.79 -20.26
CA ILE A 206 18.59 1.34 -20.43
C ILE A 206 17.40 0.93 -21.28
N ALA A 207 17.66 0.54 -22.52
CA ALA A 207 16.58 0.26 -23.47
C ALA A 207 16.29 -1.22 -23.67
N LYS A 208 17.22 -2.11 -23.33
CA LYS A 208 17.00 -3.52 -23.53
C LYS A 208 17.81 -4.31 -22.52
N VAL A 209 17.30 -5.49 -22.16
CA VAL A 209 17.97 -6.40 -21.23
C VAL A 209 18.30 -7.67 -21.99
N TYR A 210 19.57 -7.85 -22.32
CA TYR A 210 19.97 -9.01 -23.11
C TYR A 210 20.12 -10.27 -22.26
N ARG A 211 21.08 -10.27 -21.32
CA ARG A 211 21.40 -11.49 -20.60
C ARG A 211 21.77 -11.19 -19.15
N VAL A 212 21.48 -12.16 -18.28
CA VAL A 212 21.97 -12.16 -16.91
C VAL A 212 22.50 -13.55 -16.62
N LEU A 213 23.71 -13.62 -16.04
CA LEU A 213 24.35 -14.90 -15.77
C LEU A 213 25.13 -14.86 -14.47
N THR A 214 25.34 -16.03 -13.89
CA THR A 214 26.25 -16.20 -12.77
C THR A 214 27.15 -17.39 -13.06
N TYR A 215 28.40 -17.31 -12.61
CA TYR A 215 29.34 -18.40 -12.81
C TYR A 215 30.44 -18.33 -11.77
N ASP A 216 31.19 -19.42 -11.66
CA ASP A 216 32.24 -19.55 -10.67
C ASP A 216 33.51 -18.84 -11.11
N ALA A 217 34.24 -18.31 -10.14
CA ALA A 217 35.47 -17.57 -10.41
C ALA A 217 36.38 -17.69 -9.20
N CYS A 218 37.64 -17.33 -9.41
CA CYS A 218 38.62 -17.38 -8.33
C CYS A 218 38.31 -16.30 -7.30
N PRO A 219 38.40 -16.61 -6.01
CA PRO A 219 38.15 -15.61 -4.97
C PRO A 219 39.35 -14.72 -4.65
N GLU A 220 40.45 -14.85 -5.37
CA GLU A 220 41.65 -14.06 -5.12
C GLU A 220 41.98 -13.10 -6.26
N CYS A 221 42.11 -13.61 -7.48
CA CYS A 221 42.33 -12.74 -8.64
C CYS A 221 41.03 -12.35 -9.34
N LYS A 222 39.89 -12.84 -8.85
CA LYS A 222 38.57 -12.45 -9.34
C LYS A 222 38.44 -12.68 -10.84
N LYS A 223 38.68 -13.93 -11.25
CA LYS A 223 38.51 -14.32 -12.63
C LYS A 223 38.07 -15.77 -12.69
N LYS A 224 37.49 -16.15 -13.84
CA LYS A 224 36.82 -17.44 -13.96
C LYS A 224 37.79 -18.59 -13.73
N VAL A 225 37.29 -19.62 -13.06
CA VAL A 225 38.05 -20.84 -12.78
C VAL A 225 37.49 -21.98 -13.62
N ASP A 226 38.38 -22.77 -14.22
CA ASP A 226 37.98 -23.91 -15.03
C ASP A 226 37.88 -25.16 -14.16
N TYR A 227 36.75 -25.83 -14.24
CA TYR A 227 36.52 -27.06 -13.48
C TYR A 227 37.03 -28.25 -14.28
N ASP A 228 37.82 -29.10 -13.64
CA ASP A 228 38.39 -30.28 -14.27
C ASP A 228 37.47 -31.47 -14.01
N GLU A 229 36.90 -32.02 -15.09
CA GLU A 229 36.01 -33.18 -14.95
C GLU A 229 36.77 -34.40 -14.42
N GLY A 230 37.98 -34.63 -14.92
CA GLY A 230 38.75 -35.79 -14.50
C GLY A 230 39.32 -35.67 -13.11
N LEU A 231 39.46 -34.45 -12.59
CA LEU A 231 40.01 -34.24 -11.25
C LEU A 231 38.97 -33.80 -10.23
N GLY A 232 37.88 -33.18 -10.66
CA GLY A 232 36.78 -32.88 -9.77
C GLY A 232 36.92 -31.60 -8.96
N VAL A 233 37.85 -30.72 -9.32
CA VAL A 233 38.03 -29.45 -8.63
C VAL A 233 38.25 -28.34 -9.66
N TRP A 234 38.24 -27.12 -9.16
CA TRP A 234 38.43 -25.93 -9.98
C TRP A 234 39.90 -25.53 -9.93
N ILE A 235 40.55 -25.49 -11.10
CA ILE A 235 41.98 -25.21 -11.20
C ILE A 235 42.14 -23.81 -11.78
N CYS A 236 42.71 -22.92 -10.97
CA CYS A 236 43.06 -21.58 -11.44
C CYS A 236 44.50 -21.59 -11.92
N PRO A 237 44.76 -21.34 -13.21
CA PRO A 237 46.16 -21.29 -13.67
C PRO A 237 46.82 -19.97 -13.30
N GLU A 238 46.51 -19.50 -12.10
CA GLU A 238 47.26 -18.44 -11.42
C GLU A 238 47.47 -18.72 -9.94
N HIS A 239 46.65 -19.58 -9.32
CA HIS A 239 46.77 -19.87 -7.90
C HIS A 239 46.59 -21.37 -7.61
N GLY A 240 46.57 -22.21 -8.66
CA GLY A 240 46.29 -23.61 -8.45
C GLY A 240 44.82 -23.83 -8.12
N GLU A 241 44.56 -24.90 -7.36
CA GLU A 241 43.20 -25.20 -6.95
C GLU A 241 42.71 -24.14 -5.97
N VAL A 242 41.50 -23.64 -6.23
CA VAL A 242 40.86 -22.66 -5.36
C VAL A 242 39.38 -23.02 -5.22
N GLN A 243 38.78 -22.54 -4.14
CA GLN A 243 37.36 -22.70 -3.93
C GLN A 243 36.61 -21.65 -4.77
N PRO A 244 35.66 -22.06 -5.61
CA PRO A 244 35.00 -21.09 -6.50
C PRO A 244 34.06 -20.18 -5.73
N ILE A 245 33.84 -19.00 -6.30
CA ILE A 245 32.85 -18.06 -5.80
C ILE A 245 31.97 -17.64 -6.97
N LYS A 246 30.66 -17.55 -6.73
CA LYS A 246 29.70 -17.23 -7.77
C LYS A 246 29.62 -15.71 -7.95
N MET A 247 29.92 -15.24 -9.15
CA MET A 247 29.78 -13.84 -9.49
C MET A 247 29.00 -13.72 -10.79
N THR A 248 28.37 -12.56 -10.97
CA THR A 248 27.38 -12.37 -12.02
C THR A 248 27.85 -11.40 -13.08
N ILE A 249 27.36 -11.59 -14.30
CA ILE A 249 27.55 -10.67 -15.40
C ILE A 249 26.19 -10.29 -15.97
N LEU A 250 26.12 -9.08 -16.52
CA LEU A 250 24.88 -8.53 -17.05
C LEU A 250 25.17 -7.87 -18.38
N ASP A 251 24.38 -8.20 -19.39
CA ASP A 251 24.53 -7.61 -20.72
C ASP A 251 23.24 -6.88 -21.06
N PHE A 252 23.34 -5.57 -21.26
CA PHE A 252 22.15 -4.76 -21.54
C PHE A 252 22.48 -3.76 -22.63
N GLY A 253 21.52 -2.94 -22.99
CA GLY A 253 21.67 -2.00 -24.09
C GLY A 253 21.39 -0.59 -23.67
N LEU A 254 22.25 0.33 -24.10
CA LEU A 254 22.14 1.74 -23.79
C LEU A 254 21.67 2.49 -25.01
N ASP A 255 20.83 3.50 -24.79
CA ASP A 255 20.32 4.37 -25.84
C ASP A 255 20.49 5.82 -25.42
N ASP A 256 20.71 6.69 -26.41
CA ASP A 256 21.02 8.08 -26.10
C ASP A 256 20.27 9.09 -26.96
N GLY A 257 19.67 8.69 -28.07
CA GLY A 257 19.08 9.60 -29.02
C GLY A 257 19.85 9.76 -30.30
N THR A 258 21.08 9.25 -30.35
CA THR A 258 21.88 9.25 -31.56
C THR A 258 22.36 7.86 -31.94
N GLY A 259 22.09 6.85 -31.13
CA GLY A 259 22.57 5.51 -31.40
C GLY A 259 22.11 4.57 -30.31
N TYR A 260 22.71 3.38 -30.29
CA TYR A 260 22.33 2.36 -29.33
C TYR A 260 23.43 1.30 -29.30
N ILE A 261 23.93 1.00 -28.11
CA ILE A 261 25.14 0.18 -27.96
C ILE A 261 24.90 -0.89 -26.91
N ARG A 262 25.73 -1.92 -26.94
CA ARG A 262 25.66 -3.00 -25.95
C ARG A 262 26.72 -2.77 -24.88
N VAL A 263 26.35 -3.00 -23.62
CA VAL A 263 27.22 -2.73 -22.49
C VAL A 263 27.22 -3.94 -21.57
N THR A 264 28.41 -4.29 -21.06
CA THR A 264 28.64 -5.45 -20.21
C THR A 264 29.11 -5.01 -18.84
N LEU A 265 28.40 -5.46 -17.81
CA LEU A 265 28.70 -5.15 -16.41
C LEU A 265 29.10 -6.43 -15.68
N PHE A 266 30.08 -6.31 -14.79
CA PHE A 266 30.66 -7.45 -14.10
C PHE A 266 30.55 -7.29 -12.58
N GLY A 267 30.13 -8.37 -11.92
CA GLY A 267 30.31 -8.48 -10.49
C GLY A 267 29.55 -7.46 -9.66
N ASP A 268 30.28 -6.74 -8.82
CA ASP A 268 29.66 -5.95 -7.75
C ASP A 268 28.76 -4.85 -8.30
N ASP A 269 29.19 -4.18 -9.38
CA ASP A 269 28.38 -3.10 -9.91
C ASP A 269 27.02 -3.61 -10.39
N ALA A 270 27.01 -4.74 -11.09
CA ALA A 270 25.75 -5.34 -11.48
C ALA A 270 24.94 -5.76 -10.26
N GLU A 271 25.63 -6.23 -9.23
CA GLU A 271 24.95 -6.59 -7.99
C GLU A 271 24.19 -5.40 -7.41
N GLU A 272 24.86 -4.24 -7.35
CA GLU A 272 24.19 -3.03 -6.84
C GLU A 272 23.05 -2.61 -7.76
N LEU A 273 23.27 -2.66 -9.07
CA LEU A 273 22.25 -2.20 -10.00
C LEU A 273 20.99 -3.05 -9.91
N LEU A 274 21.15 -4.37 -9.88
CA LEU A 274 19.98 -5.24 -9.71
C LEU A 274 19.48 -5.22 -8.26
N GLY A 275 20.40 -5.27 -7.30
CA GLY A 275 20.02 -5.26 -5.90
C GLY A 275 19.78 -6.62 -5.28
N VAL A 276 20.31 -7.69 -5.86
CA VAL A 276 20.14 -9.04 -5.35
C VAL A 276 21.50 -9.72 -5.30
N SER A 277 21.76 -10.48 -4.24
CA SER A 277 23.02 -11.20 -4.12
C SER A 277 23.11 -12.29 -5.19
N PRO A 278 24.33 -12.65 -5.62
CA PRO A 278 24.44 -13.58 -6.75
C PRO A 278 23.88 -14.96 -6.45
N GLU A 279 23.77 -15.32 -5.17
CA GLU A 279 23.32 -16.66 -4.82
C GLU A 279 21.91 -16.92 -5.34
N GLU A 280 21.02 -15.94 -5.20
CA GLU A 280 19.66 -16.10 -5.71
C GLU A 280 19.66 -16.28 -7.22
N ILE A 281 20.48 -15.51 -7.93
CA ILE A 281 20.65 -15.77 -9.36
C ILE A 281 21.06 -17.23 -9.58
N ALA A 282 21.91 -17.75 -8.69
CA ALA A 282 22.35 -19.13 -8.84
C ALA A 282 21.18 -20.10 -8.74
N GLU A 283 20.36 -20.03 -7.67
CA GLU A 283 19.34 -21.07 -7.58
C GLU A 283 18.23 -20.84 -8.59
N LYS A 284 17.95 -19.58 -8.96
CA LYS A 284 16.97 -19.36 -10.02
C LYS A 284 17.43 -19.96 -11.34
N ILE A 285 18.70 -19.77 -11.70
CA ILE A 285 19.22 -20.40 -12.91
C ILE A 285 19.14 -21.91 -12.80
N LYS A 286 19.47 -22.44 -11.62
CA LYS A 286 19.39 -23.88 -11.41
C LYS A 286 17.98 -24.40 -11.58
N GLU A 287 16.98 -23.69 -11.06
CA GLU A 287 15.62 -24.22 -11.10
C GLU A 287 14.96 -24.00 -12.46
N LEU A 288 15.42 -23.01 -13.22
CA LEU A 288 15.09 -22.99 -14.65
C LEU A 288 15.72 -24.19 -15.35
N GLU A 289 16.95 -24.54 -15.00
CA GLU A 289 17.58 -25.72 -15.59
C GLU A 289 16.83 -26.99 -15.22
N GLU A 290 16.22 -27.01 -14.04
CA GLU A 290 15.42 -28.16 -13.60
C GLU A 290 14.16 -28.34 -14.42
N SER A 291 13.78 -27.35 -15.22
CA SER A 291 12.62 -27.44 -16.09
C SER A 291 12.97 -28.01 -17.46
N GLY A 292 14.21 -28.43 -17.67
CA GLY A 292 14.63 -28.99 -18.93
C GLY A 292 15.16 -27.99 -19.94
N LEU A 293 15.09 -26.70 -19.63
CA LEU A 293 15.57 -25.68 -20.56
C LEU A 293 17.10 -25.61 -20.54
N THR A 294 17.67 -25.12 -21.63
CA THR A 294 19.11 -25.02 -21.73
C THR A 294 19.61 -23.79 -20.97
N THR A 295 20.94 -23.69 -20.83
CA THR A 295 21.54 -22.65 -20.01
C THR A 295 21.27 -21.26 -20.58
N LYS A 296 21.57 -21.06 -21.87
CA LYS A 296 21.40 -19.73 -22.45
C LYS A 296 19.93 -19.35 -22.56
N GLU A 297 19.07 -20.32 -22.89
CA GLU A 297 17.63 -20.05 -22.91
C GLU A 297 17.13 -19.67 -21.53
N ALA A 298 17.57 -20.38 -20.50
CA ALA A 298 17.17 -20.03 -19.15
C ALA A 298 17.68 -18.65 -18.77
N ALA A 299 18.89 -18.31 -19.19
CA ALA A 299 19.44 -16.99 -18.89
C ALA A 299 18.61 -15.88 -19.51
N ARG A 300 18.25 -16.05 -20.79
CA ARG A 300 17.41 -15.06 -21.45
C ARG A 300 16.04 -14.99 -20.79
N LYS A 301 15.47 -16.14 -20.42
CA LYS A 301 14.19 -16.13 -19.74
C LYS A 301 14.26 -15.37 -18.42
N LEU A 302 15.31 -15.63 -17.63
CA LEU A 302 15.47 -14.90 -16.37
C LEU A 302 15.63 -13.41 -16.61
N ALA A 303 16.41 -13.04 -17.63
CA ALA A 303 16.58 -11.62 -17.94
C ALA A 303 15.24 -10.98 -18.30
N GLU A 304 14.37 -11.72 -18.96
CA GLU A 304 13.13 -11.15 -19.47
C GLU A 304 11.99 -11.12 -18.46
N ASP A 305 11.78 -12.19 -17.69
CA ASP A 305 10.53 -12.33 -16.95
C ASP A 305 10.49 -11.55 -15.65
N GLU A 306 11.63 -11.36 -14.98
CA GLU A 306 11.62 -10.79 -13.64
C GLU A 306 12.40 -9.50 -13.52
N PHE A 307 13.51 -9.32 -14.25
CA PHE A 307 14.34 -8.13 -14.14
C PHE A 307 14.00 -7.11 -15.22
N TYR A 308 12.72 -7.00 -15.56
CA TYR A 308 12.25 -6.08 -16.59
C TYR A 308 12.00 -4.68 -16.05
N ASN A 309 12.19 -4.45 -14.75
CA ASN A 309 11.81 -3.19 -14.13
C ASN A 309 12.90 -2.13 -14.23
N ILE A 310 14.09 -2.50 -14.73
CA ILE A 310 15.17 -1.54 -14.85
C ILE A 310 15.23 -0.87 -16.22
N ILE A 311 14.37 -1.26 -17.15
CA ILE A 311 14.34 -0.60 -18.44
C ILE A 311 13.75 0.80 -18.29
N GLY A 312 14.45 1.80 -18.83
CA GLY A 312 13.96 3.16 -18.79
C GLY A 312 14.56 4.05 -17.73
N ARG A 313 15.58 3.61 -17.02
CA ARG A 313 16.24 4.42 -16.01
C ARG A 313 17.58 4.92 -16.55
N GLU A 314 17.84 6.22 -16.43
CA GLU A 314 19.08 6.76 -16.96
C GLU A 314 20.26 6.43 -16.06
N ILE A 315 21.41 6.19 -16.69
CA ILE A 315 22.67 5.93 -16.02
C ILE A 315 23.78 6.64 -16.79
N VAL A 316 24.98 6.60 -16.21
CA VAL A 316 26.18 7.16 -16.83
C VAL A 316 27.31 6.14 -16.69
N VAL A 317 27.55 5.35 -17.73
CA VAL A 317 28.53 4.27 -17.65
C VAL A 317 29.85 4.75 -18.22
N ARG A 318 30.93 4.03 -17.90
CA ARG A 318 32.25 4.36 -18.40
C ARG A 318 33.07 3.08 -18.54
N GLY A 319 33.92 3.03 -19.55
CA GLY A 319 34.70 1.82 -19.78
C GLY A 319 35.45 1.87 -21.10
N ASN A 320 35.68 0.67 -21.64
CA ASN A 320 36.44 0.52 -22.87
C ASN A 320 35.64 -0.30 -23.87
N VAL A 321 35.67 0.11 -25.14
CA VAL A 321 34.86 -0.48 -26.19
C VAL A 321 35.71 -1.43 -27.01
N ILE A 322 35.12 -2.56 -27.41
CA ILE A 322 35.78 -3.56 -28.23
C ILE A 322 34.78 -4.07 -29.26
N GLU A 323 35.27 -4.85 -30.21
CA GLU A 323 34.49 -5.33 -31.34
C GLU A 323 34.49 -6.86 -31.37
N ASP A 324 33.33 -7.45 -31.63
CA ASP A 324 33.20 -8.88 -31.86
C ASP A 324 32.62 -9.11 -33.24
N ARG A 325 33.14 -10.12 -33.93
CA ARG A 325 32.75 -10.41 -35.31
C ARG A 325 31.33 -10.96 -35.43
N PHE A 326 30.75 -11.45 -34.34
CA PHE A 326 29.40 -11.99 -34.37
C PHE A 326 28.37 -11.11 -33.69
N LEU A 327 28.80 -10.13 -32.88
CA LEU A 327 27.88 -9.30 -32.14
C LEU A 327 27.95 -7.82 -32.50
N GLY A 328 29.09 -7.33 -32.98
CA GLY A 328 29.24 -5.92 -33.23
C GLY A 328 30.03 -5.22 -32.15
N LEU A 329 29.70 -3.96 -31.88
CA LEU A 329 30.44 -3.20 -30.89
C LEU A 329 29.86 -3.41 -29.50
N ILE A 330 30.73 -3.70 -28.54
CA ILE A 330 30.32 -3.86 -27.15
C ILE A 330 31.21 -2.98 -26.29
N LEU A 331 30.72 -2.64 -25.10
CA LEU A 331 31.43 -1.75 -24.19
C LEU A 331 31.56 -2.45 -22.84
N ARG A 332 32.79 -2.80 -22.48
CA ARG A 332 33.08 -3.37 -21.17
C ARG A 332 33.12 -2.22 -20.16
N ALA A 333 32.21 -2.24 -19.20
CA ALA A 333 32.04 -1.13 -18.27
C ALA A 333 32.93 -1.36 -17.04
N SER A 334 33.87 -0.44 -16.82
CA SER A 334 34.67 -0.51 -15.60
C SER A 334 33.81 -0.20 -14.38
N SER A 335 32.95 0.80 -14.48
CA SER A 335 32.07 1.20 -13.38
C SER A 335 30.98 2.09 -13.94
N TRP A 336 29.96 2.30 -13.13
CA TRP A 336 28.84 3.16 -13.51
C TRP A 336 28.44 4.01 -12.31
N GLU A 337 27.82 5.15 -12.60
CA GLU A 337 27.33 6.04 -11.55
C GLU A 337 26.04 6.67 -12.02
N ASP A 338 25.12 6.87 -11.09
CA ASP A 338 23.87 7.53 -11.39
C ASP A 338 24.19 8.98 -11.78
N VAL A 339 23.24 9.71 -12.35
CA VAL A 339 23.51 11.09 -12.80
C VAL A 339 23.76 12.13 -11.72
N ASP A 340 24.11 13.34 -12.16
CA ASP A 340 24.39 14.45 -11.24
C ASP A 340 23.60 15.70 -11.56
N TYR A 341 22.91 15.68 -12.68
CA TYR A 341 22.09 16.78 -13.16
C TYR A 341 22.74 18.14 -13.39
N ARG A 342 22.94 18.92 -12.34
CA ARG A 342 23.36 20.28 -12.62
C ARG A 342 24.42 20.32 -13.70
N ARG A 343 25.32 19.34 -13.71
CA ARG A 343 26.35 19.30 -14.73
C ARG A 343 25.74 19.16 -16.11
N GLU A 344 24.77 18.24 -16.25
CA GLU A 344 24.12 18.06 -17.54
C GLU A 344 23.34 19.30 -17.95
N ILE A 345 22.73 19.98 -16.98
CA ILE A 345 22.04 21.23 -17.29
C ILE A 345 23.03 22.26 -17.83
N GLU A 346 24.22 22.33 -17.22
CA GLU A 346 25.23 23.27 -17.71
C GLU A 346 25.68 22.91 -19.12
N ARG A 347 25.84 21.61 -19.41
CA ARG A 347 26.20 21.22 -20.76
C ARG A 347 25.12 21.61 -21.76
N ILE A 348 23.85 21.41 -21.41
CA ILE A 348 22.77 21.79 -22.31
C ILE A 348 22.76 23.30 -22.52
N LYS A 349 23.03 24.05 -21.45
CA LYS A 349 23.07 25.50 -21.58
C LYS A 349 24.20 25.96 -22.50
N GLU A 350 25.39 25.36 -22.37
CA GLU A 350 26.49 25.76 -23.22
C GLU A 350 26.23 25.34 -24.66
N GLU A 351 25.55 24.21 -24.87
CA GLU A 351 25.20 23.82 -26.22
C GLU A 351 24.19 24.78 -26.83
N LEU A 352 23.22 25.25 -26.03
CA LEU A 352 22.31 26.29 -26.51
C LEU A 352 23.07 27.56 -26.87
N GLU A 353 24.05 27.93 -26.04
CA GLU A 353 24.86 29.11 -26.34
C GLU A 353 25.61 28.95 -27.66
N LYS A 354 26.19 27.77 -27.88
CA LYS A 354 26.86 27.50 -29.16
C LYS A 354 25.86 27.56 -30.31
N LEU A 355 24.64 27.10 -30.08
CA LEU A 355 23.61 27.17 -31.13
C LEU A 355 23.29 28.61 -31.49
N GLY A 356 23.53 29.54 -30.57
CA GLY A 356 23.30 30.94 -30.84
C GLY A 356 21.84 31.33 -30.75
N VAL A 357 21.18 30.90 -29.68
CA VAL A 357 19.78 31.21 -29.46
C VAL A 357 19.60 32.40 -28.51
N MET A 358 20.28 32.38 -27.37
CA MET A 358 20.25 33.52 -26.46
C MET A 358 21.26 34.57 -26.88
N LYS B 1 21.31 -6.35 -38.72
CA LYS B 1 20.74 -6.39 -37.39
C LYS B 1 20.96 -5.07 -36.65
N LYS B 2 20.10 -4.10 -36.93
CA LYS B 2 20.21 -2.75 -36.41
C LYS B 2 18.90 -2.33 -35.77
N ARG B 3 18.99 -1.42 -34.80
CA ARG B 3 17.82 -0.85 -34.14
C ARG B 3 18.01 0.66 -34.09
N MET B 4 17.05 1.39 -34.63
CA MET B 4 17.16 2.83 -34.73
C MET B 4 17.07 3.49 -33.35
N PRO B 5 17.74 4.61 -33.16
CA PRO B 5 17.69 5.28 -31.87
C PRO B 5 16.34 5.91 -31.62
N ALA B 6 16.00 6.06 -30.35
CA ALA B 6 14.75 6.69 -29.94
C ALA B 6 14.95 8.19 -29.78
N THR B 7 13.90 8.96 -30.07
CA THR B 7 13.95 10.40 -30.00
C THR B 7 13.11 10.91 -28.83
N ARG B 8 13.42 12.12 -28.38
CA ARG B 8 12.71 12.76 -27.29
C ARG B 8 11.73 13.78 -27.88
N LEU B 9 10.47 13.71 -27.45
CA LEU B 9 9.42 14.47 -28.13
C LEU B 9 8.44 15.09 -27.14
N TYR B 10 7.82 16.18 -27.58
CA TYR B 10 6.64 16.73 -26.93
C TYR B 10 5.41 15.97 -27.38
N ILE B 11 4.41 15.87 -26.51
CA ILE B 11 3.19 15.18 -26.88
C ILE B 11 2.44 15.93 -27.98
N LYS B 12 2.54 17.26 -27.98
CA LYS B 12 1.88 18.03 -29.04
C LYS B 12 2.53 17.81 -30.40
N ASP B 13 3.70 17.18 -30.46
CA ASP B 13 4.24 16.77 -31.75
C ASP B 13 3.76 15.40 -32.18
N ILE B 14 3.61 14.47 -31.22
CA ILE B 14 3.10 13.15 -31.55
C ILE B 14 1.64 13.24 -31.98
N LEU B 15 0.87 14.13 -31.35
CA LEU B 15 -0.54 14.25 -31.70
C LEU B 15 -0.72 14.82 -33.10
N GLU B 16 0.19 15.67 -33.56
CA GLU B 16 0.03 16.36 -34.83
C GLU B 16 1.00 15.90 -35.90
N GLY B 17 1.60 14.72 -35.74
CA GLY B 17 2.43 14.18 -36.79
C GLY B 17 1.60 13.44 -37.83
N TYR B 18 2.29 12.96 -38.86
CA TYR B 18 1.68 12.17 -39.92
C TYR B 18 2.16 10.73 -39.79
N PHE B 19 1.22 9.78 -39.84
CA PHE B 19 1.54 8.38 -39.59
C PHE B 19 1.66 7.64 -40.91
N VAL B 20 2.86 7.20 -41.24
CA VAL B 20 3.12 6.43 -42.45
C VAL B 20 3.20 4.97 -42.05
N LYS B 21 2.35 4.16 -42.65
CA LYS B 21 2.29 2.73 -42.39
C LYS B 21 3.03 1.98 -43.49
N SER B 22 4.07 1.26 -43.12
CA SER B 22 4.81 0.48 -44.08
C SER B 22 3.97 -0.71 -44.55
N GLU B 23 4.19 -1.12 -45.79
CA GLU B 23 3.50 -2.26 -46.37
C GLU B 23 4.35 -3.52 -46.37
N GLY B 24 5.65 -3.38 -46.62
CA GLY B 24 6.55 -4.51 -46.56
C GLY B 24 6.81 -4.96 -45.14
N ASP B 25 7.06 -6.26 -44.99
CA ASP B 25 7.32 -6.82 -43.67
C ASP B 25 8.73 -6.52 -43.17
N PHE B 26 9.59 -5.95 -44.00
CA PHE B 26 10.97 -5.69 -43.62
C PHE B 26 11.19 -4.26 -43.14
N GLU B 27 10.17 -3.41 -43.21
CA GLU B 27 10.30 -2.02 -42.79
C GLU B 27 9.23 -1.70 -41.76
N PRO B 28 9.57 -0.93 -40.74
CA PRO B 28 8.61 -0.65 -39.67
C PRO B 28 7.79 0.61 -39.92
N ASN B 29 6.68 0.69 -39.20
CA ASN B 29 5.83 1.88 -39.27
C ASN B 29 6.60 3.08 -38.74
N TYR B 30 6.25 4.27 -39.23
CA TYR B 30 6.93 5.44 -38.70
C TYR B 30 6.01 6.65 -38.78
N LEU B 31 6.50 7.78 -38.29
CA LEU B 31 5.73 9.01 -38.20
C LEU B 31 6.65 10.17 -38.54
N ILE B 32 6.18 11.07 -39.39
CA ILE B 32 6.91 12.27 -39.77
C ILE B 32 6.23 13.46 -39.13
N THR B 33 6.98 14.19 -38.30
CA THR B 33 6.39 15.30 -37.57
C THR B 33 6.17 16.49 -38.51
N LYS B 34 5.57 17.55 -37.96
CA LYS B 34 5.23 18.71 -38.78
C LYS B 34 6.48 19.36 -39.37
N TYR B 35 7.57 19.39 -38.61
CA TYR B 35 8.79 20.05 -39.05
C TYR B 35 9.80 19.08 -39.65
N ALA B 36 9.32 18.04 -40.34
CA ALA B 36 10.16 17.14 -41.13
C ALA B 36 11.21 16.43 -40.26
N ARG B 37 10.68 15.62 -39.34
CA ARG B 37 11.49 14.70 -38.55
C ARG B 37 10.81 13.35 -38.51
N LYS B 38 11.58 12.30 -38.78
CA LYS B 38 11.08 10.93 -38.79
C LYS B 38 11.39 10.28 -37.44
N VAL B 39 10.38 9.70 -36.81
CA VAL B 39 10.55 9.11 -35.49
C VAL B 39 10.17 7.65 -35.54
N TYR B 40 11.09 6.78 -35.13
CA TYR B 40 10.82 5.36 -34.95
C TYR B 40 10.34 5.04 -33.54
N ARG B 41 11.08 5.48 -32.52
CA ARG B 41 10.78 5.21 -31.14
C ARG B 41 10.74 6.52 -30.36
N ALA B 42 9.66 6.72 -29.61
CA ALA B 42 9.48 7.92 -28.82
C ALA B 42 9.93 7.69 -27.38
N LYS B 43 10.20 8.78 -26.67
CA LYS B 43 10.70 8.69 -25.31
C LYS B 43 10.22 9.93 -24.56
N ILE B 44 9.14 9.79 -23.80
CA ILE B 44 8.51 10.93 -23.14
C ILE B 44 8.68 10.82 -21.65
N VAL B 45 8.39 11.92 -20.95
CA VAL B 45 8.39 11.96 -19.49
C VAL B 45 7.12 12.66 -19.05
N GLY B 46 6.34 12.01 -18.21
CA GLY B 46 5.05 12.58 -17.86
C GLY B 46 4.53 12.04 -16.57
N THR B 47 3.42 12.62 -16.12
CA THR B 47 2.80 12.27 -14.86
C THR B 47 1.49 11.53 -15.10
N VAL B 48 1.34 10.38 -14.43
CA VAL B 48 0.11 9.60 -14.56
C VAL B 48 -1.04 10.34 -13.92
N VAL B 49 -2.19 10.35 -14.59
CA VAL B 49 -3.34 11.11 -14.13
C VAL B 49 -4.49 10.25 -13.64
N ARG B 50 -4.58 8.98 -14.05
CA ARG B 50 -5.66 8.11 -13.60
C ARG B 50 -5.08 6.78 -13.16
N GLU B 51 -5.93 5.97 -12.54
CA GLU B 51 -5.52 4.66 -12.08
C GLU B 51 -5.26 3.73 -13.27
N PRO B 52 -4.20 2.92 -13.21
CA PRO B 52 -3.97 1.96 -14.29
C PRO B 52 -5.15 1.01 -14.44
N LEU B 53 -5.49 0.71 -15.68
CA LEU B 53 -6.61 -0.15 -16.01
C LEU B 53 -6.08 -1.49 -16.50
N ILE B 54 -6.51 -2.58 -15.86
CA ILE B 54 -5.95 -3.90 -16.10
C ILE B 54 -7.08 -4.85 -16.49
N ALA B 55 -6.85 -5.63 -17.54
CA ALA B 55 -7.81 -6.65 -17.92
C ALA B 55 -7.84 -7.77 -16.88
N GLU B 56 -9.03 -8.32 -16.65
CA GLU B 56 -9.17 -9.42 -15.72
C GLU B 56 -8.40 -10.65 -16.20
N ASP B 57 -8.44 -10.92 -17.51
CA ASP B 57 -7.61 -11.94 -18.11
C ASP B 57 -6.24 -11.42 -18.51
N GLU B 58 -5.95 -10.16 -18.17
CA GLU B 58 -4.68 -9.48 -18.42
C GLU B 58 -4.15 -9.76 -19.83
N THR B 59 -5.02 -9.58 -20.82
CA THR B 59 -4.57 -9.57 -22.20
C THR B 59 -4.09 -8.21 -22.63
N TYR B 60 -4.34 -7.16 -21.84
CA TYR B 60 -3.83 -5.83 -22.14
C TYR B 60 -3.85 -5.01 -20.86
N GLY B 61 -3.05 -3.96 -20.86
CA GLY B 61 -3.04 -3.02 -19.75
C GLY B 61 -2.66 -1.64 -20.22
N LYS B 62 -3.39 -0.61 -19.78
CA LYS B 62 -3.17 0.72 -20.31
C LYS B 62 -3.34 1.76 -19.21
N PHE B 63 -2.75 2.93 -19.44
CA PHE B 63 -2.96 4.08 -18.57
C PHE B 63 -2.66 5.35 -19.35
N GLN B 64 -2.67 6.49 -18.65
CA GLN B 64 -2.59 7.80 -19.30
C GLN B 64 -1.37 8.56 -18.80
N VAL B 65 -0.66 9.20 -19.73
CA VAL B 65 0.55 9.96 -19.42
C VAL B 65 0.36 11.39 -19.90
N ASP B 66 0.67 12.34 -19.03
CA ASP B 66 0.60 13.76 -19.31
C ASP B 66 1.85 14.44 -18.81
N ASP B 67 2.41 15.33 -19.64
CA ASP B 67 3.60 16.10 -19.26
C ASP B 67 3.36 17.58 -19.08
N GLY B 68 2.33 18.16 -19.69
CA GLY B 68 2.13 19.59 -19.57
C GLY B 68 1.61 20.21 -20.85
N THR B 69 1.49 19.42 -21.92
CA THR B 69 0.98 19.92 -23.18
C THR B 69 -0.09 19.02 -23.80
N GLY B 70 -0.32 17.84 -23.24
CA GLY B 70 -1.31 16.94 -23.80
C GLY B 70 -1.31 15.62 -23.06
N VAL B 71 -2.33 14.82 -23.33
CA VAL B 71 -2.54 13.55 -22.64
C VAL B 71 -2.56 12.44 -23.66
N ILE B 72 -1.74 11.41 -23.44
CA ILE B 72 -1.57 10.33 -24.38
C ILE B 72 -1.74 8.99 -23.66
N TRP B 73 -1.96 7.94 -24.44
CA TRP B 73 -2.32 6.63 -23.93
C TRP B 73 -1.13 5.69 -24.03
N VAL B 74 -0.74 5.08 -22.92
CA VAL B 74 0.26 4.02 -22.91
C VAL B 74 -0.48 2.69 -22.86
N LEU B 75 -0.18 1.82 -23.83
CA LEU B 75 -0.79 0.51 -23.95
C LEU B 75 0.27 -0.57 -23.84
N GLY B 76 -0.17 -1.76 -23.42
CA GLY B 76 0.68 -2.93 -23.46
C GLY B 76 -0.15 -4.16 -23.71
N PHE B 77 0.21 -4.95 -24.73
CA PHE B 77 -0.61 -6.05 -25.19
C PHE B 77 0.07 -7.39 -24.91
N ARG B 78 -0.73 -8.39 -24.56
CA ARG B 78 -0.28 -9.77 -24.42
C ARG B 78 0.77 -9.91 -23.33
N ASP B 79 2.02 -10.18 -23.73
CA ASP B 79 3.09 -10.35 -22.76
C ASP B 79 3.40 -9.04 -22.04
N ASP B 80 3.33 -7.92 -22.73
CA ASP B 80 3.78 -6.63 -22.20
C ASP B 80 2.88 -6.09 -21.11
N THR B 81 1.72 -6.70 -20.86
CA THR B 81 0.76 -6.12 -19.91
C THR B 81 1.35 -6.03 -18.51
N LYS B 82 2.41 -6.79 -18.21
CA LYS B 82 3.05 -6.68 -16.91
C LYS B 82 3.48 -5.25 -16.63
N PHE B 83 3.88 -4.52 -17.68
CA PHE B 83 4.33 -3.15 -17.50
C PHE B 83 3.24 -2.29 -16.87
N ALA B 84 1.98 -2.55 -17.21
CA ALA B 84 0.91 -1.72 -16.69
C ALA B 84 0.69 -1.90 -15.20
N LYS B 85 1.44 -2.77 -14.52
CA LYS B 85 1.36 -2.83 -13.07
C LYS B 85 2.57 -2.22 -12.38
N LEU B 86 3.48 -1.57 -13.11
CA LEU B 86 4.65 -0.99 -12.47
C LEU B 86 4.43 0.42 -11.95
N VAL B 87 3.29 1.05 -12.25
CA VAL B 87 3.08 2.45 -11.92
C VAL B 87 1.73 2.62 -11.24
N ARG B 88 1.64 3.72 -10.49
CA ARG B 88 0.40 4.09 -9.80
C ARG B 88 0.14 5.57 -10.01
N LYS B 89 -1.12 5.97 -9.81
CA LYS B 89 -1.51 7.36 -10.00
C LYS B 89 -0.70 8.27 -9.08
N GLY B 90 -0.24 9.39 -9.63
CA GLY B 90 0.54 10.34 -8.88
C GLY B 90 2.04 10.22 -9.00
N ASP B 91 2.54 9.61 -10.07
CA ASP B 91 3.96 9.40 -10.24
C ASP B 91 4.50 10.15 -11.46
N LEU B 92 5.81 10.35 -11.46
CA LEU B 92 6.53 11.11 -12.48
C LEU B 92 7.43 10.13 -13.23
N VAL B 93 6.91 9.56 -14.32
CA VAL B 93 7.54 8.43 -14.97
C VAL B 93 8.18 8.86 -16.27
N GLN B 94 9.09 8.01 -16.77
CA GLN B 94 9.69 8.14 -18.08
C GLN B 94 9.36 6.89 -18.86
N VAL B 95 8.86 7.07 -20.09
CA VAL B 95 8.35 6.00 -20.92
C VAL B 95 9.09 6.02 -22.25
N ILE B 96 9.84 4.97 -22.53
CA ILE B 96 10.43 4.73 -23.84
C ILE B 96 9.57 3.68 -24.56
N GLY B 97 9.26 3.93 -25.81
CA GLY B 97 8.40 2.98 -26.52
C GLY B 97 8.26 3.31 -27.99
N LYS B 98 7.31 2.62 -28.62
CA LYS B 98 7.00 2.79 -30.03
C LYS B 98 5.76 3.66 -30.20
N ILE B 99 5.30 3.75 -31.45
CA ILE B 99 4.16 4.59 -31.82
C ILE B 99 3.12 3.74 -32.51
N ALA B 100 1.86 3.90 -32.11
CA ALA B 100 0.76 3.14 -32.71
C ALA B 100 -0.43 4.06 -32.91
N GLU B 101 -1.23 3.74 -33.94
CA GLU B 101 -2.37 4.55 -34.34
C GLU B 101 -3.63 3.70 -34.32
N TRP B 102 -4.70 4.24 -33.74
CA TRP B 102 -5.95 3.52 -33.58
C TRP B 102 -7.09 4.52 -33.52
N ARG B 103 -7.99 4.45 -34.49
CA ARG B 103 -9.12 5.37 -34.60
C ARG B 103 -8.65 6.82 -34.58
N ASP B 104 -7.93 7.18 -35.65
CA ASP B 104 -7.32 8.49 -35.90
C ASP B 104 -6.81 9.16 -34.63
N ASP B 105 -6.09 8.39 -33.81
CA ASP B 105 -5.49 8.88 -32.58
C ASP B 105 -4.19 8.12 -32.37
N LYS B 106 -3.16 8.83 -31.92
CA LYS B 106 -1.83 8.24 -31.78
C LYS B 106 -1.58 7.78 -30.35
N GLN B 107 -1.05 6.57 -30.22
CA GLN B 107 -0.84 5.95 -28.93
C GLN B 107 0.55 5.34 -28.87
N ILE B 108 1.07 5.19 -27.67
CA ILE B 108 2.41 4.66 -27.43
C ILE B 108 2.27 3.22 -26.93
N LEU B 109 3.01 2.30 -27.53
CA LEU B 109 3.17 0.97 -26.98
C LEU B 109 4.41 0.96 -26.11
N VAL B 110 4.24 0.57 -24.85
CA VAL B 110 5.35 0.65 -23.92
C VAL B 110 6.39 -0.42 -24.24
N GLU B 111 7.64 -0.04 -24.11
CA GLU B 111 8.77 -0.96 -24.13
C GLU B 111 9.63 -0.83 -22.89
N GLY B 112 9.62 0.32 -22.23
CA GLY B 112 10.21 0.48 -20.92
C GLY B 112 9.57 1.62 -20.16
N VAL B 113 9.24 1.40 -18.89
CA VAL B 113 8.67 2.43 -18.03
C VAL B 113 9.45 2.46 -16.73
N SER B 114 9.83 3.66 -16.29
CA SER B 114 10.62 3.74 -15.08
C SER B 114 10.37 5.05 -14.35
N LYS B 115 10.34 4.99 -13.03
CA LYS B 115 10.20 6.20 -12.22
C LYS B 115 11.49 7.00 -12.26
N VAL B 116 11.34 8.33 -12.14
CA VAL B 116 12.47 9.24 -12.13
C VAL B 116 12.23 10.32 -11.08
N HIS B 117 13.26 11.13 -10.87
CA HIS B 117 13.30 12.27 -9.97
C HIS B 117 12.91 13.54 -10.73
N PRO B 118 12.44 14.57 -10.02
CA PRO B 118 12.08 15.82 -10.73
C PRO B 118 13.21 16.43 -11.54
N ASN B 119 14.45 16.27 -11.08
CA ASN B 119 15.58 16.74 -11.86
C ASN B 119 15.61 16.11 -13.25
N MET B 120 15.19 14.84 -13.35
CA MET B 120 15.00 14.24 -14.66
C MET B 120 13.99 15.02 -15.49
N TRP B 121 12.90 15.46 -14.86
CA TRP B 121 11.91 16.24 -15.59
C TRP B 121 12.51 17.53 -16.15
N ILE B 122 13.29 18.22 -15.33
CA ILE B 122 13.93 19.46 -15.79
C ILE B 122 14.89 19.16 -16.94
N LEU B 123 15.71 18.12 -16.78
CA LEU B 123 16.62 17.73 -17.85
C LEU B 123 15.86 17.42 -19.13
N HIS B 124 14.71 16.77 -18.99
CA HIS B 124 13.91 16.44 -20.17
C HIS B 124 13.48 17.71 -20.88
N ARG B 125 12.99 18.69 -20.12
CA ARG B 125 12.55 19.94 -20.74
C ARG B 125 13.69 20.58 -21.52
N TYR B 126 14.86 20.71 -20.88
CA TYR B 126 15.99 21.37 -21.53
C TYR B 126 16.42 20.62 -22.79
N GLU B 127 16.59 19.30 -22.67
CA GLU B 127 17.11 18.54 -23.79
C GLU B 127 16.14 18.55 -24.97
N THR B 128 14.84 18.38 -24.70
CA THR B 128 13.89 18.37 -25.82
C THR B 128 13.84 19.73 -26.50
N LEU B 129 13.93 20.82 -25.72
CA LEU B 129 13.94 22.14 -26.35
C LEU B 129 15.14 22.28 -27.27
N LYS B 130 16.31 21.84 -26.80
CA LYS B 130 17.51 21.97 -27.63
C LYS B 130 17.38 21.17 -28.92
N GLU B 131 16.89 19.93 -28.83
CA GLU B 131 16.78 19.10 -30.02
C GLU B 131 15.79 19.71 -31.01
N LYS B 132 14.67 20.24 -30.52
CA LYS B 132 13.71 20.86 -31.41
C LYS B 132 14.33 22.06 -32.13
N ILE B 133 15.06 22.90 -31.40
CA ILE B 133 15.66 24.08 -32.03
C ILE B 133 16.63 23.66 -33.12
N GLU B 134 17.49 22.68 -32.82
CA GLU B 134 18.48 22.24 -33.80
C GLU B 134 17.80 21.68 -35.04
N HIS B 135 16.75 20.89 -34.86
CA HIS B 135 16.07 20.33 -36.02
C HIS B 135 15.38 21.40 -36.85
N ILE B 136 14.78 22.40 -36.22
CA ILE B 136 14.17 23.49 -36.98
C ILE B 136 15.23 24.22 -37.79
N LYS B 137 16.39 24.45 -37.19
CA LYS B 137 17.47 25.13 -37.92
C LYS B 137 17.88 24.35 -39.15
N LYS B 138 18.13 23.05 -38.98
CA LYS B 138 18.52 22.22 -40.12
C LYS B 138 17.42 22.16 -41.17
N ALA B 139 16.17 22.10 -40.74
CA ALA B 139 15.06 22.00 -41.68
C ALA B 139 14.96 23.26 -42.54
N LYS B 140 15.05 24.44 -41.92
CA LYS B 140 14.94 25.64 -42.75
C LYS B 140 16.16 25.78 -43.64
N ILE B 141 17.32 25.29 -43.19
CA ILE B 141 18.46 25.30 -44.10
C ILE B 141 18.21 24.44 -45.32
N ALA B 142 17.76 23.19 -45.13
CA ALA B 142 17.64 22.25 -46.24
C ALA B 142 16.43 22.53 -47.12
N LEU B 143 15.43 23.25 -46.62
CA LEU B 143 14.18 23.41 -47.35
C LEU B 143 14.41 24.15 -48.67
N GLU B 144 15.25 25.18 -48.66
CA GLU B 144 15.41 25.97 -49.88
C GLU B 144 16.24 25.22 -50.93
N ILE B 145 17.21 24.41 -50.50
CA ILE B 145 17.88 23.53 -51.46
C ILE B 145 16.88 22.57 -52.08
N TYR B 146 15.98 22.01 -51.27
CA TYR B 146 14.98 21.12 -51.83
C TYR B 146 14.12 21.86 -52.88
N ASN B 147 13.67 23.06 -52.54
CA ASN B 147 12.72 23.74 -53.41
C ASN B 147 13.37 24.25 -54.69
N GLN B 148 14.62 24.73 -54.62
CA GLN B 148 15.17 25.47 -55.74
C GLN B 148 16.09 24.61 -56.59
N TYR B 149 16.51 23.44 -56.08
CA TYR B 149 17.22 22.45 -56.88
C TYR B 149 16.39 21.22 -57.19
N GLY B 150 15.90 20.52 -56.17
CA GLY B 150 15.25 19.24 -56.35
C GLY B 150 16.17 18.09 -55.99
N ILE B 151 15.67 16.88 -56.21
CA ILE B 151 16.38 15.65 -55.83
C ILE B 151 17.27 15.28 -57.02
N THR B 152 18.47 15.83 -57.04
CA THR B 152 19.48 15.50 -58.04
C THR B 152 20.80 15.16 -57.36
N ALA B 153 21.66 14.46 -58.09
CA ALA B 153 22.94 14.03 -57.52
C ALA B 153 23.78 15.23 -57.11
N LYS B 154 23.83 16.27 -57.96
CA LYS B 154 24.56 17.47 -57.60
C LYS B 154 23.94 18.15 -56.39
N SER B 155 22.60 18.15 -56.30
CA SER B 155 21.94 18.72 -55.13
C SER B 155 22.29 17.95 -53.87
N LYS B 156 22.33 16.62 -53.96
CA LYS B 156 22.72 15.83 -52.79
C LYS B 156 24.17 16.10 -52.39
N VAL B 157 25.06 16.23 -53.37
CA VAL B 157 26.46 16.55 -53.06
C VAL B 157 26.55 17.91 -52.38
N ILE B 158 25.80 18.89 -52.87
CA ILE B 158 25.82 20.22 -52.28
C ILE B 158 25.27 20.19 -50.86
N ALA B 159 24.23 19.39 -50.63
CA ALA B 159 23.72 19.22 -49.27
C ALA B 159 24.78 18.57 -48.37
N LYS B 160 25.50 17.58 -48.90
CA LYS B 160 26.54 16.92 -48.13
C LYS B 160 27.64 17.89 -47.72
N ASN B 161 28.11 18.70 -48.66
CA ASN B 161 29.17 19.65 -48.36
C ASN B 161 28.66 20.92 -47.68
N LYS B 162 27.35 21.07 -47.55
CA LYS B 162 26.76 22.24 -46.90
C LYS B 162 26.26 21.90 -45.50
N GLY B 163 26.64 20.74 -44.97
CA GLY B 163 26.21 20.33 -43.66
C GLY B 163 24.74 19.97 -43.55
N ILE B 164 24.19 19.30 -44.57
CA ILE B 164 22.85 18.74 -44.51
C ILE B 164 22.93 17.24 -44.73
N GLU B 165 22.30 16.49 -43.84
CA GLU B 165 22.35 15.03 -43.92
C GLU B 165 21.53 14.53 -45.11
N GLU B 166 21.91 13.35 -45.62
CA GLU B 166 21.37 12.87 -46.89
C GLU B 166 19.86 12.61 -46.81
N GLU B 167 19.44 11.67 -45.97
CA GLU B 167 18.07 11.16 -46.03
C GLU B 167 17.03 12.21 -45.68
N LEU B 168 17.44 13.34 -45.10
CA LEU B 168 16.50 14.43 -44.85
C LEU B 168 15.87 14.92 -46.15
N LEU B 169 16.58 14.78 -47.28
CA LEU B 169 16.03 15.24 -48.55
C LEU B 169 14.76 14.47 -48.92
N GLU B 170 14.83 13.14 -48.93
CA GLU B 170 13.62 12.37 -49.22
C GLU B 170 12.66 12.40 -48.03
N VAL B 171 13.14 12.77 -46.84
CA VAL B 171 12.20 13.10 -45.78
C VAL B 171 11.32 14.27 -46.21
N ILE B 172 11.94 15.34 -46.71
CA ILE B 172 11.19 16.49 -47.20
C ILE B 172 10.26 16.07 -48.32
N ASP B 173 10.77 15.26 -49.24
CA ASP B 173 9.96 14.83 -50.38
C ASP B 173 8.75 14.02 -49.93
N GLU B 174 8.95 13.11 -48.99
CA GLU B 174 7.84 12.31 -48.47
C GLU B 174 6.82 13.19 -47.76
N LEU B 175 7.29 14.16 -46.98
CA LEU B 175 6.36 15.06 -46.32
C LEU B 175 5.55 15.86 -47.34
N TYR B 176 6.20 16.34 -48.39
CA TYR B 176 5.49 17.07 -49.44
C TYR B 176 4.48 16.18 -50.15
N GLY B 177 4.84 14.93 -50.39
CA GLY B 177 3.89 14.02 -51.01
C GLY B 177 2.69 13.74 -50.12
N ILE B 178 2.93 13.58 -48.81
CA ILE B 178 1.84 13.26 -47.89
C ILE B 178 0.91 14.46 -47.72
N MET B 179 1.47 15.66 -47.58
CA MET B 179 0.62 16.84 -47.39
C MET B 179 -0.26 17.10 -48.60
N MET B 180 0.16 16.67 -49.78
CA MET B 180 -0.63 16.88 -51.00
C MET B 180 -1.93 16.09 -50.95
N ARG C 1 -15.93 14.82 -25.06
CA ARG C 1 -15.13 15.66 -24.18
C ARG C 1 -13.67 15.21 -24.15
N ARG C 2 -12.86 15.76 -25.05
CA ARG C 2 -11.43 15.46 -25.05
C ARG C 2 -10.78 16.05 -23.80
N ARG C 3 -9.90 15.28 -23.17
CA ARG C 3 -9.28 15.73 -21.93
C ARG C 3 -8.24 16.81 -22.23
N LYS C 4 -8.36 17.93 -21.52
CA LYS C 4 -7.46 19.06 -21.68
C LYS C 4 -6.18 18.82 -20.90
N PRO C 5 -5.03 19.21 -21.44
CA PRO C 5 -3.79 19.12 -20.67
C PRO C 5 -3.82 20.02 -19.44
N ALA C 6 -3.08 19.59 -18.42
CA ALA C 6 -2.97 20.36 -17.18
C ALA C 6 -2.07 21.56 -17.44
N VAL C 7 -2.69 22.72 -17.67
CA VAL C 7 -1.93 23.94 -17.90
C VAL C 7 -1.30 24.40 -16.59
N GLU C 8 -0.03 24.78 -16.67
CA GLU C 8 0.76 25.20 -15.51
C GLU C 8 0.85 26.71 -15.50
N ARG C 9 0.42 27.33 -14.40
CA ARG C 9 0.44 28.78 -14.27
C ARG C 9 0.82 29.17 -12.86
N LYS C 10 1.28 30.41 -12.73
CA LYS C 10 1.68 30.96 -11.45
C LYS C 10 0.42 31.46 -10.73
N ILE C 11 0.50 31.61 -9.40
CA ILE C 11 -0.72 31.87 -8.63
C ILE C 11 -1.34 33.20 -9.03
N SER C 12 -0.55 34.27 -9.11
CA SER C 12 -1.13 35.57 -9.39
C SER C 12 -1.66 35.71 -10.81
N GLU C 13 -1.32 34.79 -11.70
CA GLU C 13 -1.77 34.84 -13.08
C GLU C 13 -2.96 33.93 -13.35
N ILE C 14 -3.64 33.44 -12.30
CA ILE C 14 -4.81 32.59 -12.47
C ILE C 14 -5.87 33.35 -13.26
N ARG C 15 -6.29 32.77 -14.38
CA ARG C 15 -7.30 33.40 -15.23
C ARG C 15 -8.68 32.85 -14.93
N GLU C 16 -9.70 33.60 -15.36
CA GLU C 16 -11.08 33.19 -15.14
C GLU C 16 -11.46 32.00 -16.02
N GLU C 17 -10.85 31.88 -17.20
CA GLU C 17 -11.15 30.80 -18.13
C GLU C 17 -10.45 29.50 -17.74
N ASP C 18 -9.45 29.56 -16.87
CA ASP C 18 -8.69 28.38 -16.50
C ASP C 18 -9.60 27.33 -15.87
N THR C 19 -9.35 26.06 -16.19
CA THR C 19 -10.14 24.97 -15.65
C THR C 19 -9.34 24.04 -14.75
N ARG C 20 -8.26 23.44 -15.26
CA ARG C 20 -7.41 22.54 -14.50
C ARG C 20 -6.01 23.11 -14.47
N VAL C 21 -5.47 23.33 -13.28
CA VAL C 21 -4.20 24.03 -13.12
C VAL C 21 -3.29 23.22 -12.19
N SER C 22 -2.00 23.32 -12.46
CA SER C 22 -0.96 22.73 -11.62
C SER C 22 -0.19 23.86 -10.94
N LEU C 23 -0.08 23.79 -9.63
CA LEU C 23 0.58 24.80 -8.83
C LEU C 23 1.76 24.19 -8.09
N ILE C 24 2.91 24.85 -8.16
CA ILE C 24 4.13 24.39 -7.51
C ILE C 24 4.54 25.43 -6.48
N GLY C 25 4.75 25.01 -5.25
CA GLY C 25 5.11 25.96 -4.22
C GLY C 25 5.47 25.28 -2.93
N ARG C 26 5.14 25.94 -1.83
CA ARG C 26 5.42 25.42 -0.50
C ARG C 26 4.22 25.67 0.41
N VAL C 27 4.10 24.84 1.43
CA VAL C 27 3.03 24.96 2.42
C VAL C 27 3.58 25.72 3.63
N ILE C 28 3.05 26.91 3.85
CA ILE C 28 3.41 27.68 5.04
C ILE C 28 2.41 27.44 6.17
N LYS C 29 1.19 27.05 5.84
CA LYS C 29 0.18 26.75 6.85
C LYS C 29 -0.72 25.63 6.35
N VAL C 30 -1.01 24.69 7.27
CA VAL C 30 -1.82 23.52 6.98
C VAL C 30 -2.84 23.36 8.08
N ASP C 31 -3.91 22.64 7.78
CA ASP C 31 -4.96 22.36 8.75
C ASP C 31 -5.45 20.95 8.52
N LYS C 32 -5.33 20.10 9.55
CA LYS C 32 -5.69 18.70 9.45
C LYS C 32 -7.17 18.44 9.71
N MET C 33 -7.81 19.24 10.57
CA MET C 33 -9.23 19.02 10.83
C MET C 33 -10.09 19.41 9.64
N ASP C 34 -9.73 20.48 8.92
CA ASP C 34 -10.35 20.79 7.65
C ASP C 34 -9.68 20.09 6.48
N TYR C 35 -8.49 19.52 6.67
CA TYR C 35 -7.73 18.89 5.59
C TYR C 35 -7.55 19.86 4.42
N MET C 36 -7.08 21.06 4.76
CA MET C 36 -6.91 22.13 3.79
C MET C 36 -5.60 22.85 4.08
N PHE C 37 -4.94 23.30 3.03
CA PHE C 37 -3.63 23.92 3.21
C PHE C 37 -3.41 25.08 2.26
N TRP C 38 -2.56 26.02 2.69
CA TRP C 38 -2.26 27.21 1.92
C TRP C 38 -0.90 27.08 1.27
N LEU C 39 -0.83 27.47 0.00
CA LEU C 39 0.43 27.52 -0.75
C LEU C 39 0.91 28.97 -0.84
N ASP C 40 2.19 29.17 -0.57
CA ASP C 40 2.84 30.47 -0.72
C ASP C 40 3.98 30.29 -1.71
N ASP C 41 3.75 30.71 -2.95
CA ASP C 41 4.75 30.63 -4.02
C ASP C 41 5.53 31.92 -4.17
N GLY C 42 5.31 32.89 -3.28
CA GLY C 42 6.03 34.14 -3.36
C GLY C 42 5.19 35.29 -3.87
N THR C 43 4.36 35.02 -4.89
CA THR C 43 3.53 36.07 -5.45
C THR C 43 2.18 36.18 -4.75
N GLY C 44 1.73 35.11 -4.09
CA GLY C 44 0.44 35.12 -3.43
C GLY C 44 0.24 33.85 -2.64
N VAL C 45 -0.89 33.82 -1.93
CA VAL C 45 -1.26 32.67 -1.11
C VAL C 45 -2.53 32.07 -1.69
N ALA C 46 -2.59 30.75 -1.73
CA ALA C 46 -3.71 30.04 -2.33
C ALA C 46 -4.24 28.98 -1.39
N ILE C 47 -5.54 28.71 -1.53
CA ILE C 47 -6.26 27.73 -0.71
C ILE C 47 -6.40 26.45 -1.53
N ILE C 48 -5.94 25.33 -0.96
CA ILE C 48 -5.98 24.04 -1.64
C ILE C 48 -6.68 23.05 -0.73
N GLU C 49 -7.67 22.34 -1.28
CA GLU C 49 -8.47 21.38 -0.53
C GLU C 49 -8.05 19.98 -0.95
N SER C 50 -7.51 19.22 0.00
CA SER C 50 -7.08 17.86 -0.27
C SER C 50 -8.23 16.88 -0.01
N GLU C 51 -7.96 15.59 -0.29
CA GLU C 51 -8.97 14.55 -0.15
C GLU C 51 -8.58 13.50 0.88
N SER C 52 -7.36 12.97 0.80
CA SER C 52 -6.97 11.88 1.68
C SER C 52 -5.68 12.11 2.45
N ASP C 53 -4.74 12.90 1.93
CA ASP C 53 -3.44 13.06 2.56
C ASP C 53 -3.06 14.53 2.54
N LEU C 54 -2.21 14.94 3.48
CA LEU C 54 -1.74 16.30 3.55
C LEU C 54 -0.23 16.33 3.67
N PRO C 55 0.41 17.35 3.10
CA PRO C 55 1.86 17.51 3.25
C PRO C 55 2.18 18.19 4.58
N LYS C 56 3.47 18.38 4.81
CA LYS C 56 3.92 19.08 6.01
C LYS C 56 4.12 20.56 5.66
N VAL C 57 4.66 21.33 6.60
CA VAL C 57 4.81 22.78 6.46
C VAL C 57 6.26 23.08 6.07
N GLY C 58 6.42 23.87 5.00
CA GLY C 58 7.72 24.31 4.56
C GLY C 58 8.39 23.44 3.54
N GLN C 59 7.87 22.25 3.28
CA GLN C 59 8.44 21.37 2.28
C GLN C 59 7.83 21.66 0.91
N VAL C 60 8.71 21.82 -0.09
CA VAL C 60 8.29 22.19 -1.43
C VAL C 60 7.47 21.05 -2.02
N VAL C 61 6.29 21.36 -2.55
CA VAL C 61 5.40 20.38 -3.14
C VAL C 61 4.87 20.91 -4.47
N ARG C 62 4.27 19.99 -5.22
CA ARG C 62 3.61 20.25 -6.49
C ARG C 62 2.23 19.60 -6.43
N VAL C 63 1.23 20.30 -6.97
CA VAL C 63 -0.15 19.85 -6.89
C VAL C 63 -0.82 20.08 -8.24
N ILE C 64 -1.66 19.14 -8.64
CA ILE C 64 -2.47 19.25 -9.84
C ILE C 64 -3.93 19.16 -9.41
N GLY C 65 -4.73 20.15 -9.79
CA GLY C 65 -6.11 20.19 -9.35
C GLY C 65 -6.99 21.07 -10.20
N ARG C 66 -8.29 20.89 -10.01
CA ARG C 66 -9.31 21.67 -10.70
C ARG C 66 -9.69 22.90 -9.88
N ILE C 67 -10.32 23.85 -10.54
CA ILE C 67 -10.60 25.16 -9.95
C ILE C 67 -12.00 25.18 -9.36
N ILE C 68 -12.12 25.65 -8.13
CA ILE C 68 -13.40 25.88 -7.47
C ILE C 68 -13.61 27.39 -7.45
N ARG C 69 -14.47 27.88 -8.34
CA ARG C 69 -14.76 29.29 -8.48
C ARG C 69 -16.12 29.59 -7.88
N ASN C 70 -16.16 30.52 -6.93
CA ASN C 70 -17.39 30.94 -6.29
C ASN C 70 -17.18 32.34 -5.71
N GLU C 71 -18.27 32.92 -5.18
CA GLU C 71 -18.19 34.24 -4.59
C GLU C 71 -17.36 34.26 -3.31
N GLU C 72 -17.21 33.11 -2.65
CA GLU C 72 -16.42 33.06 -1.42
C GLU C 72 -14.95 33.37 -1.69
N GLY C 73 -14.41 32.85 -2.78
CA GLY C 73 -13.00 33.06 -3.08
C GLY C 73 -12.56 32.12 -4.19
N ILE C 74 -11.25 31.88 -4.23
CA ILE C 74 -10.63 31.03 -5.23
C ILE C 74 -10.00 29.85 -4.50
N HIS C 75 -10.59 28.67 -4.66
CA HIS C 75 -10.05 27.42 -4.15
C HIS C 75 -9.78 26.47 -5.30
N ILE C 76 -8.79 25.59 -5.12
CA ILE C 76 -8.39 24.65 -6.15
C ILE C 76 -8.62 23.24 -5.64
N TYR C 77 -9.34 22.44 -6.41
CA TYR C 77 -9.75 21.10 -6.01
C TYR C 77 -8.63 20.13 -6.36
N ALA C 78 -7.80 19.80 -5.37
CA ALA C 78 -6.61 19.01 -5.62
C ALA C 78 -6.94 17.55 -5.92
N GLU C 79 -6.18 16.94 -6.81
CA GLU C 79 -6.20 15.50 -7.00
C GLU C 79 -4.83 14.85 -6.96
N VAL C 80 -3.79 15.52 -7.46
CA VAL C 80 -2.46 14.92 -7.51
C VAL C 80 -1.52 15.74 -6.64
N ILE C 81 -0.78 15.06 -5.77
CA ILE C 81 0.15 15.73 -4.85
C ILE C 81 1.48 15.00 -4.88
N GLN C 82 2.55 15.71 -5.23
CA GLN C 82 3.90 15.17 -5.26
C GLN C 82 4.83 16.10 -4.51
N ASP C 83 5.99 15.58 -4.13
CA ASP C 83 6.97 16.34 -3.37
C ASP C 83 8.16 16.77 -4.22
N PHE C 84 8.59 18.02 -4.04
CA PHE C 84 9.72 18.60 -4.75
C PHE C 84 10.72 19.19 -3.78
N SER C 85 10.95 18.53 -2.64
CA SER C 85 11.70 19.14 -1.57
C SER C 85 13.16 19.38 -1.94
N ASP C 86 13.63 18.78 -3.03
CA ASP C 86 15.04 18.85 -3.38
C ASP C 86 15.29 19.14 -4.86
N ALA C 87 14.60 20.13 -5.41
CA ALA C 87 14.69 20.45 -6.82
C ALA C 87 15.25 21.86 -7.02
N ASP C 88 15.82 22.08 -8.21
CA ASP C 88 16.37 23.39 -8.59
C ASP C 88 15.26 24.21 -9.23
N LEU C 89 14.61 25.06 -8.42
CA LEU C 89 13.51 25.86 -8.94
C LEU C 89 13.99 26.93 -9.92
N GLU C 90 15.23 27.40 -9.76
CA GLU C 90 15.74 28.43 -10.66
C GLU C 90 15.81 27.92 -12.09
N ALA C 91 16.29 26.70 -12.27
CA ALA C 91 16.32 26.12 -13.61
C ALA C 91 14.90 25.97 -14.16
N LEU C 92 13.95 25.60 -13.30
CA LEU C 92 12.58 25.43 -13.76
C LEU C 92 11.99 26.75 -14.25
N GLU C 93 12.16 27.83 -13.49
CA GLU C 93 11.62 29.10 -13.93
C GLU C 93 12.35 29.62 -15.16
N GLU C 94 13.67 29.42 -15.22
CA GLU C 94 14.42 29.84 -16.39
C GLU C 94 13.92 29.13 -17.64
N ILE C 95 13.72 27.82 -17.56
CA ILE C 95 13.27 27.07 -18.73
C ILE C 95 11.82 27.42 -19.04
N ARG C 96 11.01 27.74 -18.04
CA ARG C 96 9.65 28.19 -18.30
C ARG C 96 9.66 29.46 -19.13
N GLU C 97 10.44 30.45 -18.70
CA GLU C 97 10.52 31.71 -19.45
C GLU C 97 11.07 31.47 -20.85
N LEU C 98 12.11 30.65 -20.95
CA LEU C 98 12.73 30.38 -22.24
C LEU C 98 11.74 29.72 -23.19
N GLU C 99 11.00 28.72 -22.69
CA GLU C 99 9.99 28.05 -23.48
C GLU C 99 8.90 29.03 -23.93
N ARG C 100 8.45 29.87 -23.01
CA ARG C 100 7.41 30.84 -23.36
C ARG C 100 7.87 31.77 -24.47
N LYS C 101 9.09 32.29 -24.38
CA LYS C 101 9.48 33.30 -25.35
C LYS C 101 10.06 32.69 -26.63
N LEU C 102 10.29 31.36 -26.64
CA LEU C 102 10.59 30.72 -27.93
C LEU C 102 9.36 30.18 -28.65
N LEU C 103 8.67 29.19 -28.08
CA LEU C 103 7.85 28.30 -28.90
C LEU C 103 6.87 29.01 -29.84
N PRO C 104 6.14 30.06 -29.44
CA PRO C 104 5.18 30.65 -30.39
C PRO C 104 5.80 31.10 -31.70
N ARG C 105 7.07 31.55 -31.68
CA ARG C 105 7.72 31.90 -32.93
C ARG C 105 8.19 30.67 -33.71
N LEU C 106 8.61 29.62 -33.02
CA LEU C 106 9.21 28.47 -33.71
C LEU C 106 8.20 27.81 -34.65
N GLU C 107 6.95 27.69 -34.22
CA GLU C 107 5.92 27.18 -35.14
C GLU C 107 5.72 28.11 -36.32
N GLY C 108 6.06 29.39 -36.18
CA GLY C 108 5.87 30.34 -37.27
C GLY C 108 6.71 30.01 -38.49
N GLU C 109 7.97 29.64 -38.28
CA GLU C 109 8.83 29.32 -39.41
C GLU C 109 8.35 28.04 -40.11
N ILE C 110 8.90 27.82 -41.29
CA ILE C 110 8.56 26.75 -42.23
C ILE C 110 7.09 26.86 -42.63
N VAL C 111 6.72 26.23 -43.75
CA VAL C 111 5.36 26.26 -44.26
C VAL C 111 4.99 24.88 -44.76
N TRP C 112 3.75 24.48 -44.54
CA TRP C 112 3.20 23.16 -44.88
C TRP C 112 4.14 22.00 -44.52
N THR D 184 4.67 22.84 69.22
CA THR D 184 4.54 23.84 68.16
C THR D 184 3.81 23.28 66.95
N TYR D 185 4.46 22.33 66.28
CA TYR D 185 3.92 21.69 65.08
C TYR D 185 3.97 20.19 65.26
N THR D 186 2.83 19.54 65.10
CA THR D 186 2.68 18.11 65.39
C THR D 186 2.45 17.35 64.09
N ARG D 187 3.16 16.23 63.93
CA ARG D 187 2.96 15.37 62.79
C ARG D 187 1.66 14.59 62.95
N LYS D 188 1.00 14.33 61.82
CA LYS D 188 -0.27 13.61 61.85
C LYS D 188 -0.52 13.01 60.48
N LYS D 189 -0.81 11.72 60.44
CA LYS D 189 -1.15 11.08 59.18
C LYS D 189 -2.49 11.63 58.67
N ILE D 190 -2.64 11.62 57.34
CA ILE D 190 -3.84 12.18 56.73
C ILE D 190 -5.09 11.44 57.18
N LYS D 191 -4.99 10.12 57.36
CA LYS D 191 -6.14 9.34 57.77
C LYS D 191 -6.71 9.81 59.11
N ASP D 192 -5.90 10.46 59.93
CA ASP D 192 -6.33 10.94 61.25
C ASP D 192 -6.66 12.43 61.25
N ILE D 193 -6.70 13.08 60.09
CA ILE D 193 -7.00 14.50 60.03
C ILE D 193 -8.51 14.70 60.11
N GLU D 194 -8.94 15.56 61.03
CA GLU D 194 -10.33 15.96 61.13
C GLU D 194 -10.40 17.47 61.25
N ALA D 195 -11.62 18.01 61.09
CA ALA D 195 -11.81 19.45 61.08
C ALA D 195 -11.41 20.05 62.43
N GLY D 196 -10.89 21.27 62.38
CA GLY D 196 -10.50 21.98 63.59
C GLY D 196 -9.08 21.70 64.05
N ASP D 197 -8.37 20.79 63.40
CA ASP D 197 -6.99 20.52 63.77
C ASP D 197 -6.12 21.74 63.51
N ARG D 198 -5.24 22.06 64.45
CA ARG D 198 -4.44 23.27 64.41
C ARG D 198 -2.96 22.92 64.45
N PHE D 199 -2.16 23.63 63.65
CA PHE D 199 -0.71 23.48 63.62
C PHE D 199 -0.31 22.06 63.25
N VAL D 200 -0.69 21.67 62.03
CA VAL D 200 -0.48 20.32 61.54
C VAL D 200 0.40 20.37 60.30
N GLU D 201 1.38 19.48 60.22
CA GLU D 201 2.23 19.36 59.05
C GLU D 201 2.18 17.93 58.54
N VAL D 202 2.16 17.78 57.22
CA VAL D 202 1.99 16.49 56.56
C VAL D 202 3.07 16.33 55.50
N ARG D 203 3.38 15.09 55.17
CA ARG D 203 4.29 14.75 54.09
C ARG D 203 3.51 14.01 53.01
N GLY D 204 3.67 14.42 51.77
CA GLY D 204 2.88 13.82 50.71
C GLY D 204 3.40 14.14 49.33
N THR D 205 2.51 13.98 48.35
CA THR D 205 2.84 14.08 46.94
C THR D 205 1.76 14.90 46.24
N ILE D 206 2.17 15.84 45.40
CA ILE D 206 1.23 16.66 44.64
C ILE D 206 0.62 15.78 43.55
N ALA D 207 -0.65 15.43 43.71
CA ALA D 207 -1.29 14.52 42.77
C ALA D 207 -2.25 15.20 41.81
N LYS D 208 -2.45 16.52 41.92
CA LYS D 208 -3.35 17.24 41.04
C LYS D 208 -3.20 18.74 41.30
N VAL D 209 -3.40 19.53 40.26
CA VAL D 209 -3.41 20.99 40.37
C VAL D 209 -4.79 21.50 39.98
N TYR D 210 -5.40 22.27 40.88
CA TYR D 210 -6.76 22.76 40.66
C TYR D 210 -6.77 24.18 40.08
N ARG D 211 -6.20 25.15 40.79
CA ARG D 211 -6.36 26.53 40.38
C ARG D 211 -5.12 27.34 40.73
N VAL D 212 -4.86 28.35 39.92
CA VAL D 212 -3.84 29.35 40.18
C VAL D 212 -4.45 30.72 39.95
N LEU D 213 -4.18 31.67 40.82
CA LEU D 213 -4.70 33.02 40.64
C LEU D 213 -3.85 34.00 41.44
N THR D 214 -4.16 35.29 41.31
CA THR D 214 -3.46 36.34 42.03
C THR D 214 -4.36 37.56 42.16
N TYR D 215 -4.04 38.42 43.12
CA TYR D 215 -4.85 39.61 43.38
C TYR D 215 -4.06 40.58 44.24
N ASP D 216 -4.63 41.77 44.42
CA ASP D 216 -4.00 42.84 45.17
C ASP D 216 -4.37 42.77 46.66
N ALA D 217 -3.41 43.15 47.49
CA ALA D 217 -3.60 43.13 48.94
C ALA D 217 -2.66 44.15 49.57
N CYS D 218 -2.82 44.34 50.88
CA CYS D 218 -2.00 45.30 51.61
C CYS D 218 -0.56 44.79 51.66
N PRO D 219 0.42 45.58 51.20
CA PRO D 219 1.79 45.06 51.11
C PRO D 219 2.41 44.67 52.45
N GLU D 220 2.08 45.40 53.52
CA GLU D 220 2.80 45.23 54.78
C GLU D 220 2.16 44.19 55.70
N CYS D 221 0.83 44.10 55.73
CA CYS D 221 0.18 43.11 56.57
C CYS D 221 -0.37 41.93 55.77
N LYS D 222 -0.21 41.93 54.45
CA LYS D 222 -0.58 40.80 53.60
C LYS D 222 -2.04 40.41 53.79
N LYS D 223 -2.91 41.42 53.72
CA LYS D 223 -4.34 41.24 53.90
C LYS D 223 -5.09 41.87 52.73
N LYS D 224 -6.21 41.25 52.38
CA LYS D 224 -7.00 41.71 51.25
C LYS D 224 -7.49 43.14 51.47
N VAL D 225 -7.35 43.96 50.44
CA VAL D 225 -7.81 45.34 50.47
C VAL D 225 -9.10 45.43 49.65
N ASP D 226 -9.98 46.33 50.06
CA ASP D 226 -11.27 46.51 49.43
C ASP D 226 -11.22 47.69 48.48
N TYR D 227 -11.53 47.45 47.20
CA TYR D 227 -11.63 48.53 46.22
C TYR D 227 -13.01 49.15 46.38
N ASP D 228 -13.14 50.03 47.38
CA ASP D 228 -14.42 50.65 47.67
C ASP D 228 -14.79 51.62 46.55
N GLU D 229 -16.01 51.49 46.03
CA GLU D 229 -16.48 52.35 44.95
C GLU D 229 -17.10 53.65 45.47
N GLY D 230 -17.47 53.71 46.75
CA GLY D 230 -17.90 54.96 47.32
C GLY D 230 -16.82 56.03 47.27
N LEU D 231 -15.58 55.63 47.59
CA LEU D 231 -14.42 56.48 47.35
C LEU D 231 -13.59 56.01 46.17
N GLY D 232 -13.87 54.83 45.63
CA GLY D 232 -13.14 54.30 44.49
C GLY D 232 -11.66 54.08 44.75
N VAL D 233 -11.30 53.64 45.96
CA VAL D 233 -9.91 53.47 46.35
C VAL D 233 -9.73 52.14 47.05
N TRP D 234 -8.49 51.67 47.07
CA TRP D 234 -8.13 50.45 47.77
C TRP D 234 -7.87 50.78 49.23
N ILE D 235 -8.76 50.33 50.10
CA ILE D 235 -8.70 50.63 51.53
C ILE D 235 -8.40 49.34 52.29
N CYS D 236 -7.51 49.43 53.27
CA CYS D 236 -7.24 48.35 54.21
C CYS D 236 -7.81 48.80 55.55
N PRO D 237 -9.01 48.35 55.94
CA PRO D 237 -9.65 48.95 57.11
C PRO D 237 -9.08 48.46 58.43
N GLU D 238 -7.75 48.36 58.47
CA GLU D 238 -7.01 48.23 59.72
C GLU D 238 -5.73 49.03 59.71
N HIS D 239 -5.33 49.63 58.59
CA HIS D 239 -4.14 50.46 58.50
C HIS D 239 -4.38 51.79 57.81
N GLY D 240 -5.55 51.99 57.21
CA GLY D 240 -5.82 53.18 56.43
C GLY D 240 -5.70 52.92 54.94
N GLU D 241 -5.55 54.03 54.21
CA GLU D 241 -5.39 53.94 52.76
C GLU D 241 -3.97 53.52 52.42
N VAL D 242 -3.85 52.46 51.60
CA VAL D 242 -2.57 51.93 51.19
C VAL D 242 -2.62 51.62 49.70
N GLN D 243 -1.44 51.43 49.12
CA GLN D 243 -1.33 51.04 47.72
C GLN D 243 -1.09 49.55 47.64
N PRO D 244 -2.04 48.76 47.16
CA PRO D 244 -1.90 47.30 47.22
C PRO D 244 -0.85 46.79 46.24
N ILE D 245 -0.36 45.58 46.54
CA ILE D 245 0.57 44.87 45.68
C ILE D 245 0.02 43.48 45.41
N LYS D 246 0.52 42.85 44.36
CA LYS D 246 0.00 41.58 43.91
C LYS D 246 0.58 40.42 44.71
N MET D 247 -0.25 39.40 44.92
CA MET D 247 0.16 38.17 45.59
C MET D 247 -0.70 37.03 45.05
N THR D 248 -0.14 35.83 45.08
CA THR D 248 -0.69 34.68 44.38
C THR D 248 -1.30 33.67 45.34
N ILE D 249 -2.30 32.94 44.84
CA ILE D 249 -2.98 31.88 45.57
C ILE D 249 -2.98 30.63 44.70
N LEU D 250 -2.59 29.50 45.28
CA LEU D 250 -2.52 28.23 44.58
C LEU D 250 -3.37 27.19 45.29
N ASP D 251 -4.09 26.39 44.52
CA ASP D 251 -4.96 25.36 45.05
C ASP D 251 -4.67 24.05 44.35
N PHE D 252 -4.18 23.05 45.09
CA PHE D 252 -3.80 21.77 44.52
C PHE D 252 -4.18 20.66 45.50
N GLY D 253 -3.77 19.43 45.19
CA GLY D 253 -4.12 18.29 45.99
C GLY D 253 -2.96 17.39 46.37
N LEU D 254 -3.00 16.81 47.55
CA LEU D 254 -1.90 16.05 48.11
C LEU D 254 -2.36 14.67 48.53
N ASP D 255 -1.47 13.69 48.34
CA ASP D 255 -1.74 12.28 48.60
C ASP D 255 -0.51 11.67 49.26
N ASP D 256 -0.71 10.82 50.26
CA ASP D 256 0.43 10.24 50.96
C ASP D 256 0.22 8.76 51.24
N GLY D 257 -0.50 8.08 50.37
CA GLY D 257 -0.71 6.65 50.51
C GLY D 257 -1.76 6.28 51.53
N THR D 258 -2.41 7.23 52.17
CA THR D 258 -3.48 6.96 53.12
C THR D 258 -4.78 7.69 52.82
N GLY D 259 -4.72 8.91 52.32
CA GLY D 259 -5.93 9.66 52.04
C GLY D 259 -5.59 10.92 51.28
N TYR D 260 -6.59 11.48 50.63
CA TYR D 260 -6.44 12.61 49.73
C TYR D 260 -6.90 13.88 50.43
N ILE D 261 -6.07 14.93 50.37
CA ILE D 261 -6.38 16.20 51.00
C ILE D 261 -6.12 17.30 49.98
N ARG D 262 -6.70 18.47 50.20
CA ARG D 262 -6.47 19.61 49.33
C ARG D 262 -5.69 20.67 50.08
N VAL D 263 -4.80 21.36 49.36
CA VAL D 263 -3.91 22.34 49.96
C VAL D 263 -4.04 23.67 49.23
N THR D 264 -4.17 24.75 49.99
CA THR D 264 -4.14 26.11 49.48
C THR D 264 -2.90 26.82 50.00
N LEU D 265 -2.11 27.34 49.08
CA LEU D 265 -0.86 28.02 49.41
C LEU D 265 -0.98 29.49 49.06
N PHE D 266 -0.43 30.35 49.92
CA PHE D 266 -0.66 31.78 49.90
C PHE D 266 0.61 32.54 49.54
N GLY D 267 0.48 33.51 48.65
CA GLY D 267 1.49 34.55 48.52
C GLY D 267 2.84 34.05 48.05
N ASP D 268 3.90 34.63 48.65
CA ASP D 268 5.26 34.42 48.19
C ASP D 268 5.69 32.97 48.24
N ASP D 269 5.05 32.15 49.07
CA ASP D 269 5.39 30.73 49.11
C ASP D 269 5.10 30.08 47.76
N ALA D 270 3.99 30.45 47.13
CA ALA D 270 3.69 29.96 45.79
C ALA D 270 4.74 30.42 44.79
N GLU D 271 5.20 31.67 44.93
CA GLU D 271 6.26 32.16 44.05
C GLU D 271 7.54 31.35 44.20
N GLU D 272 7.91 31.04 45.45
CA GLU D 272 9.09 30.22 45.68
C GLU D 272 8.92 28.82 45.10
N LEU D 273 7.73 28.23 45.29
CA LEU D 273 7.49 26.87 44.79
C LEU D 273 7.54 26.82 43.27
N LEU D 274 6.96 27.82 42.62
CA LEU D 274 6.92 27.85 41.16
C LEU D 274 8.16 28.51 40.56
N GLY D 275 8.81 29.39 41.32
CA GLY D 275 10.02 30.04 40.85
C GLY D 275 9.79 31.18 39.88
N VAL D 276 8.58 31.72 39.80
CA VAL D 276 8.25 32.75 38.83
C VAL D 276 7.55 33.89 39.55
N SER D 277 7.76 35.11 39.05
CA SER D 277 7.22 36.30 39.70
C SER D 277 5.69 36.33 39.58
N PRO D 278 5.01 36.93 40.56
CA PRO D 278 3.55 37.08 40.45
C PRO D 278 3.11 37.93 39.26
N GLU D 279 3.92 38.91 38.86
CA GLU D 279 3.50 39.84 37.81
C GLU D 279 3.33 39.13 36.47
N GLU D 280 4.27 38.24 36.14
CA GLU D 280 4.16 37.52 34.88
C GLU D 280 2.93 36.61 34.88
N ILE D 281 2.64 36.00 36.04
CA ILE D 281 1.40 35.28 36.20
C ILE D 281 0.21 36.19 35.94
N ALA D 282 0.30 37.44 36.41
CA ALA D 282 -0.80 38.37 36.25
C ALA D 282 -1.05 38.67 34.77
N GLU D 283 -0.01 38.98 34.01
CA GLU D 283 -0.28 39.30 32.60
C GLU D 283 -0.68 38.05 31.83
N LYS D 284 -0.19 36.87 32.25
CA LYS D 284 -0.67 35.65 31.61
C LYS D 284 -2.16 35.46 31.86
N ILE D 285 -2.61 35.70 33.08
CA ILE D 285 -4.04 35.62 33.39
C ILE D 285 -4.81 36.61 32.55
N LYS D 286 -4.29 37.83 32.42
CA LYS D 286 -4.98 38.85 31.63
C LYS D 286 -5.11 38.44 30.17
N GLU D 287 -4.02 37.95 29.58
CA GLU D 287 -4.07 37.61 28.17
C GLU D 287 -4.90 36.35 27.93
N LEU D 288 -5.02 35.47 28.93
CA LEU D 288 -5.94 34.35 28.77
C LEU D 288 -7.39 34.77 28.90
N GLU D 289 -7.69 35.66 29.85
CA GLU D 289 -9.09 36.02 30.10
C GLU D 289 -9.62 36.94 29.00
N GLU D 290 -8.75 37.76 28.40
CA GLU D 290 -9.20 38.63 27.31
C GLU D 290 -9.65 37.84 26.09
N SER D 291 -9.30 36.57 26.00
CA SER D 291 -9.76 35.72 24.91
C SER D 291 -11.25 35.43 24.95
N GLY D 292 -11.92 35.73 26.06
CA GLY D 292 -13.34 35.48 26.17
C GLY D 292 -13.68 34.39 27.15
N LEU D 293 -12.91 34.29 28.23
CA LEU D 293 -13.06 33.22 29.21
C LEU D 293 -13.37 33.80 30.58
N THR D 294 -14.16 33.06 31.35
CA THR D 294 -14.46 33.46 32.71
C THR D 294 -13.20 33.39 33.58
N THR D 295 -13.17 34.25 34.61
CA THR D 295 -11.99 34.35 35.45
C THR D 295 -11.63 33.00 36.08
N LYS D 296 -12.62 32.30 36.63
CA LYS D 296 -12.34 30.99 37.21
C LYS D 296 -11.89 30.00 36.15
N GLU D 297 -12.58 29.97 35.01
CA GLU D 297 -12.19 29.05 33.94
C GLU D 297 -10.81 29.38 33.40
N ALA D 298 -10.51 30.68 33.23
CA ALA D 298 -9.18 31.06 32.77
C ALA D 298 -8.11 30.67 33.78
N ALA D 299 -8.40 30.84 35.06
CA ALA D 299 -7.43 30.45 36.09
C ALA D 299 -7.17 28.95 36.06
N ARG D 300 -8.23 28.16 35.93
CA ARG D 300 -8.06 26.71 35.90
C ARG D 300 -7.33 26.26 34.63
N LYS D 301 -7.60 26.93 33.50
CA LYS D 301 -6.86 26.64 32.28
C LYS D 301 -5.38 26.95 32.43
N LEU D 302 -5.07 28.08 33.06
CA LEU D 302 -3.67 28.42 33.31
C LEU D 302 -3.02 27.37 34.19
N ALA D 303 -3.70 26.94 35.25
CA ALA D 303 -3.12 25.95 36.14
C ALA D 303 -2.88 24.63 35.41
N GLU D 304 -3.83 24.20 34.59
CA GLU D 304 -3.71 22.90 33.94
C GLU D 304 -2.70 22.89 32.81
N ASP D 305 -2.63 23.95 32.00
CA ASP D 305 -1.84 23.91 30.78
C ASP D 305 -0.44 24.51 30.91
N GLU D 306 -0.05 25.01 32.07
CA GLU D 306 1.29 25.59 32.21
C GLU D 306 2.04 25.11 33.43
N PHE D 307 1.34 24.72 34.50
CA PHE D 307 1.96 24.24 35.72
C PHE D 307 1.72 22.76 35.93
N TYR D 308 1.82 21.98 34.86
CA TYR D 308 1.61 20.53 34.93
C TYR D 308 2.91 19.77 35.15
N ASN D 309 4.03 20.44 35.31
CA ASN D 309 5.30 19.77 35.51
C ASN D 309 5.71 19.67 36.98
N ILE D 310 4.86 20.12 37.91
CA ILE D 310 5.19 20.07 39.32
C ILE D 310 4.46 18.95 40.04
N ILE D 311 3.58 18.22 39.37
CA ILE D 311 2.82 17.15 40.02
C ILE D 311 3.67 15.88 40.02
N GLY D 312 3.53 15.09 41.07
CA GLY D 312 4.31 13.90 41.25
C GLY D 312 5.51 14.06 42.17
N ARG D 313 5.92 15.29 42.46
CA ARG D 313 7.04 15.48 43.36
C ARG D 313 6.60 15.30 44.81
N GLU D 314 7.58 15.22 45.70
CA GLU D 314 7.33 14.96 47.12
C GLU D 314 7.53 16.24 47.91
N ILE D 315 6.54 16.57 48.74
CA ILE D 315 6.49 17.86 49.42
C ILE D 315 6.12 17.64 50.88
N VAL D 316 6.43 18.64 51.71
CA VAL D 316 6.00 18.69 53.10
C VAL D 316 5.17 19.96 53.27
N VAL D 317 3.89 19.80 53.55
CA VAL D 317 2.99 20.92 53.77
C VAL D 317 2.88 21.17 55.26
N ARG D 318 2.56 22.42 55.63
CA ARG D 318 2.63 22.84 57.03
C ARG D 318 1.63 23.97 57.22
N GLY D 319 0.56 23.72 57.98
CA GLY D 319 -0.43 24.76 58.16
C GLY D 319 -1.60 24.40 59.05
N ASN D 320 -2.76 24.99 58.75
CA ASN D 320 -3.96 24.84 59.57
C ASN D 320 -5.11 24.33 58.71
N VAL D 321 -5.91 23.43 59.26
CA VAL D 321 -6.99 22.77 58.52
C VAL D 321 -8.29 23.51 58.77
N ILE D 322 -9.01 23.80 57.68
CA ILE D 322 -10.29 24.47 57.71
C ILE D 322 -11.30 23.57 57.02
N GLU D 323 -12.58 23.77 57.34
CA GLU D 323 -13.67 22.99 56.77
C GLU D 323 -14.53 23.88 55.88
N ASP D 324 -14.85 23.39 54.69
CA ASP D 324 -15.79 24.04 53.80
C ASP D 324 -16.96 23.09 53.54
N ARG D 325 -18.16 23.67 53.53
CA ARG D 325 -19.37 22.86 53.37
C ARG D 325 -19.38 22.11 52.05
N PHE D 326 -18.99 22.77 50.96
CA PHE D 326 -19.05 22.18 49.63
C PHE D 326 -17.69 21.72 49.12
N LEU D 327 -16.65 21.74 49.95
CA LEU D 327 -15.33 21.30 49.53
C LEU D 327 -14.69 20.28 50.47
N GLY D 328 -15.23 20.09 51.67
CA GLY D 328 -14.66 19.12 52.58
C GLY D 328 -13.60 19.72 53.50
N LEU D 329 -12.42 19.11 53.53
CA LEU D 329 -11.31 19.58 54.36
C LEU D 329 -10.27 20.22 53.46
N ILE D 330 -9.80 21.41 53.85
CA ILE D 330 -8.82 22.16 53.07
C ILE D 330 -7.74 22.64 54.01
N LEU D 331 -6.48 22.42 53.63
CA LEU D 331 -5.34 22.78 54.46
C LEU D 331 -4.76 24.09 53.93
N ARG D 332 -4.86 25.15 54.72
CA ARG D 332 -4.21 26.42 54.40
C ARG D 332 -2.77 26.35 54.89
N ALA D 333 -1.83 26.48 53.97
CA ALA D 333 -0.41 26.31 54.29
C ALA D 333 0.19 27.63 54.77
N SER D 334 0.70 27.62 56.00
CA SER D 334 1.44 28.78 56.47
C SER D 334 2.84 28.83 55.88
N SER D 335 3.45 27.66 55.67
CA SER D 335 4.77 27.58 55.06
C SER D 335 4.93 26.18 54.46
N TRP D 336 5.88 26.06 53.53
CA TRP D 336 6.17 24.80 52.90
C TRP D 336 7.68 24.60 52.86
N GLU D 337 8.10 23.35 52.82
CA GLU D 337 9.51 22.99 52.74
C GLU D 337 9.63 21.62 52.10
N ASP D 338 10.73 21.40 51.40
CA ASP D 338 10.94 20.13 50.73
C ASP D 338 11.20 19.03 51.76
N VAL D 339 10.98 17.79 51.33
CA VAL D 339 11.07 16.66 52.24
C VAL D 339 12.52 16.46 52.69
N ASP D 340 12.68 16.06 53.94
CA ASP D 340 13.97 15.69 54.50
C ASP D 340 14.20 14.19 54.28
N TYR D 341 15.45 13.77 54.43
CA TYR D 341 15.81 12.39 54.14
C TYR D 341 16.25 11.61 55.38
N ARG D 342 17.20 12.13 56.16
CA ARG D 342 17.69 11.37 57.30
C ARG D 342 16.64 11.28 58.40
N ARG D 343 15.83 12.32 58.60
CA ARG D 343 14.75 12.23 59.58
C ARG D 343 13.73 11.18 59.18
N GLU D 344 13.33 11.18 57.91
CA GLU D 344 12.40 10.16 57.44
C GLU D 344 13.00 8.78 57.59
N ILE D 345 14.29 8.64 57.28
CA ILE D 345 14.95 7.34 57.36
C ILE D 345 14.96 6.84 58.80
N GLU D 346 15.31 7.71 59.75
CA GLU D 346 15.36 7.26 61.14
C GLU D 346 13.96 6.98 61.67
N ARG D 347 12.96 7.75 61.25
CA ARG D 347 11.60 7.50 61.72
C ARG D 347 11.08 6.16 61.18
N ILE D 348 11.33 5.88 59.91
CA ILE D 348 10.87 4.61 59.36
C ILE D 348 11.67 3.46 59.97
N LYS D 349 12.95 3.69 60.29
CA LYS D 349 13.74 2.68 60.98
C LYS D 349 13.17 2.36 62.35
N GLU D 350 12.86 3.37 63.15
CA GLU D 350 12.31 3.10 64.47
C GLU D 350 10.91 2.49 64.39
N GLU D 351 10.16 2.84 63.34
CA GLU D 351 8.89 2.17 63.12
C GLU D 351 9.10 0.69 62.84
N LEU D 352 10.11 0.34 62.05
CA LEU D 352 10.44 -1.06 61.83
C LEU D 352 10.87 -1.73 63.13
N GLU D 353 11.63 -1.03 63.96
CA GLU D 353 12.01 -1.57 65.26
C GLU D 353 10.77 -1.88 66.10
N LYS D 354 9.80 -0.97 66.10
CA LYS D 354 8.54 -1.22 66.77
C LYS D 354 7.84 -2.43 66.18
N LEU D 355 7.94 -2.61 64.86
CA LEU D 355 7.32 -3.77 64.21
C LEU D 355 7.89 -5.07 64.74
N GLY D 356 9.22 -5.14 64.89
CA GLY D 356 9.85 -6.35 65.39
C GLY D 356 10.57 -7.12 64.30
N VAL D 357 11.05 -6.42 63.28
CA VAL D 357 11.84 -7.05 62.23
C VAL D 357 13.31 -7.00 62.61
N MET D 358 13.71 -5.96 63.34
CA MET D 358 14.98 -5.97 64.06
C MET D 358 14.92 -4.95 65.19
N LYS E 1 -17.43 11.95 45.71
CA LYS E 1 -16.54 13.05 45.33
C LYS E 1 -15.17 12.88 45.95
N LYS E 2 -14.79 11.63 46.23
CA LYS E 2 -13.55 11.32 46.91
C LYS E 2 -12.59 10.62 45.96
N ARG E 3 -11.31 10.69 46.30
CA ARG E 3 -10.24 10.13 45.48
C ARG E 3 -9.39 9.21 46.35
N MET E 4 -9.27 7.95 45.92
CA MET E 4 -8.54 6.98 46.73
C MET E 4 -7.02 7.18 46.58
N PRO E 5 -6.26 6.94 47.64
CA PRO E 5 -4.84 7.25 47.62
C PRO E 5 -4.03 6.26 46.79
N ALA E 6 -2.90 6.74 46.30
CA ALA E 6 -1.97 5.91 45.55
C ALA E 6 -1.15 5.04 46.50
N THR E 7 -0.90 3.80 46.08
CA THR E 7 -0.14 2.85 46.86
C THR E 7 1.17 2.53 46.18
N ARG E 8 2.21 2.33 46.97
CA ARG E 8 3.57 2.16 46.45
C ARG E 8 3.89 0.67 46.32
N LEU E 9 4.38 0.27 45.16
CA LEU E 9 4.54 -1.14 44.83
C LEU E 9 5.89 -1.40 44.18
N TYR E 10 6.37 -2.64 44.31
CA TYR E 10 7.40 -3.15 43.43
C TYR E 10 6.77 -3.51 42.09
N ILE E 11 7.53 -3.31 41.02
CA ILE E 11 6.94 -3.51 39.69
C ILE E 11 6.52 -4.96 39.50
N LYS E 12 7.29 -5.91 40.05
CA LYS E 12 6.97 -7.32 39.86
C LYS E 12 5.58 -7.65 40.41
N ASP E 13 5.23 -7.11 41.58
CA ASP E 13 3.89 -7.32 42.08
C ASP E 13 2.84 -6.81 41.12
N ILE E 14 3.15 -5.78 40.35
CA ILE E 14 2.21 -5.30 39.36
C ILE E 14 2.09 -6.29 38.20
N LEU E 15 3.21 -6.82 37.70
CA LEU E 15 3.13 -7.66 36.51
C LEU E 15 2.23 -8.88 36.69
N GLU E 16 2.44 -9.67 37.75
CA GLU E 16 1.64 -10.88 37.89
C GLU E 16 0.54 -10.73 38.93
N GLY E 17 -0.09 -9.57 39.00
CA GLY E 17 -1.32 -9.41 39.76
C GLY E 17 -2.51 -9.90 38.97
N TYR E 18 -3.67 -9.85 39.62
CA TYR E 18 -4.94 -10.28 39.03
C TYR E 18 -5.75 -9.03 38.73
N PHE E 19 -6.05 -8.81 37.45
CA PHE E 19 -6.73 -7.60 37.03
C PHE E 19 -8.24 -7.81 37.03
N VAL E 20 -8.94 -7.01 37.81
CA VAL E 20 -10.40 -7.02 37.82
C VAL E 20 -10.85 -5.82 37.00
N LYS E 21 -11.51 -6.11 35.87
CA LYS E 21 -12.04 -5.09 34.99
C LYS E 21 -13.44 -4.73 35.43
N SER E 22 -13.72 -3.44 35.54
CA SER E 22 -15.01 -3.00 36.03
C SER E 22 -16.12 -3.32 35.01
N GLU E 23 -17.34 -3.47 35.52
CA GLU E 23 -18.50 -3.79 34.70
C GLU E 23 -19.47 -2.64 34.58
N GLY E 24 -19.90 -2.07 35.69
CA GLY E 24 -20.74 -0.90 35.66
C GLY E 24 -19.93 0.33 35.29
N ASP E 25 -20.58 1.48 35.37
CA ASP E 25 -19.90 2.73 35.08
C ASP E 25 -19.53 3.48 36.35
N PHE E 26 -19.95 3.00 37.51
CA PHE E 26 -19.74 3.73 38.76
C PHE E 26 -18.67 3.10 39.63
N GLU E 27 -17.76 2.33 39.04
CA GLU E 27 -16.62 1.78 39.77
C GLU E 27 -15.48 1.57 38.80
N PRO E 28 -14.25 1.73 39.25
CA PRO E 28 -13.10 1.68 38.34
C PRO E 28 -12.45 0.31 38.28
N ASN E 29 -11.57 0.16 37.27
CA ASN E 29 -10.74 -1.03 37.15
C ASN E 29 -9.73 -1.08 38.29
N TYR E 30 -9.32 -2.28 38.67
CA TYR E 30 -8.32 -2.35 39.74
C TYR E 30 -7.53 -3.65 39.64
N LEU E 31 -6.56 -3.78 40.54
CA LEU E 31 -5.61 -4.88 40.56
C LEU E 31 -5.54 -5.47 41.95
N ILE E 32 -5.47 -6.79 42.03
CA ILE E 32 -5.34 -7.52 43.29
C ILE E 32 -4.06 -8.33 43.21
N THR E 33 -3.06 -7.96 44.03
CA THR E 33 -1.80 -8.66 44.01
C THR E 33 -1.95 -10.03 44.67
N LYS E 34 -0.85 -10.78 44.73
CA LYS E 34 -0.90 -12.13 45.26
C LYS E 34 -1.29 -12.14 46.73
N TYR E 35 -0.79 -11.18 47.50
CA TYR E 35 -1.05 -11.14 48.94
C TYR E 35 -2.26 -10.29 49.29
N ALA E 36 -3.25 -10.22 48.39
CA ALA E 36 -4.56 -9.64 48.68
C ALA E 36 -4.46 -8.17 49.09
N ARG E 37 -3.90 -7.37 48.19
CA ARG E 37 -3.86 -5.93 48.34
C ARG E 37 -4.65 -5.30 47.21
N LYS E 38 -5.55 -4.38 47.55
CA LYS E 38 -6.36 -3.71 46.56
C LYS E 38 -5.64 -2.44 46.10
N VAL E 39 -5.25 -2.42 44.83
CA VAL E 39 -4.48 -1.32 44.27
C VAL E 39 -5.33 -0.62 43.21
N TYR E 40 -5.47 0.69 43.35
CA TYR E 40 -6.14 1.53 42.37
C TYR E 40 -5.15 2.35 41.56
N ARG E 41 -4.30 3.12 42.23
CA ARG E 41 -3.36 4.01 41.59
C ARG E 41 -1.96 3.70 42.10
N ALA E 42 -1.02 3.45 41.19
CA ALA E 42 0.33 3.07 41.53
C ALA E 42 1.25 4.28 41.50
N LYS E 43 2.33 4.19 42.27
CA LYS E 43 3.35 5.23 42.33
C LYS E 43 4.70 4.55 42.46
N ILE E 44 5.58 4.74 41.47
CA ILE E 44 6.85 4.04 41.42
C ILE E 44 7.98 5.04 41.25
N VAL E 45 9.19 4.59 41.58
CA VAL E 45 10.41 5.39 41.45
C VAL E 45 11.46 4.52 40.79
N GLY E 46 12.00 4.99 39.66
CA GLY E 46 12.96 4.13 38.98
C GLY E 46 13.59 4.82 37.78
N THR E 47 14.38 4.04 37.06
CA THR E 47 15.11 4.55 35.91
C THR E 47 14.33 4.35 34.62
N VAL E 48 14.76 5.08 33.59
CA VAL E 48 14.20 4.96 32.24
C VAL E 48 15.31 4.47 31.31
N VAL E 49 15.01 3.45 30.53
CA VAL E 49 16.05 2.71 29.81
C VAL E 49 16.08 2.98 28.32
N ARG E 50 15.05 3.62 27.76
CA ARG E 50 14.97 3.79 26.32
C ARG E 50 14.45 5.18 25.99
N GLU E 51 14.70 5.60 24.76
CA GLU E 51 14.22 6.91 24.31
C GLU E 51 12.70 6.89 24.23
N PRO E 52 12.02 7.93 24.70
CA PRO E 52 10.56 7.96 24.59
C PRO E 52 10.11 7.91 23.14
N LEU E 53 9.03 7.18 22.89
CA LEU E 53 8.46 7.02 21.56
C LEU E 53 7.13 7.75 21.53
N ILE E 54 7.08 8.87 20.82
CA ILE E 54 5.88 9.69 20.70
C ILE E 54 5.56 9.87 19.22
N ALA E 55 4.30 9.68 18.86
CA ALA E 55 3.90 9.85 17.48
C ALA E 55 4.05 11.30 17.06
N GLU E 56 4.17 11.50 15.75
CA GLU E 56 4.39 12.85 15.21
C GLU E 56 3.22 13.79 15.53
N ASP E 57 2.00 13.26 15.58
CA ASP E 57 0.82 14.07 15.83
C ASP E 57 0.43 14.12 17.30
N GLU E 58 1.41 13.94 18.20
CA GLU E 58 1.21 13.98 19.65
C GLU E 58 -0.12 13.35 20.10
N THR E 59 -0.45 12.21 19.48
CA THR E 59 -1.63 11.47 19.92
C THR E 59 -1.32 10.61 21.13
N TYR E 60 -0.25 9.82 21.06
CA TYR E 60 0.13 8.94 22.16
C TYR E 60 1.63 8.96 22.34
N GLY E 61 2.07 8.80 23.59
CA GLY E 61 3.48 8.76 23.89
C GLY E 61 3.80 7.80 25.00
N LYS E 62 4.70 6.85 24.76
CA LYS E 62 4.96 5.77 25.70
C LYS E 62 6.45 5.51 25.81
N PHE E 63 6.86 5.04 26.98
CA PHE E 63 8.27 4.71 27.21
C PHE E 63 8.33 3.63 28.28
N GLN E 64 9.54 3.36 28.78
CA GLN E 64 9.77 2.22 29.65
C GLN E 64 10.35 2.65 30.97
N VAL E 65 9.99 1.93 32.04
CA VAL E 65 10.55 2.16 33.36
C VAL E 65 10.97 0.82 33.96
N ASP E 66 12.10 0.82 34.67
CA ASP E 66 12.65 -0.36 35.31
C ASP E 66 13.08 -0.01 36.73
N ASP E 67 12.59 -0.77 37.71
CA ASP E 67 12.99 -0.57 39.09
C ASP E 67 13.99 -1.64 39.53
N GLY E 68 14.59 -2.35 38.59
CA GLY E 68 15.42 -3.49 38.91
C GLY E 68 14.66 -4.75 39.21
N THR E 69 13.36 -4.77 38.95
CA THR E 69 12.53 -5.92 39.23
C THR E 69 11.59 -6.27 38.09
N GLY E 70 11.44 -5.41 37.09
CA GLY E 70 10.60 -5.70 35.93
C GLY E 70 10.67 -4.56 34.95
N VAL E 71 9.93 -4.73 33.85
CA VAL E 71 9.85 -3.74 32.79
C VAL E 71 8.40 -3.31 32.66
N ILE E 72 8.14 -1.99 32.70
CA ILE E 72 6.77 -1.51 32.64
C ILE E 72 6.66 -0.46 31.55
N TRP E 73 5.60 -0.58 30.74
CA TRP E 73 5.31 0.34 29.65
C TRP E 73 4.44 1.47 30.19
N VAL E 74 5.02 2.65 30.37
CA VAL E 74 4.29 3.81 30.83
C VAL E 74 3.77 4.55 29.60
N LEU E 75 2.44 4.67 29.51
CA LEU E 75 1.77 5.27 28.37
C LEU E 75 1.09 6.57 28.76
N GLY E 76 0.93 7.46 27.79
CA GLY E 76 0.13 8.64 27.95
C GLY E 76 -0.63 8.95 26.67
N PHE E 77 -1.94 9.06 26.74
CA PHE E 77 -2.78 9.17 25.56
C PHE E 77 -3.32 10.58 25.39
N ARG E 78 -3.64 10.92 24.15
CA ARG E 78 -4.24 12.20 23.79
C ARG E 78 -3.43 13.37 24.34
N ASP E 79 -4.06 14.19 25.18
CA ASP E 79 -3.40 15.37 25.72
C ASP E 79 -2.49 15.05 26.89
N ASP E 80 -2.32 13.78 27.23
CA ASP E 80 -1.37 13.40 28.27
C ASP E 80 0.05 13.28 27.74
N THR E 81 0.25 13.35 26.42
CA THR E 81 1.58 13.23 25.87
C THR E 81 2.51 14.32 26.35
N LYS E 82 1.97 15.43 26.86
CA LYS E 82 2.84 16.45 27.43
C LYS E 82 3.73 15.86 28.52
N PHE E 83 3.18 14.92 29.30
CA PHE E 83 3.99 14.24 30.30
C PHE E 83 5.16 13.52 29.67
N ALA E 84 4.90 12.82 28.56
CA ALA E 84 5.97 12.11 27.85
C ALA E 84 6.98 13.05 27.23
N LYS E 85 6.69 14.35 27.19
CA LYS E 85 7.68 15.33 26.73
C LYS E 85 8.60 15.80 27.84
N LEU E 86 8.44 15.31 29.06
CA LEU E 86 9.24 15.74 30.19
C LEU E 86 10.38 14.79 30.52
N VAL E 87 10.55 13.71 29.77
CA VAL E 87 11.47 12.63 30.11
C VAL E 87 12.50 12.46 29.00
N ARG E 88 13.76 12.39 29.38
CA ARG E 88 14.85 12.03 28.48
C ARG E 88 15.51 10.76 29.01
N LYS E 89 15.84 9.85 28.10
CA LYS E 89 16.39 8.57 28.50
C LYS E 89 17.67 8.75 29.29
N GLY E 90 17.73 8.12 30.46
CA GLY E 90 18.89 8.18 31.31
C GLY E 90 18.76 8.99 32.58
N ASP E 91 17.57 9.04 33.18
CA ASP E 91 17.37 9.82 34.39
C ASP E 91 16.39 9.12 35.32
N LEU E 92 16.63 9.26 36.62
CA LEU E 92 15.69 8.77 37.61
C LEU E 92 14.38 9.55 37.51
N VAL E 93 13.26 8.86 37.66
CA VAL E 93 11.95 9.49 37.60
C VAL E 93 11.08 8.92 38.72
N GLN E 94 10.03 9.68 39.05
CA GLN E 94 8.94 9.25 39.90
C GLN E 94 7.64 9.36 39.11
N VAL E 95 6.88 8.29 39.05
CA VAL E 95 5.69 8.19 38.22
C VAL E 95 4.50 7.85 39.09
N ILE E 96 3.33 8.43 38.77
CA ILE E 96 2.08 8.09 39.43
C ILE E 96 0.99 7.97 38.38
N GLY E 97 0.19 6.92 38.45
CA GLY E 97 -0.88 6.77 37.50
C GLY E 97 -1.69 5.51 37.71
N LYS E 98 -2.70 5.35 36.86
CA LYS E 98 -3.62 4.22 36.92
C LYS E 98 -3.01 2.97 36.29
N ILE E 99 -3.70 1.84 36.46
CA ILE E 99 -3.27 0.54 35.93
C ILE E 99 -4.33 0.03 34.96
N ALA E 100 -3.89 -0.45 33.80
CA ALA E 100 -4.80 -0.97 32.80
C ALA E 100 -4.11 -2.11 32.04
N GLU E 101 -4.87 -2.75 31.15
CA GLU E 101 -4.42 -3.96 30.46
C GLU E 101 -4.39 -3.77 28.96
N TRP E 102 -3.50 -4.52 28.30
CA TRP E 102 -3.42 -4.58 26.84
C TRP E 102 -2.55 -5.77 26.47
N ARG E 103 -3.04 -6.60 25.54
CA ARG E 103 -2.29 -7.74 24.99
C ARG E 103 -1.61 -8.57 26.09
N ASP E 104 -2.28 -8.69 27.24
CA ASP E 104 -1.79 -9.46 28.39
C ASP E 104 -0.43 -8.93 28.86
N ASP E 105 -0.44 -7.69 29.32
CA ASP E 105 0.74 -7.06 29.90
C ASP E 105 0.27 -5.86 30.71
N LYS E 106 0.87 -5.65 31.87
CA LYS E 106 0.47 -4.55 32.73
C LYS E 106 1.04 -3.24 32.19
N GLN E 107 0.20 -2.22 32.14
CA GLN E 107 0.59 -0.91 31.66
C GLN E 107 0.01 0.16 32.57
N ILE E 108 0.79 1.20 32.80
CA ILE E 108 0.40 2.30 33.67
C ILE E 108 -0.05 3.46 32.81
N LEU E 109 -1.33 3.80 32.88
CA LEU E 109 -1.84 5.01 32.24
C LEU E 109 -1.36 6.20 33.05
N VAL E 110 -0.46 6.99 32.48
CA VAL E 110 0.25 8.00 33.26
C VAL E 110 -0.72 9.08 33.71
N GLU E 111 -0.43 9.65 34.87
CA GLU E 111 -1.11 10.83 35.36
C GLU E 111 -0.15 11.90 35.85
N GLY E 112 1.05 11.53 36.28
CA GLY E 112 2.06 12.52 36.61
C GLY E 112 3.43 11.89 36.63
N VAL E 113 4.43 12.68 36.24
CA VAL E 113 5.81 12.20 36.21
C VAL E 113 6.72 13.35 36.59
N SER E 114 7.80 13.04 37.31
CA SER E 114 8.70 14.07 37.77
C SER E 114 10.11 13.52 37.89
N LYS E 115 11.09 14.42 37.92
CA LYS E 115 12.47 14.05 38.18
C LYS E 115 12.73 14.16 39.68
N VAL E 116 13.60 13.28 40.18
CA VAL E 116 13.70 13.10 41.62
C VAL E 116 15.10 12.64 41.99
N HIS E 117 15.52 12.97 43.20
CA HIS E 117 16.83 12.62 43.72
C HIS E 117 16.89 11.14 44.12
N PRO E 118 18.08 10.54 44.15
CA PRO E 118 18.19 9.15 44.61
C PRO E 118 17.68 8.91 46.02
N ASN E 119 17.86 9.88 46.93
CA ASN E 119 17.41 9.68 48.30
C ASN E 119 15.94 9.27 48.34
N MET E 120 15.13 9.83 47.44
CA MET E 120 13.75 9.39 47.35
C MET E 120 13.64 7.98 46.83
N TRP E 121 14.61 7.52 46.03
CA TRP E 121 14.61 6.12 45.62
C TRP E 121 14.81 5.20 46.83
N ILE E 122 15.74 5.56 47.71
CA ILE E 122 15.90 4.81 48.94
C ILE E 122 14.62 4.86 49.78
N LEU E 123 14.00 6.04 49.84
CA LEU E 123 12.75 6.18 50.58
C LEU E 123 11.67 5.26 50.01
N HIS E 124 11.58 5.17 48.68
CA HIS E 124 10.61 4.28 48.07
C HIS E 124 10.89 2.84 48.46
N ARG E 125 12.16 2.44 48.45
CA ARG E 125 12.52 1.08 48.87
C ARG E 125 11.99 0.79 50.27
N TYR E 126 12.33 1.67 51.22
CA TYR E 126 11.94 1.45 52.61
C TYR E 126 10.42 1.40 52.75
N GLU E 127 9.73 2.36 52.13
CA GLU E 127 8.28 2.44 52.29
C GLU E 127 7.60 1.20 51.72
N THR E 128 7.98 0.78 50.51
CA THR E 128 7.32 -0.38 49.93
C THR E 128 7.61 -1.63 50.74
N LEU E 129 8.83 -1.75 51.28
CA LEU E 129 9.15 -2.93 52.08
C LEU E 129 8.28 -2.99 53.33
N LYS E 130 8.17 -1.87 54.06
CA LYS E 130 7.38 -1.90 55.29
C LYS E 130 5.91 -2.15 54.98
N GLU E 131 5.39 -1.52 53.92
CA GLU E 131 3.98 -1.73 53.59
C GLU E 131 3.73 -3.18 53.22
N LYS E 132 4.64 -3.78 52.45
CA LYS E 132 4.46 -5.17 52.06
C LYS E 132 4.44 -6.09 53.27
N ILE E 133 5.39 -5.90 54.20
CA ILE E 133 5.43 -6.80 55.35
C ILE E 133 4.20 -6.60 56.24
N GLU E 134 3.74 -5.35 56.37
CA GLU E 134 2.53 -5.10 57.14
C GLU E 134 1.35 -5.85 56.55
N HIS E 135 1.16 -5.73 55.23
CA HIS E 135 0.03 -6.41 54.61
C HIS E 135 0.18 -7.92 54.68
N ILE E 136 1.40 -8.44 54.58
CA ILE E 136 1.60 -9.88 54.72
C ILE E 136 1.10 -10.36 56.07
N LYS E 137 1.53 -9.71 57.16
CA LYS E 137 1.12 -10.25 58.46
C LYS E 137 -0.37 -10.07 58.66
N LYS E 138 -0.94 -8.95 58.22
CA LYS E 138 -2.38 -8.75 58.40
C LYS E 138 -3.18 -9.79 57.62
N ALA E 139 -2.78 -10.08 56.38
CA ALA E 139 -3.47 -11.10 55.60
C ALA E 139 -3.31 -12.47 56.22
N LYS E 140 -2.12 -12.78 56.75
CA LYS E 140 -1.93 -14.07 57.40
C LYS E 140 -2.86 -14.20 58.61
N ILE E 141 -3.02 -13.13 59.38
CA ILE E 141 -3.95 -13.16 60.50
C ILE E 141 -5.38 -13.38 60.00
N ALA E 142 -5.75 -12.73 58.91
CA ALA E 142 -7.11 -12.86 58.40
C ALA E 142 -7.38 -14.20 57.73
N LEU E 143 -6.33 -14.92 57.34
CA LEU E 143 -6.50 -16.14 56.56
C LEU E 143 -7.33 -17.18 57.33
N GLU E 144 -6.92 -17.49 58.56
CA GLU E 144 -7.63 -18.51 59.32
C GLU E 144 -9.03 -18.06 59.68
N ILE E 145 -9.22 -16.76 59.93
CA ILE E 145 -10.56 -16.25 60.22
C ILE E 145 -11.48 -16.46 59.04
N TYR E 146 -10.98 -16.20 57.83
CA TYR E 146 -11.78 -16.49 56.64
C TYR E 146 -12.02 -17.99 56.50
N ASN E 147 -10.98 -18.80 56.72
CA ASN E 147 -11.08 -20.23 56.43
C ASN E 147 -12.07 -20.91 57.37
N GLN E 148 -12.10 -20.51 58.65
CA GLN E 148 -12.92 -21.23 59.61
C GLN E 148 -14.42 -21.00 59.39
N TYR E 149 -14.82 -19.80 58.98
CA TYR E 149 -16.23 -19.54 58.73
C TYR E 149 -16.51 -18.97 57.34
N GLY E 150 -15.66 -18.07 56.84
CA GLY E 150 -15.98 -17.38 55.61
C GLY E 150 -16.59 -16.02 55.87
N ILE E 151 -17.61 -15.66 55.09
CA ILE E 151 -18.31 -14.38 55.25
C ILE E 151 -19.61 -14.68 55.98
N THR E 152 -19.58 -14.58 57.30
CA THR E 152 -20.77 -14.68 58.14
C THR E 152 -20.77 -13.52 59.13
N ALA E 153 -21.96 -13.15 59.58
CA ALA E 153 -22.09 -12.02 60.50
C ALA E 153 -21.22 -12.21 61.73
N LYS E 154 -21.21 -13.43 62.27
CA LYS E 154 -20.30 -13.74 63.37
C LYS E 154 -18.84 -13.57 62.95
N SER E 155 -18.51 -13.97 61.72
CA SER E 155 -17.14 -13.81 61.25
C SER E 155 -16.77 -12.34 61.16
N LYS E 156 -17.66 -11.50 60.65
CA LYS E 156 -17.37 -10.07 60.60
C LYS E 156 -17.21 -9.50 62.01
N VAL E 157 -18.08 -9.91 62.94
CA VAL E 157 -18.00 -9.38 64.30
C VAL E 157 -16.68 -9.76 64.94
N ILE E 158 -16.29 -11.03 64.83
CA ILE E 158 -15.05 -11.47 65.48
C ILE E 158 -13.84 -10.85 64.80
N ALA E 159 -13.87 -10.69 63.47
CA ALA E 159 -12.78 -10.00 62.79
C ALA E 159 -12.65 -8.57 63.29
N LYS E 160 -13.77 -7.90 63.52
CA LYS E 160 -13.73 -6.57 64.12
C LYS E 160 -13.13 -6.64 65.52
N ASN E 161 -13.45 -7.71 66.27
CA ASN E 161 -12.88 -7.86 67.61
C ASN E 161 -11.36 -7.95 67.55
N LYS E 162 -10.82 -8.73 66.62
CA LYS E 162 -9.37 -8.70 66.44
C LYS E 162 -8.88 -7.42 65.79
N GLY E 163 -9.78 -6.57 65.30
CA GLY E 163 -9.37 -5.31 64.70
C GLY E 163 -8.94 -5.42 63.26
N ILE E 164 -9.36 -6.46 62.54
CA ILE E 164 -9.05 -6.63 61.13
C ILE E 164 -10.09 -5.85 60.33
N GLU E 165 -9.62 -5.07 59.36
CA GLU E 165 -10.52 -4.24 58.57
C GLU E 165 -11.49 -5.11 57.76
N GLU E 166 -12.67 -4.53 57.50
CA GLU E 166 -13.74 -5.29 56.87
C GLU E 166 -13.38 -5.73 55.46
N GLU E 167 -12.65 -4.88 54.73
CA GLU E 167 -12.44 -5.13 53.30
C GLU E 167 -11.68 -6.44 53.04
N LEU E 168 -10.68 -6.75 53.87
CA LEU E 168 -9.83 -7.89 53.60
C LEU E 168 -10.62 -9.18 53.45
N LEU E 169 -11.75 -9.30 54.16
CA LEU E 169 -12.57 -10.50 54.04
C LEU E 169 -13.05 -10.70 52.61
N GLU E 170 -13.67 -9.67 52.02
CA GLU E 170 -14.17 -9.83 50.66
C GLU E 170 -13.05 -9.82 49.64
N VAL E 171 -11.92 -9.18 49.95
CA VAL E 171 -10.76 -9.31 49.07
C VAL E 171 -10.32 -10.76 48.99
N ILE E 172 -10.22 -11.43 50.14
CA ILE E 172 -9.87 -12.85 50.15
C ILE E 172 -10.94 -13.67 49.44
N ASP E 173 -12.21 -13.32 49.65
CA ASP E 173 -13.28 -14.06 48.99
C ASP E 173 -13.16 -13.98 47.48
N GLU E 174 -12.91 -12.77 46.94
CA GLU E 174 -12.79 -12.62 45.50
C GLU E 174 -11.53 -13.30 44.98
N LEU E 175 -10.45 -13.24 45.75
CA LEU E 175 -9.22 -13.94 45.36
C LEU E 175 -9.45 -15.45 45.27
N TYR E 176 -10.13 -16.00 46.27
CA TYR E 176 -10.43 -17.43 46.24
C TYR E 176 -11.37 -17.77 45.09
N GLY E 177 -12.34 -16.90 44.82
CA GLY E 177 -13.24 -17.13 43.71
C GLY E 177 -12.52 -17.13 42.37
N ILE E 178 -11.57 -16.22 42.19
CA ILE E 178 -10.80 -16.22 40.95
C ILE E 178 -9.76 -17.33 40.92
N MET E 179 -9.50 -17.98 42.06
CA MET E 179 -8.68 -19.18 42.03
C MET E 179 -9.31 -20.27 41.16
N MET E 180 -10.62 -20.49 41.30
CA MET E 180 -11.31 -21.49 40.48
C MET E 180 -11.42 -21.03 39.04
N ARG F 1 8.42 -11.70 24.19
CA ARG F 1 9.38 -11.80 25.29
C ARG F 1 9.66 -10.42 25.88
N ARG F 2 9.20 -10.19 27.10
CA ARG F 2 9.44 -8.90 27.74
C ARG F 2 10.91 -8.75 28.07
N ARG F 3 11.36 -7.50 28.14
CA ARG F 3 12.75 -7.23 28.45
C ARG F 3 13.08 -7.74 29.85
N LYS F 4 14.29 -8.25 30.01
CA LYS F 4 14.73 -8.74 31.29
C LYS F 4 15.05 -7.58 32.23
N PRO F 5 14.82 -7.74 33.53
CA PRO F 5 15.10 -6.65 34.45
C PRO F 5 16.57 -6.60 34.85
N ALA F 6 17.03 -5.40 35.16
CA ALA F 6 18.38 -5.23 35.68
C ALA F 6 18.49 -5.86 37.06
N VAL F 7 19.67 -6.38 37.38
CA VAL F 7 19.96 -6.97 38.68
C VAL F 7 21.22 -6.32 39.22
N GLU F 8 21.14 -5.81 40.45
CA GLU F 8 22.27 -5.13 41.08
C GLU F 8 23.19 -6.16 41.72
N ARG F 9 24.46 -6.14 41.31
CA ARG F 9 25.47 -7.02 41.88
C ARG F 9 26.79 -6.26 41.94
N LYS F 10 27.74 -6.83 42.68
CA LYS F 10 29.06 -6.23 42.80
C LYS F 10 30.06 -6.97 41.91
N ILE F 11 31.19 -6.30 41.63
CA ILE F 11 32.16 -6.85 40.69
C ILE F 11 32.70 -8.19 41.17
N SER F 12 33.09 -8.26 42.45
CA SER F 12 33.63 -9.50 42.98
C SER F 12 32.61 -10.62 43.07
N GLU F 13 31.32 -10.30 42.89
CA GLU F 13 30.25 -11.27 43.01
C GLU F 13 29.42 -11.34 41.72
N ILE F 14 30.05 -11.06 40.58
CA ILE F 14 29.39 -11.14 39.29
C ILE F 14 29.14 -12.63 38.98
N ARG F 15 27.94 -12.95 38.52
CA ARG F 15 27.62 -14.32 38.20
C ARG F 15 27.66 -14.56 36.70
N GLU F 16 27.83 -15.83 36.32
CA GLU F 16 27.96 -16.19 34.91
C GLU F 16 26.64 -16.12 34.16
N GLU F 17 25.52 -16.53 34.78
CA GLU F 17 24.24 -16.58 34.11
C GLU F 17 23.64 -15.20 33.85
N ASP F 18 24.21 -14.15 34.43
CA ASP F 18 23.67 -12.82 34.25
C ASP F 18 23.93 -12.29 32.85
N THR F 19 23.12 -11.31 32.43
CA THR F 19 23.35 -10.59 31.19
C THR F 19 23.39 -9.07 31.38
N ARG F 20 22.43 -8.49 32.10
CA ARG F 20 22.38 -7.06 32.35
C ARG F 20 22.75 -6.78 33.80
N VAL F 21 23.63 -5.80 34.00
CA VAL F 21 24.20 -5.50 35.31
C VAL F 21 24.18 -4.00 35.56
N SER F 22 23.76 -3.63 36.77
CA SER F 22 23.89 -2.27 37.27
C SER F 22 25.00 -2.25 38.31
N LEU F 23 25.94 -1.33 38.15
CA LEU F 23 27.12 -1.29 38.99
C LEU F 23 27.33 0.12 39.52
N ILE F 24 27.62 0.21 40.81
CA ILE F 24 27.78 1.48 41.51
C ILE F 24 29.21 1.56 42.01
N GLY F 25 29.90 2.64 41.69
CA GLY F 25 31.27 2.76 42.17
C GLY F 25 31.98 3.97 41.59
N ARG F 26 33.29 4.01 41.84
CA ARG F 26 34.15 5.12 41.45
C ARG F 26 35.01 4.73 40.25
N VAL F 27 35.15 5.66 39.32
CA VAL F 27 36.09 5.47 38.21
C VAL F 27 37.47 5.93 38.65
N ILE F 28 38.49 5.17 38.29
CA ILE F 28 39.87 5.51 38.60
C ILE F 28 40.52 6.30 37.48
N LYS F 29 40.36 5.85 36.23
CA LYS F 29 40.89 6.57 35.09
C LYS F 29 40.29 6.01 33.80
N VAL F 30 40.43 6.80 32.74
CA VAL F 30 39.67 6.63 31.50
C VAL F 30 40.66 6.65 30.34
N ASP F 31 40.47 5.77 29.37
CA ASP F 31 41.17 5.88 28.09
C ASP F 31 40.18 6.38 27.03
N LYS F 32 40.53 7.47 26.37
CA LYS F 32 39.58 8.17 25.50
C LYS F 32 39.64 7.65 24.07
N MET F 33 40.79 7.13 23.63
CA MET F 33 40.88 6.63 22.26
C MET F 33 39.94 5.44 22.05
N ASP F 34 39.60 4.73 23.13
CA ASP F 34 38.74 3.57 23.06
C ASP F 34 37.34 3.87 23.60
N TYR F 35 37.12 5.06 24.13
CA TYR F 35 35.88 5.42 24.82
C TYR F 35 35.58 4.43 25.94
N MET F 36 36.58 4.17 26.78
CA MET F 36 36.44 3.16 27.82
C MET F 36 37.06 3.68 29.11
N PHE F 37 36.67 3.08 30.23
CA PHE F 37 37.21 3.51 31.50
C PHE F 37 37.22 2.36 32.49
N TRP F 38 37.95 2.55 33.58
CA TRP F 38 38.08 1.57 34.64
C TRP F 38 37.28 2.01 35.86
N LEU F 39 36.37 1.15 36.30
CA LEU F 39 35.46 1.45 37.39
C LEU F 39 35.81 0.60 38.61
N ASP F 40 35.89 1.23 39.77
CA ASP F 40 36.24 0.56 41.01
C ASP F 40 35.02 0.58 41.93
N ASP F 41 34.74 -0.56 42.56
CA ASP F 41 33.59 -0.72 43.44
C ASP F 41 33.97 -0.78 44.92
N GLY F 42 35.24 -1.05 45.22
CA GLY F 42 35.65 -1.31 46.59
C GLY F 42 36.04 -2.76 46.77
N THR F 43 35.66 -3.60 45.81
CA THR F 43 36.04 -5.01 45.81
C THR F 43 36.65 -5.46 44.49
N GLY F 44 36.77 -4.58 43.51
CA GLY F 44 37.36 -4.99 42.24
C GLY F 44 37.36 -3.84 41.25
N VAL F 45 37.92 -4.12 40.08
CA VAL F 45 38.01 -3.16 38.99
C VAL F 45 37.42 -3.79 37.74
N ALA F 46 36.61 -3.03 37.02
CA ALA F 46 35.93 -3.52 35.84
C ALA F 46 36.17 -2.57 34.66
N ILE F 47 36.07 -3.13 33.46
CA ILE F 47 36.18 -2.39 32.21
C ILE F 47 34.78 -2.00 31.77
N ILE F 48 34.55 -0.69 31.63
CA ILE F 48 33.24 -0.18 31.24
C ILE F 48 33.41 0.57 29.93
N GLU F 49 32.63 0.19 28.92
CA GLU F 49 32.77 0.69 27.56
C GLU F 49 31.70 1.75 27.30
N SER F 50 32.11 3.02 27.31
CA SER F 50 31.19 4.11 27.04
C SER F 50 30.92 4.24 25.55
N GLU F 51 29.75 4.77 25.22
CA GLU F 51 29.33 4.96 23.84
C GLU F 51 29.44 6.41 23.39
N SER F 52 28.81 7.34 24.11
CA SER F 52 28.82 8.74 23.72
C SER F 52 29.23 9.70 24.82
N ASP F 53 29.06 9.35 26.09
CA ASP F 53 29.41 10.23 27.19
C ASP F 53 30.55 9.62 27.99
N LEU F 54 31.52 10.45 28.36
CA LEU F 54 32.65 10.00 29.14
C LEU F 54 32.65 10.66 30.51
N PRO F 55 32.86 9.90 31.58
CA PRO F 55 32.86 10.48 32.92
C PRO F 55 34.17 11.16 33.26
N LYS F 56 34.29 11.65 34.49
CA LYS F 56 35.51 12.27 34.97
C LYS F 56 36.03 11.46 36.16
N VAL F 57 37.33 11.56 36.42
CA VAL F 57 37.96 10.75 37.45
C VAL F 57 37.51 11.24 38.82
N GLY F 58 37.08 10.31 39.67
CA GLY F 58 36.84 10.59 41.06
C GLY F 58 35.41 10.86 41.48
N GLN F 59 34.43 10.46 40.66
CA GLN F 59 33.02 10.59 41.03
C GLN F 59 32.39 9.23 41.17
N VAL F 60 31.53 9.07 42.17
CA VAL F 60 30.76 7.84 42.37
C VAL F 60 29.55 7.90 41.46
N VAL F 61 29.43 6.92 40.57
CA VAL F 61 28.37 6.89 39.59
C VAL F 61 27.77 5.49 39.53
N ARG F 62 26.59 5.41 38.92
CA ARG F 62 25.88 4.17 38.71
C ARG F 62 25.68 3.95 37.22
N VAL F 63 26.06 2.78 36.72
CA VAL F 63 25.98 2.48 35.30
C VAL F 63 25.18 1.19 35.12
N ILE F 64 24.16 1.25 34.26
CA ILE F 64 23.45 0.06 33.83
C ILE F 64 23.92 -0.31 32.43
N GLY F 65 24.28 -1.58 32.26
CA GLY F 65 24.85 -2.01 31.00
C GLY F 65 24.73 -3.50 30.80
N ARG F 66 25.34 -3.96 29.71
CA ARG F 66 25.30 -5.35 29.29
C ARG F 66 26.69 -5.95 29.44
N ILE F 67 26.75 -7.22 29.83
CA ILE F 67 28.02 -7.91 29.97
C ILE F 67 28.29 -8.69 28.70
N ILE F 68 29.57 -8.85 28.35
CA ILE F 68 29.98 -9.65 27.21
C ILE F 68 31.06 -10.61 27.69
N ARG F 69 30.91 -11.89 27.37
CA ARG F 69 31.87 -12.91 27.76
C ARG F 69 32.58 -13.44 26.53
N ASN F 70 33.91 -13.38 26.55
CA ASN F 70 34.74 -13.88 25.46
C ASN F 70 36.09 -14.32 26.03
N GLU F 71 37.00 -14.69 25.14
CA GLU F 71 38.34 -15.07 25.57
C GLU F 71 39.12 -13.87 26.08
N GLU F 72 38.79 -12.66 25.59
CA GLU F 72 39.52 -11.47 26.02
C GLU F 72 39.34 -11.23 27.52
N GLY F 73 38.13 -11.39 28.02
CA GLY F 73 37.89 -11.18 29.45
C GLY F 73 36.50 -10.63 29.69
N ILE F 74 36.39 -9.81 30.72
CA ILE F 74 35.13 -9.24 31.17
C ILE F 74 35.15 -7.76 30.83
N HIS F 75 34.46 -7.38 29.76
CA HIS F 75 34.27 -5.98 29.39
C HIS F 75 32.79 -5.70 29.33
N ILE F 76 32.38 -4.59 29.94
CA ILE F 76 30.97 -4.30 30.17
C ILE F 76 30.55 -3.20 29.22
N TYR F 77 29.54 -3.48 28.40
CA TYR F 77 28.99 -2.49 27.48
C TYR F 77 28.04 -1.60 28.28
N ALA F 78 28.49 -0.38 28.59
CA ALA F 78 27.64 0.56 29.30
C ALA F 78 26.49 1.01 28.41
N GLU F 79 25.31 1.17 29.02
CA GLU F 79 24.16 1.72 28.33
C GLU F 79 23.74 3.07 28.90
N VAL F 80 23.51 3.17 30.21
CA VAL F 80 23.11 4.42 30.82
C VAL F 80 23.99 4.70 32.03
N ILE F 81 24.52 5.91 32.10
CA ILE F 81 25.40 6.35 33.17
C ILE F 81 24.72 7.49 33.92
N GLN F 82 24.74 7.42 35.25
CA GLN F 82 24.09 8.43 36.08
C GLN F 82 24.99 8.80 37.25
N ASP F 83 24.89 10.05 37.68
CA ASP F 83 25.69 10.57 38.77
C ASP F 83 25.10 10.19 40.12
N PHE F 84 25.97 9.83 41.06
CA PHE F 84 25.55 9.49 42.41
C PHE F 84 26.47 10.04 43.49
N SER F 85 27.46 10.86 43.14
CA SER F 85 28.47 11.26 44.12
C SER F 85 27.87 12.09 45.23
N ASP F 86 26.74 12.71 44.97
CA ASP F 86 26.07 13.49 45.98
C ASP F 86 25.07 12.63 46.72
N ALA F 87 25.41 11.37 46.99
CA ALA F 87 24.44 10.48 47.61
C ALA F 87 24.99 9.60 48.73
N ASP F 88 24.08 8.87 49.39
CA ASP F 88 24.46 7.93 50.44
C ASP F 88 24.71 6.55 49.86
N LEU F 89 25.53 5.78 50.54
CA LEU F 89 25.83 4.41 50.10
C LEU F 89 25.70 3.42 51.25
N GLU F 90 25.91 3.88 52.49
CA GLU F 90 25.79 2.99 53.64
C GLU F 90 24.38 2.45 53.78
N ALA F 91 23.38 3.35 53.73
CA ALA F 91 21.99 2.92 53.81
C ALA F 91 21.62 2.07 52.60
N LEU F 92 22.20 2.37 51.44
CA LEU F 92 21.96 1.55 50.26
C LEU F 92 22.43 0.12 50.49
N GLU F 93 23.65 -0.04 50.98
CA GLU F 93 24.15 -1.39 51.27
C GLU F 93 23.33 -2.07 52.35
N GLU F 94 22.92 -1.30 53.37
CA GLU F 94 22.11 -1.86 54.46
C GLU F 94 20.80 -2.42 53.94
N ILE F 95 20.07 -1.61 53.15
CA ILE F 95 18.82 -2.09 52.59
C ILE F 95 19.09 -3.23 51.61
N ARG F 96 20.27 -3.28 51.00
CA ARG F 96 20.58 -4.43 50.15
C ARG F 96 20.63 -5.71 50.97
N GLU F 97 21.36 -5.70 52.10
CA GLU F 97 21.40 -6.91 52.91
C GLU F 97 20.02 -7.27 53.44
N LEU F 98 19.27 -6.27 53.92
CA LEU F 98 17.93 -6.54 54.44
C LEU F 98 17.03 -7.12 53.37
N GLU F 99 17.08 -6.55 52.17
CA GLU F 99 16.25 -6.98 51.06
C GLU F 99 16.58 -8.43 50.70
N ARG F 100 17.87 -8.75 50.64
CA ARG F 100 18.29 -10.11 50.31
C ARG F 100 17.92 -11.12 51.39
N LYS F 101 17.97 -10.72 52.65
CA LYS F 101 17.64 -11.65 53.72
C LYS F 101 16.16 -11.71 54.04
N LEU F 102 15.34 -10.86 53.43
CA LEU F 102 13.90 -10.93 53.60
C LEU F 102 13.16 -11.53 52.43
N LEU F 103 13.55 -11.24 51.19
CA LEU F 103 12.76 -11.72 50.04
C LEU F 103 12.52 -13.23 50.01
N PRO F 104 13.50 -14.10 50.29
CA PRO F 104 13.24 -15.54 50.09
C PRO F 104 12.00 -16.06 50.79
N ARG F 105 11.67 -15.55 51.97
CA ARG F 105 10.57 -16.08 52.75
C ARG F 105 9.27 -15.31 52.58
N LEU F 106 9.32 -14.06 52.10
CA LEU F 106 8.12 -13.22 52.04
C LEU F 106 7.00 -13.89 51.26
N GLU F 107 7.30 -14.33 50.04
CA GLU F 107 6.29 -15.01 49.24
C GLU F 107 6.08 -16.45 49.66
N GLY F 108 6.93 -16.97 50.56
CA GLY F 108 6.76 -18.34 51.01
C GLY F 108 5.45 -18.58 51.71
N GLU F 109 5.05 -17.64 52.59
CA GLU F 109 3.79 -17.78 53.27
C GLU F 109 2.64 -17.28 52.40
N ILE F 110 1.43 -17.35 52.96
CA ILE F 110 0.19 -16.95 52.29
C ILE F 110 -0.02 -17.82 51.06
N VAL F 111 -0.75 -18.90 51.21
CA VAL F 111 -1.07 -19.77 50.09
C VAL F 111 -2.24 -19.16 49.33
N TRP F 112 -2.13 -19.14 48.00
CA TRP F 112 -3.07 -18.46 47.09
C TRP F 112 -3.54 -17.09 47.61
N THR G 184 -49.25 -15.58 22.83
CA THR G 184 -48.71 -14.46 22.04
C THR G 184 -47.77 -13.60 22.87
N TYR G 185 -46.81 -12.99 22.19
CA TYR G 185 -45.87 -12.10 22.86
C TYR G 185 -46.37 -10.67 22.84
N THR G 186 -46.03 -9.93 23.89
CA THR G 186 -46.45 -8.55 24.06
C THR G 186 -45.23 -7.63 24.07
N ARG G 187 -45.31 -6.54 23.31
CA ARG G 187 -44.22 -5.58 23.24
C ARG G 187 -44.31 -4.62 24.41
N LYS G 188 -43.17 -4.37 25.06
CA LYS G 188 -43.12 -3.51 26.22
C LYS G 188 -41.76 -2.85 26.31
N LYS G 189 -41.76 -1.60 26.76
CA LYS G 189 -40.51 -0.89 26.97
C LYS G 189 -39.72 -1.55 28.10
N ILE G 190 -38.39 -1.47 27.99
CA ILE G 190 -37.53 -2.15 28.95
C ILE G 190 -37.71 -1.63 30.37
N LYS G 191 -38.16 -0.37 30.52
CA LYS G 191 -38.33 0.18 31.86
C LYS G 191 -39.40 -0.56 32.64
N ASP G 192 -40.43 -1.06 31.95
CA ASP G 192 -41.55 -1.71 32.59
C ASP G 192 -41.32 -3.21 32.80
N ILE G 193 -40.07 -3.67 32.71
CA ILE G 193 -39.76 -5.07 32.86
C ILE G 193 -39.53 -5.38 34.33
N GLU G 194 -40.30 -6.32 34.87
CA GLU G 194 -40.18 -6.75 36.24
C GLU G 194 -40.09 -8.27 36.29
N ALA G 195 -39.45 -8.78 37.34
CA ALA G 195 -39.26 -10.22 37.48
C ALA G 195 -40.61 -10.92 37.55
N GLY G 196 -40.73 -12.03 36.83
CA GLY G 196 -41.95 -12.81 36.80
C GLY G 196 -42.80 -12.65 35.57
N ASP G 197 -42.53 -11.64 34.73
CA ASP G 197 -43.30 -11.46 33.52
C ASP G 197 -42.96 -12.54 32.49
N ARG G 198 -43.94 -12.87 31.66
CA ARG G 198 -43.78 -13.91 30.65
C ARG G 198 -44.37 -13.43 29.33
N PHE G 199 -43.88 -14.02 28.24
CA PHE G 199 -44.32 -13.70 26.89
C PHE G 199 -44.13 -12.21 26.58
N VAL G 200 -42.87 -11.78 26.65
CA VAL G 200 -42.52 -10.38 26.46
C VAL G 200 -41.50 -10.27 25.33
N GLU G 201 -41.67 -9.27 24.48
CA GLU G 201 -40.76 -9.02 23.37
C GLU G 201 -40.20 -7.62 23.46
N VAL G 202 -38.91 -7.49 23.14
CA VAL G 202 -38.17 -6.25 23.30
C VAL G 202 -37.34 -5.99 22.05
N ARG G 203 -37.35 -4.74 21.59
CA ARG G 203 -36.51 -4.29 20.50
C ARG G 203 -35.30 -3.56 21.09
N GLY G 204 -34.18 -3.61 20.38
CA GLY G 204 -33.02 -2.88 20.86
C GLY G 204 -31.77 -3.16 20.07
N THR G 205 -30.63 -2.88 20.71
CA THR G 205 -29.31 -2.96 20.11
C THR G 205 -28.39 -3.73 21.04
N ILE G 206 -27.48 -4.50 20.44
CA ILE G 206 -26.49 -5.26 21.20
C ILE G 206 -25.37 -4.31 21.62
N ALA G 207 -25.29 -4.02 22.92
CA ALA G 207 -24.29 -3.06 23.40
C ALA G 207 -23.05 -3.74 23.97
N LYS G 208 -23.13 -5.02 24.30
CA LYS G 208 -22.00 -5.71 24.90
C LYS G 208 -22.13 -7.20 24.63
N VAL G 209 -21.01 -7.91 24.79
CA VAL G 209 -20.99 -9.36 24.74
C VAL G 209 -20.37 -9.88 26.03
N TYR G 210 -21.10 -10.74 26.74
CA TYR G 210 -20.64 -11.23 28.04
C TYR G 210 -19.91 -12.57 27.91
N ARG G 211 -20.61 -13.61 27.42
CA ARG G 211 -20.02 -14.93 27.37
C ARG G 211 -20.48 -15.67 26.12
N VAL G 212 -19.61 -16.55 25.63
CA VAL G 212 -19.96 -17.49 24.57
C VAL G 212 -19.32 -18.83 24.90
N LEU G 213 -20.08 -19.91 24.74
CA LEU G 213 -19.52 -21.25 24.93
C LEU G 213 -20.49 -22.27 24.38
N THR G 214 -20.17 -23.55 24.60
CA THR G 214 -21.03 -24.65 24.23
C THR G 214 -20.90 -25.75 25.27
N TYR G 215 -21.91 -26.63 25.32
CA TYR G 215 -21.90 -27.72 26.26
C TYR G 215 -22.79 -28.85 25.73
N ASP G 216 -22.73 -29.99 26.41
CA ASP G 216 -23.39 -31.21 25.95
C ASP G 216 -24.87 -31.23 26.30
N ALA G 217 -25.64 -31.93 25.48
CA ALA G 217 -27.07 -32.07 25.66
C ALA G 217 -27.55 -33.32 24.95
N CYS G 218 -28.77 -33.74 25.29
CA CYS G 218 -29.36 -34.91 24.68
C CYS G 218 -29.66 -34.65 23.21
N PRO G 219 -29.40 -35.62 22.32
CA PRO G 219 -29.66 -35.40 20.89
C PRO G 219 -31.13 -35.51 20.50
N GLU G 220 -32.04 -35.84 21.41
CA GLU G 220 -33.45 -36.00 21.08
C GLU G 220 -34.32 -34.89 21.67
N CYS G 221 -34.29 -34.69 22.98
CA CYS G 221 -35.06 -33.63 23.61
C CYS G 221 -34.27 -32.33 23.74
N LYS G 222 -33.00 -32.33 23.35
CA LYS G 222 -32.15 -31.15 23.44
C LYS G 222 -32.11 -30.59 24.86
N LYS G 223 -32.05 -31.50 25.83
CA LYS G 223 -31.97 -31.14 27.25
C LYS G 223 -30.62 -31.53 27.81
N LYS G 224 -30.29 -30.94 28.96
CA LYS G 224 -28.99 -31.17 29.58
C LYS G 224 -28.84 -32.62 30.00
N VAL G 225 -27.62 -33.13 29.86
CA VAL G 225 -27.29 -34.50 30.25
C VAL G 225 -26.11 -34.44 31.22
N ASP G 226 -26.01 -35.47 32.06
CA ASP G 226 -24.99 -35.52 33.10
C ASP G 226 -24.01 -36.65 32.79
N TYR G 227 -22.73 -36.30 32.67
CA TYR G 227 -21.70 -37.30 32.43
C TYR G 227 -21.21 -37.83 33.78
N ASP G 228 -21.29 -39.15 33.96
CA ASP G 228 -20.90 -39.78 35.21
C ASP G 228 -19.49 -40.34 35.07
N GLU G 229 -18.57 -39.86 35.91
CA GLU G 229 -17.20 -40.34 35.87
C GLU G 229 -17.11 -41.81 36.24
N GLY G 230 -17.87 -42.22 37.27
CA GLY G 230 -17.87 -43.62 37.65
C GLY G 230 -18.43 -44.54 36.58
N LEU G 231 -19.45 -44.08 35.86
CA LEU G 231 -20.02 -44.86 34.76
C LEU G 231 -19.36 -44.59 33.42
N GLY G 232 -18.72 -43.43 33.25
CA GLY G 232 -18.10 -43.11 31.99
C GLY G 232 -19.07 -42.85 30.85
N VAL G 233 -20.33 -42.56 31.17
CA VAL G 233 -21.36 -42.37 30.15
C VAL G 233 -22.19 -41.15 30.49
N TRP G 234 -22.94 -40.68 29.50
CA TRP G 234 -23.84 -39.54 29.65
C TRP G 234 -25.24 -40.05 29.91
N ILE G 235 -25.89 -39.51 30.94
CA ILE G 235 -27.21 -39.94 31.37
C ILE G 235 -28.17 -38.77 31.21
N CYS G 236 -29.28 -39.01 30.51
CA CYS G 236 -30.38 -38.07 30.40
C CYS G 236 -31.57 -38.64 31.17
N PRO G 237 -32.04 -38.00 32.24
CA PRO G 237 -33.15 -38.58 33.00
C PRO G 237 -34.48 -38.39 32.29
N GLU G 238 -34.45 -38.55 30.98
CA GLU G 238 -35.64 -38.75 30.15
C GLU G 238 -35.44 -39.82 29.09
N HIS G 239 -34.20 -40.11 28.69
CA HIS G 239 -33.91 -41.03 27.60
C HIS G 239 -32.87 -42.09 27.99
N GLY G 240 -32.35 -42.04 29.20
CA GLY G 240 -31.28 -42.95 29.57
C GLY G 240 -29.95 -42.48 28.99
N GLU G 241 -29.11 -43.44 28.62
CA GLU G 241 -27.83 -43.13 28.01
C GLU G 241 -28.02 -42.66 26.58
N VAL G 242 -27.40 -41.52 26.24
CA VAL G 242 -27.49 -40.93 24.91
C VAL G 242 -26.11 -40.44 24.50
N GLN G 243 -25.98 -40.10 23.22
CA GLN G 243 -24.76 -39.53 22.69
C GLN G 243 -24.81 -38.02 22.81
N PRO G 244 -23.90 -37.39 23.56
CA PRO G 244 -24.00 -35.93 23.76
C PRO G 244 -23.82 -35.17 22.46
N ILE G 245 -24.51 -34.03 22.36
CA ILE G 245 -24.38 -33.12 21.24
C ILE G 245 -24.08 -31.74 21.79
N LYS G 246 -23.45 -30.92 20.96
CA LYS G 246 -23.01 -29.59 21.38
C LYS G 246 -24.09 -28.55 21.11
N MET G 247 -24.46 -27.79 22.13
CA MET G 247 -25.37 -26.68 21.99
C MET G 247 -24.72 -25.44 22.59
N THR G 248 -25.03 -24.28 22.00
CA THR G 248 -24.32 -23.04 22.26
C THR G 248 -25.07 -22.18 23.27
N ILE G 249 -24.30 -21.57 24.18
CA ILE G 249 -24.80 -20.65 25.18
C ILE G 249 -24.18 -19.28 24.90
N LEU G 250 -25.03 -18.26 24.75
CA LEU G 250 -24.56 -16.91 24.45
C LEU G 250 -25.22 -15.93 25.40
N ASP G 251 -24.42 -15.04 26.00
CA ASP G 251 -24.90 -14.03 26.91
C ASP G 251 -24.39 -12.67 26.46
N PHE G 252 -25.31 -11.74 26.20
CA PHE G 252 -24.95 -10.40 25.78
C PHE G 252 -25.86 -9.41 26.48
N GLY G 253 -25.77 -8.15 26.10
CA GLY G 253 -26.52 -7.07 26.73
C GLY G 253 -27.27 -6.24 25.71
N LEU G 254 -28.53 -5.94 26.02
CA LEU G 254 -29.43 -5.27 25.10
C LEU G 254 -29.82 -3.91 25.66
N ASP G 255 -29.83 -2.90 24.79
CA ASP G 255 -30.18 -1.54 25.17
C ASP G 255 -31.09 -0.93 24.11
N ASP G 256 -32.13 -0.21 24.55
CA ASP G 256 -33.07 0.39 23.61
C ASP G 256 -33.29 1.87 23.89
N GLY G 257 -32.38 2.52 24.60
CA GLY G 257 -32.49 3.93 24.88
C GLY G 257 -33.22 4.27 26.16
N THR G 258 -33.76 3.27 26.87
CA THR G 258 -34.43 3.48 28.14
C THR G 258 -33.99 2.52 29.23
N GLY G 259 -33.00 1.67 28.97
CA GLY G 259 -32.56 0.72 29.97
C GLY G 259 -31.52 -0.21 29.39
N TYR G 260 -31.22 -1.27 30.15
CA TYR G 260 -30.18 -2.21 29.79
C TYR G 260 -30.47 -3.54 30.46
N ILE G 261 -30.56 -4.61 29.66
CA ILE G 261 -30.96 -5.91 30.19
C ILE G 261 -30.05 -7.00 29.64
N ARG G 262 -29.71 -7.97 30.49
CA ARG G 262 -28.87 -9.08 30.07
C ARG G 262 -29.73 -10.13 29.38
N VAL G 263 -29.30 -10.58 28.21
CA VAL G 263 -30.09 -11.48 27.37
C VAL G 263 -29.28 -12.74 27.10
N THR G 264 -29.93 -13.89 27.19
CA THR G 264 -29.30 -15.17 26.93
C THR G 264 -29.99 -15.92 25.80
N LEU G 265 -29.16 -16.61 25.01
CA LEU G 265 -29.58 -17.36 23.84
C LEU G 265 -29.03 -18.78 23.92
N PHE G 266 -29.88 -19.75 23.58
CA PHE G 266 -29.57 -21.17 23.71
C PHE G 266 -29.54 -21.82 22.33
N GLY G 267 -28.53 -22.64 22.10
CA GLY G 267 -28.56 -23.57 20.98
C GLY G 267 -28.66 -22.89 19.63
N ASP G 268 -29.53 -23.46 18.78
CA ASP G 268 -29.48 -23.21 17.34
C ASP G 268 -29.50 -21.72 16.99
N ASP G 269 -30.37 -20.96 17.64
CA ASP G 269 -30.48 -19.54 17.33
C ASP G 269 -29.17 -18.81 17.63
N ALA G 270 -28.45 -19.25 18.65
CA ALA G 270 -27.21 -18.59 19.04
C ALA G 270 -26.19 -18.67 17.92
N GLU G 271 -25.91 -19.88 17.41
CA GLU G 271 -24.94 -19.96 16.33
C GLU G 271 -25.53 -19.50 15.00
N GLU G 272 -26.86 -19.42 14.89
CA GLU G 272 -27.44 -18.77 13.73
C GLU G 272 -27.08 -17.28 13.72
N LEU G 273 -27.17 -16.64 14.87
CA LEU G 273 -26.77 -15.23 14.99
C LEU G 273 -25.26 -15.08 14.79
N LEU G 274 -24.48 -15.94 15.45
CA LEU G 274 -23.03 -15.89 15.29
C LEU G 274 -22.61 -16.32 13.90
N GLY G 275 -23.28 -17.32 13.33
CA GLY G 275 -22.97 -17.80 12.00
C GLY G 275 -21.88 -18.84 11.90
N VAL G 276 -21.51 -19.50 13.01
CA VAL G 276 -20.45 -20.48 13.02
C VAL G 276 -20.95 -21.75 13.70
N SER G 277 -20.55 -22.90 13.14
CA SER G 277 -21.02 -24.21 13.61
C SER G 277 -20.59 -24.44 15.05
N PRO G 278 -21.48 -25.00 15.88
CA PRO G 278 -21.17 -25.14 17.31
C PRO G 278 -19.92 -25.97 17.58
N GLU G 279 -19.63 -26.96 16.74
CA GLU G 279 -18.41 -27.73 16.91
C GLU G 279 -17.19 -26.84 16.82
N GLU G 280 -17.25 -25.79 16.00
CA GLU G 280 -16.13 -24.87 15.93
C GLU G 280 -15.95 -24.12 17.24
N ILE G 281 -17.05 -23.71 17.88
CA ILE G 281 -16.95 -23.07 19.19
C ILE G 281 -16.38 -24.03 20.22
N ALA G 282 -16.80 -25.30 20.15
CA ALA G 282 -16.23 -26.29 21.05
C ALA G 282 -14.72 -26.43 20.85
N GLU G 283 -14.28 -26.49 19.59
CA GLU G 283 -12.86 -26.58 19.32
C GLU G 283 -12.12 -25.34 19.81
N LYS G 284 -12.72 -24.17 19.62
CA LYS G 284 -12.08 -22.93 20.05
C LYS G 284 -11.92 -22.89 21.57
N ILE G 285 -12.99 -23.21 22.30
CA ILE G 285 -12.90 -23.17 23.76
C ILE G 285 -11.89 -24.22 24.25
N LYS G 286 -11.87 -25.38 23.60
CA LYS G 286 -10.88 -26.39 23.98
C LYS G 286 -9.46 -25.86 23.76
N GLU G 287 -9.17 -25.37 22.56
CA GLU G 287 -7.82 -24.89 22.25
C GLU G 287 -7.42 -23.76 23.18
N LEU G 288 -8.39 -22.99 23.66
CA LEU G 288 -8.10 -22.05 24.73
C LEU G 288 -7.77 -22.78 26.02
N GLU G 289 -8.43 -23.92 26.27
CA GLU G 289 -8.19 -24.62 27.53
C GLU G 289 -6.77 -25.17 27.63
N GLU G 290 -6.27 -25.82 26.57
CA GLU G 290 -4.91 -26.36 26.76
C GLU G 290 -3.85 -25.26 26.77
N SER G 291 -4.23 -24.01 26.46
CA SER G 291 -3.28 -22.92 26.58
C SER G 291 -2.88 -22.66 28.03
N GLY G 292 -3.59 -23.23 28.98
CA GLY G 292 -3.25 -23.07 30.39
C GLY G 292 -4.20 -22.13 31.10
N LEU G 293 -5.41 -22.01 30.59
CA LEU G 293 -6.38 -21.04 31.09
C LEU G 293 -7.66 -21.80 31.47
N THR G 294 -8.35 -21.29 32.50
CA THR G 294 -9.54 -21.98 32.99
C THR G 294 -10.73 -21.64 32.10
N THR G 295 -11.88 -22.24 32.40
CA THR G 295 -12.99 -22.27 31.45
C THR G 295 -13.65 -20.91 31.29
N LYS G 296 -13.96 -20.22 32.39
CA LYS G 296 -14.76 -19.01 32.30
C LYS G 296 -14.00 -17.88 31.60
N GLU G 297 -12.73 -17.69 31.94
CA GLU G 297 -11.96 -16.64 31.31
C GLU G 297 -11.66 -16.97 29.86
N ALA G 298 -11.50 -18.27 29.55
CA ALA G 298 -11.38 -18.66 28.15
C ALA G 298 -12.64 -18.31 27.37
N ALA G 299 -13.80 -18.55 27.96
CA ALA G 299 -15.06 -18.19 27.31
C ALA G 299 -15.13 -16.68 27.08
N ARG G 300 -14.73 -15.90 28.09
CA ARG G 300 -14.76 -14.45 27.94
C ARG G 300 -13.80 -13.98 26.85
N LYS G 301 -12.60 -14.56 26.79
CA LYS G 301 -11.65 -14.19 25.75
C LYS G 301 -12.19 -14.51 24.37
N LEU G 302 -12.81 -15.69 24.22
CA LEU G 302 -13.42 -16.03 22.95
C LEU G 302 -14.54 -15.05 22.60
N ALA G 303 -15.31 -14.63 23.60
CA ALA G 303 -16.41 -13.71 23.36
C ALA G 303 -15.91 -12.37 22.87
N GLU G 304 -14.84 -11.84 23.46
CA GLU G 304 -14.42 -10.49 23.17
C GLU G 304 -13.36 -10.40 22.08
N ASP G 305 -12.80 -11.52 21.62
CA ASP G 305 -11.68 -11.46 20.70
C ASP G 305 -12.03 -11.86 19.28
N GLU G 306 -13.15 -12.55 19.05
CA GLU G 306 -13.47 -12.98 17.70
C GLU G 306 -14.92 -12.70 17.33
N PHE G 307 -15.77 -12.49 18.34
CA PHE G 307 -17.18 -12.23 18.12
C PHE G 307 -17.54 -10.80 18.52
N TYR G 308 -16.66 -9.85 18.22
CA TYR G 308 -16.89 -8.46 18.58
C TYR G 308 -17.59 -7.67 17.48
N ASN G 309 -17.97 -8.31 16.38
CA ASN G 309 -18.63 -7.61 15.28
C ASN G 309 -20.14 -7.60 15.40
N ILE G 310 -20.71 -8.25 16.41
CA ILE G 310 -22.16 -8.32 16.54
C ILE G 310 -22.65 -7.16 17.40
N ILE G 311 -21.72 -6.29 17.80
CA ILE G 311 -22.10 -5.14 18.63
C ILE G 311 -22.62 -4.03 17.74
N GLY G 312 -23.83 -3.57 18.01
CA GLY G 312 -24.46 -2.55 17.22
C GLY G 312 -25.37 -3.04 16.12
N ARG G 313 -26.11 -4.12 16.35
CA ARG G 313 -27.02 -4.68 15.36
C ARG G 313 -28.43 -4.69 15.92
N GLU G 314 -29.38 -4.19 15.16
CA GLU G 314 -30.77 -4.09 15.61
C GLU G 314 -31.37 -5.48 15.77
N ILE G 315 -31.92 -5.76 16.94
CA ILE G 315 -32.46 -7.09 17.25
C ILE G 315 -33.78 -6.93 17.97
N VAL G 316 -34.73 -7.80 17.63
CA VAL G 316 -36.00 -7.93 18.35
C VAL G 316 -36.08 -9.35 18.90
N VAL G 317 -36.26 -9.47 20.22
CA VAL G 317 -36.26 -10.77 20.87
C VAL G 317 -37.60 -11.00 21.56
N ARG G 318 -37.93 -12.28 21.74
CA ARG G 318 -39.10 -12.72 22.47
C ARG G 318 -38.66 -13.73 23.53
N GLY G 319 -39.27 -13.64 24.70
CA GLY G 319 -38.90 -14.57 25.77
C GLY G 319 -39.56 -14.19 27.08
N ASN G 320 -38.96 -14.68 28.16
CA ASN G 320 -39.46 -14.44 29.51
C ASN G 320 -38.33 -13.96 30.40
N VAL G 321 -38.71 -13.24 31.45
CA VAL G 321 -37.76 -12.62 32.38
C VAL G 321 -37.67 -13.47 33.63
N ILE G 322 -36.46 -13.58 34.17
CA ILE G 322 -36.17 -14.37 35.36
C ILE G 322 -35.18 -13.59 36.23
N GLU G 323 -35.39 -13.65 37.54
CA GLU G 323 -34.54 -12.95 38.49
C GLU G 323 -33.41 -13.86 38.96
N ASP G 324 -32.20 -13.32 38.96
CA ASP G 324 -31.03 -13.96 39.55
C ASP G 324 -30.57 -13.13 40.73
N ARG G 325 -30.35 -13.79 41.88
CA ARG G 325 -29.87 -13.07 43.05
C ARG G 325 -28.45 -12.55 42.87
N PHE G 326 -27.74 -13.00 41.84
CA PHE G 326 -26.39 -12.54 41.56
C PHE G 326 -26.31 -11.52 40.43
N LEU G 327 -27.30 -11.49 39.53
CA LEU G 327 -27.17 -10.70 38.32
C LEU G 327 -28.40 -9.86 37.96
N GLY G 328 -29.45 -9.89 38.78
CA GLY G 328 -30.61 -9.06 38.51
C GLY G 328 -31.56 -9.65 37.50
N LEU G 329 -32.11 -8.81 36.62
CA LEU G 329 -33.03 -9.27 35.60
C LEU G 329 -32.28 -9.99 34.49
N ILE G 330 -32.86 -11.07 33.97
CA ILE G 330 -32.29 -11.79 32.84
C ILE G 330 -33.41 -12.18 31.89
N LEU G 331 -33.20 -11.94 30.60
CA LEU G 331 -34.18 -12.28 29.58
C LEU G 331 -33.71 -13.52 28.85
N ARG G 332 -34.49 -14.60 28.94
CA ARG G 332 -34.16 -15.85 28.25
C ARG G 332 -34.91 -15.85 26.93
N ALA G 333 -34.18 -15.60 25.83
CA ALA G 333 -34.84 -15.46 24.54
C ALA G 333 -35.12 -16.82 23.93
N SER G 334 -36.40 -17.08 23.65
CA SER G 334 -36.78 -18.31 22.96
C SER G 334 -36.31 -18.27 21.51
N SER G 335 -36.53 -17.15 20.84
CA SER G 335 -36.10 -16.97 19.46
C SER G 335 -35.98 -15.48 19.18
N TRP G 336 -35.30 -15.15 18.08
CA TRP G 336 -35.10 -13.77 17.70
C TRP G 336 -35.27 -13.63 16.19
N GLU G 337 -35.44 -12.40 15.75
CA GLU G 337 -35.65 -12.10 14.34
C GLU G 337 -35.22 -10.67 14.07
N ASP G 338 -35.05 -10.35 12.79
CA ASP G 338 -34.73 -8.99 12.40
C ASP G 338 -35.93 -8.08 12.55
N VAL G 339 -35.68 -6.78 12.52
CA VAL G 339 -36.72 -5.79 12.79
C VAL G 339 -37.60 -5.60 11.57
N ASP G 340 -38.91 -5.54 11.81
CA ASP G 340 -39.89 -5.20 10.77
C ASP G 340 -40.03 -3.69 10.74
N TYR G 341 -39.52 -3.07 9.67
CA TYR G 341 -39.44 -1.62 9.64
C TYR G 341 -40.82 -0.98 9.64
N ARG G 342 -41.75 -1.54 8.87
CA ARG G 342 -43.03 -0.86 8.65
C ARG G 342 -43.80 -0.71 9.96
N ARG G 343 -43.82 -1.77 10.77
CA ARG G 343 -44.55 -1.71 12.03
C ARG G 343 -43.95 -0.68 12.97
N GLU G 344 -42.63 -0.60 13.03
CA GLU G 344 -41.99 0.39 13.90
C GLU G 344 -42.24 1.81 13.40
N ILE G 345 -42.21 2.01 12.08
CA ILE G 345 -42.53 3.31 11.52
C ILE G 345 -43.94 3.72 11.88
N GLU G 346 -44.88 2.77 11.78
CA GLU G 346 -46.26 3.05 12.14
C GLU G 346 -46.38 3.37 13.63
N ARG G 347 -45.64 2.65 14.47
CA ARG G 347 -45.66 2.93 15.90
C ARG G 347 -45.17 4.35 16.19
N ILE G 348 -44.09 4.76 15.54
CA ILE G 348 -43.56 6.11 15.74
C ILE G 348 -44.56 7.15 15.23
N LYS G 349 -45.23 6.84 14.12
CA LYS G 349 -46.26 7.74 13.62
C LYS G 349 -47.39 7.90 14.62
N GLU G 350 -47.83 6.79 15.23
CA GLU G 350 -48.89 6.85 16.21
C GLU G 350 -48.47 7.65 17.44
N GLU G 351 -47.23 7.44 17.89
CA GLU G 351 -46.75 8.19 19.06
C GLU G 351 -46.64 9.68 18.75
N LEU G 352 -46.20 10.03 17.54
CA LEU G 352 -46.16 11.43 17.15
C LEU G 352 -47.57 12.02 17.07
N GLU G 353 -48.54 11.26 16.56
CA GLU G 353 -49.91 11.74 16.53
C GLU G 353 -50.43 11.98 17.95
N LYS G 354 -50.16 11.05 18.86
CA LYS G 354 -50.62 11.20 20.23
C LYS G 354 -49.95 12.39 20.92
N LEU G 355 -48.65 12.60 20.68
CA LEU G 355 -47.90 13.62 21.39
C LEU G 355 -48.38 15.03 21.07
N GLY G 356 -48.93 15.26 19.88
CA GLY G 356 -49.49 16.56 19.57
C GLY G 356 -48.85 17.28 18.42
N VAL G 357 -48.27 16.53 17.48
CA VAL G 357 -47.68 17.09 16.27
C VAL G 357 -48.44 16.64 15.02
N MET G 358 -48.57 15.33 14.84
CA MET G 358 -49.44 14.77 13.81
C MET G 358 -50.78 14.35 14.41
N LYS H 1 -24.22 -2.96 40.29
CA LYS H 1 -24.06 -2.97 38.84
C LYS H 1 -25.16 -2.18 38.15
N LYS H 2 -24.78 -1.12 37.46
CA LYS H 2 -25.70 -0.32 36.66
C LYS H 2 -24.96 0.35 35.53
N ARG H 3 -25.34 0.04 34.30
CA ARG H 3 -24.87 0.75 33.12
C ARG H 3 -26.03 1.61 32.62
N MET H 4 -25.84 2.92 32.62
CA MET H 4 -26.94 3.80 32.25
C MET H 4 -27.16 3.75 30.74
N PRO H 5 -28.40 3.93 30.28
CA PRO H 5 -28.71 3.67 28.88
C PRO H 5 -28.09 4.72 27.96
N ALA H 6 -27.94 4.32 26.70
CA ALA H 6 -27.42 5.19 25.66
C ALA H 6 -28.56 5.90 24.94
N THR H 7 -28.43 7.21 24.77
CA THR H 7 -29.45 8.03 24.14
C THR H 7 -29.03 8.40 22.72
N ARG H 8 -30.01 8.41 21.83
CA ARG H 8 -29.79 8.67 20.42
C ARG H 8 -29.82 10.18 20.17
N LEU H 9 -28.90 10.68 19.36
CA LEU H 9 -28.74 12.11 19.22
C LEU H 9 -28.29 12.50 17.82
N TYR H 10 -28.63 13.73 17.43
CA TYR H 10 -28.00 14.38 16.29
C TYR H 10 -26.56 14.75 16.63
N ILE H 11 -25.69 14.74 15.62
CA ILE H 11 -24.30 15.11 15.89
C ILE H 11 -24.19 16.57 16.29
N LYS H 12 -25.03 17.44 15.71
CA LYS H 12 -24.93 18.85 16.04
C LYS H 12 -25.22 19.10 17.51
N ASP H 13 -26.21 18.39 18.07
CA ASP H 13 -26.54 18.56 19.47
C ASP H 13 -25.43 18.06 20.38
N ILE H 14 -24.66 17.08 19.92
CA ILE H 14 -23.47 16.66 20.66
C ILE H 14 -22.39 17.72 20.59
N LEU H 15 -22.19 18.31 19.41
CA LEU H 15 -21.11 19.28 19.22
C LEU H 15 -21.41 20.62 19.88
N GLU H 16 -22.67 20.86 20.25
CA GLU H 16 -23.06 22.13 20.85
C GLU H 16 -23.14 22.08 22.38
N GLY H 17 -23.04 20.90 22.98
CA GLY H 17 -23.36 20.74 24.39
C GLY H 17 -22.30 21.30 25.29
N TYR H 18 -22.60 21.29 26.59
CA TYR H 18 -21.71 21.75 27.64
C TYR H 18 -21.12 20.54 28.34
N PHE H 19 -19.79 20.46 28.36
CA PHE H 19 -19.11 19.28 28.87
C PHE H 19 -18.75 19.48 30.33
N VAL H 20 -19.09 18.51 31.16
CA VAL H 20 -18.75 18.54 32.58
C VAL H 20 -17.91 17.31 32.87
N LYS H 21 -16.67 17.52 33.30
CA LYS H 21 -15.72 16.45 33.55
C LYS H 21 -15.75 16.09 35.02
N SER H 22 -16.05 14.83 35.32
CA SER H 22 -16.15 14.39 36.70
C SER H 22 -14.80 14.44 37.39
N GLU H 23 -14.83 14.64 38.70
CA GLU H 23 -13.61 14.76 39.49
C GLU H 23 -13.32 13.53 40.33
N GLY H 24 -14.31 12.94 40.95
CA GLY H 24 -14.09 11.77 41.78
C GLY H 24 -13.92 10.51 40.97
N ASP H 25 -13.68 9.41 41.68
CA ASP H 25 -13.55 8.12 41.02
C ASP H 25 -14.90 7.56 40.58
N PHE H 26 -15.92 7.70 41.42
CA PHE H 26 -17.21 7.06 41.17
C PHE H 26 -18.16 7.93 40.36
N GLU H 27 -17.65 8.88 39.60
CA GLU H 27 -18.50 9.75 38.81
C GLU H 27 -17.98 9.78 37.37
N PRO H 28 -18.86 9.70 36.38
CA PRO H 28 -18.41 9.75 34.99
C PRO H 28 -18.48 11.16 34.41
N ASN H 29 -17.59 11.42 33.46
CA ASN H 29 -17.69 12.67 32.70
C ASN H 29 -18.88 12.62 31.76
N TYR H 30 -19.65 13.71 31.73
CA TYR H 30 -20.87 13.72 30.95
C TYR H 30 -21.01 15.03 30.18
N LEU H 31 -22.11 15.13 29.44
CA LEU H 31 -22.37 16.24 28.55
C LEU H 31 -23.84 16.63 28.69
N ILE H 32 -24.10 17.89 29.01
CA ILE H 32 -25.46 18.40 29.14
C ILE H 32 -25.76 19.23 27.90
N THR H 33 -26.76 18.80 27.13
CA THR H 33 -27.08 19.47 25.87
C THR H 33 -27.76 20.81 26.15
N LYS H 34 -28.05 21.53 25.06
CA LYS H 34 -28.64 22.86 25.18
C LYS H 34 -29.98 22.84 25.89
N TYR H 35 -30.79 21.80 25.70
CA TYR H 35 -32.13 21.73 26.27
C TYR H 35 -32.21 20.76 27.44
N ALA H 36 -31.14 20.73 28.24
CA ALA H 36 -31.14 20.10 29.56
C ALA H 36 -31.44 18.59 29.49
N ARG H 37 -30.62 17.91 28.70
CA ARG H 37 -30.64 16.45 28.67
C ARG H 37 -29.23 15.95 28.97
N LYS H 38 -29.13 14.95 29.83
CA LYS H 38 -27.86 14.43 30.32
C LYS H 38 -27.53 13.15 29.58
N VAL H 39 -26.42 13.13 28.87
CA VAL H 39 -26.04 12.00 28.03
C VAL H 39 -24.70 11.46 28.50
N TYR H 40 -24.62 10.15 28.70
CA TYR H 40 -23.37 9.46 28.95
C TYR H 40 -22.88 8.69 27.73
N ARG H 41 -23.77 7.94 27.09
CA ARG H 41 -23.42 7.14 25.92
C ARG H 41 -24.25 7.59 24.74
N ALA H 42 -23.59 7.82 23.62
CA ALA H 42 -24.23 8.34 22.42
C ALA H 42 -24.25 7.28 21.33
N LYS H 43 -25.34 7.26 20.58
CA LYS H 43 -25.58 6.25 19.56
C LYS H 43 -26.08 6.96 18.30
N ILE H 44 -25.25 7.03 17.27
CA ILE H 44 -25.57 7.78 16.07
C ILE H 44 -25.54 6.85 14.87
N VAL H 45 -26.15 7.30 13.77
CA VAL H 45 -26.14 6.60 12.50
C VAL H 45 -25.64 7.54 11.43
N GLY H 46 -24.61 7.15 10.71
CA GLY H 46 -24.04 8.11 9.77
C GLY H 46 -23.22 7.43 8.69
N THR H 47 -22.82 8.23 7.73
CA THR H 47 -22.06 7.78 6.57
C THR H 47 -20.59 8.03 6.80
N VAL H 48 -19.76 6.99 6.63
CA VAL H 48 -18.32 7.20 6.69
C VAL H 48 -17.90 8.07 5.52
N VAL H 49 -17.09 9.07 5.80
CA VAL H 49 -16.71 10.05 4.78
C VAL H 49 -15.29 9.83 4.28
N ARG H 50 -14.34 9.57 5.18
CA ARG H 50 -12.94 9.43 4.79
C ARG H 50 -12.38 8.11 5.31
N GLU H 51 -11.33 7.64 4.65
CA GLU H 51 -10.76 6.34 4.93
C GLU H 51 -10.16 6.30 6.34
N PRO H 52 -10.39 5.21 7.08
CA PRO H 52 -9.90 5.14 8.45
C PRO H 52 -8.38 5.12 8.52
N LEU H 53 -7.83 6.00 9.36
CA LEU H 53 -6.39 6.08 9.59
C LEU H 53 -6.04 5.16 10.74
N ILE H 54 -5.36 4.06 10.46
CA ILE H 54 -5.01 3.05 11.45
C ILE H 54 -3.51 3.07 11.65
N ALA H 55 -3.09 3.15 12.90
CA ALA H 55 -1.67 3.20 13.21
C ALA H 55 -1.01 1.87 12.86
N GLU H 56 0.23 1.94 12.37
CA GLU H 56 0.95 0.73 11.97
C GLU H 56 1.28 -0.16 13.17
N ASP H 57 1.49 0.44 14.34
CA ASP H 57 1.84 -0.29 15.54
C ASP H 57 0.63 -0.84 16.27
N GLU H 58 -0.57 -0.65 15.71
CA GLU H 58 -1.81 -1.19 16.27
C GLU H 58 -2.08 -0.58 17.65
N THR H 59 -2.10 0.74 17.69
CA THR H 59 -2.31 1.48 18.93
C THR H 59 -3.55 2.35 18.92
N TYR H 60 -3.80 3.10 17.85
CA TYR H 60 -4.97 3.95 17.79
C TYR H 60 -5.58 3.87 16.39
N GLY H 61 -6.88 4.13 16.33
CA GLY H 61 -7.58 4.22 15.07
C GLY H 61 -8.58 5.35 15.13
N LYS H 62 -8.91 5.95 13.98
CA LYS H 62 -9.85 7.05 13.99
C LYS H 62 -10.44 7.21 12.59
N PHE H 63 -11.65 7.76 12.56
CA PHE H 63 -12.28 8.06 11.28
C PHE H 63 -13.40 9.05 11.52
N GLN H 64 -13.83 9.72 10.45
CA GLN H 64 -14.86 10.73 10.54
C GLN H 64 -16.23 10.14 10.24
N VAL H 65 -17.26 10.76 10.80
CA VAL H 65 -18.63 10.33 10.59
C VAL H 65 -19.51 11.55 10.32
N ASP H 66 -20.34 11.45 9.29
CA ASP H 66 -21.32 12.47 8.89
C ASP H 66 -22.71 11.85 8.85
N ASP H 67 -23.73 12.65 9.19
CA ASP H 67 -25.11 12.19 9.11
C ASP H 67 -26.04 13.25 8.55
N GLY H 68 -25.52 14.29 7.89
CA GLY H 68 -26.33 15.35 7.34
C GLY H 68 -26.40 16.61 8.17
N THR H 69 -25.87 16.61 9.39
CA THR H 69 -25.89 17.81 10.23
C THR H 69 -24.55 18.13 10.88
N GLY H 70 -23.53 17.30 10.71
CA GLY H 70 -22.23 17.59 11.28
C GLY H 70 -21.28 16.44 11.04
N VAL H 71 -20.00 16.70 11.28
CA VAL H 71 -18.97 15.69 11.11
C VAL H 71 -18.16 15.60 12.41
N ILE H 72 -17.91 14.37 12.85
CA ILE H 72 -17.25 14.15 14.14
C ILE H 72 -16.14 13.12 13.98
N TRP H 73 -15.13 13.22 14.83
CA TRP H 73 -13.97 12.33 14.82
C TRP H 73 -14.18 11.19 15.80
N VAL H 74 -14.59 10.03 15.30
CA VAL H 74 -14.73 8.83 16.12
C VAL H 74 -13.33 8.24 16.32
N LEU H 75 -12.98 7.96 17.57
CA LEU H 75 -11.67 7.44 17.92
C LEU H 75 -11.77 6.02 18.47
N GLY H 76 -10.61 5.40 18.62
CA GLY H 76 -10.49 4.15 19.34
C GLY H 76 -9.05 3.97 19.77
N PHE H 77 -8.80 3.68 21.04
CA PHE H 77 -7.45 3.63 21.57
C PHE H 77 -7.12 2.23 22.08
N ARG H 78 -5.83 1.93 22.09
CA ARG H 78 -5.28 0.73 22.72
C ARG H 78 -5.91 -0.50 22.08
N ASP H 79 -6.63 -1.33 22.83
CA ASP H 79 -7.20 -2.56 22.30
C ASP H 79 -8.48 -2.32 21.52
N ASP H 80 -9.02 -1.11 21.56
CA ASP H 80 -10.25 -0.80 20.87
C ASP H 80 -10.05 -0.47 19.39
N THR H 81 -8.81 -0.26 18.97
CA THR H 81 -8.58 0.13 17.58
C THR H 81 -9.03 -0.94 16.61
N LYS H 82 -9.24 -2.18 17.07
CA LYS H 82 -9.75 -3.21 16.19
C LYS H 82 -11.07 -2.80 15.57
N PHE H 83 -11.88 -2.03 16.30
CA PHE H 83 -13.15 -1.57 15.74
C PHE H 83 -12.91 -0.72 14.50
N ALA H 84 -11.90 0.14 14.53
CA ALA H 84 -11.60 0.99 13.38
C ALA H 84 -11.05 0.20 12.21
N LYS H 85 -11.02 -1.13 12.28
CA LYS H 85 -10.71 -1.96 11.13
C LYS H 85 -11.93 -2.48 10.41
N LEU H 86 -13.12 -2.32 10.98
CA LEU H 86 -14.32 -2.94 10.43
C LEU H 86 -15.05 -2.07 9.41
N VAL H 87 -14.61 -0.85 9.16
CA VAL H 87 -15.34 0.05 8.30
C VAL H 87 -14.39 0.67 7.27
N ARG H 88 -14.98 1.10 6.15
CA ARG H 88 -14.21 1.66 5.05
C ARG H 88 -15.02 2.78 4.42
N LYS H 89 -14.43 3.47 3.44
CA LYS H 89 -15.04 4.67 2.87
C LYS H 89 -16.31 4.32 2.12
N GLY H 90 -17.35 5.12 2.33
CA GLY H 90 -18.62 4.96 1.66
C GLY H 90 -19.65 4.18 2.44
N ASP H 91 -19.24 3.48 3.49
CA ASP H 91 -20.15 2.64 4.24
C ASP H 91 -21.17 3.48 5.01
N LEU H 92 -22.22 2.82 5.47
CA LEU H 92 -23.30 3.47 6.22
C LEU H 92 -23.44 2.74 7.55
N VAL H 93 -22.91 3.33 8.61
CA VAL H 93 -22.68 2.61 9.86
C VAL H 93 -23.54 3.18 10.98
N GLN H 94 -23.60 2.43 12.08
CA GLN H 94 -24.16 2.85 13.35
C GLN H 94 -23.09 2.70 14.42
N VAL H 95 -22.90 3.75 15.20
CA VAL H 95 -21.79 3.86 16.15
C VAL H 95 -22.33 4.15 17.54
N ILE H 96 -21.84 3.41 18.53
CA ILE H 96 -22.21 3.59 19.93
C ILE H 96 -20.95 3.75 20.76
N GLY H 97 -20.92 4.79 21.60
CA GLY H 97 -19.72 5.02 22.37
C GLY H 97 -19.90 6.04 23.47
N LYS H 98 -18.78 6.43 24.07
CA LYS H 98 -18.76 7.44 25.12
C LYS H 98 -18.55 8.82 24.51
N ILE H 99 -18.29 9.83 25.35
CA ILE H 99 -18.07 11.20 24.90
C ILE H 99 -16.80 11.71 25.53
N ALA H 100 -15.92 12.30 24.72
CA ALA H 100 -14.63 12.77 25.21
C ALA H 100 -14.34 14.16 24.65
N GLU H 101 -13.46 14.87 25.35
CA GLU H 101 -13.07 16.23 25.01
C GLU H 101 -11.59 16.29 24.68
N TRP H 102 -11.26 17.04 23.63
CA TRP H 102 -9.88 17.20 23.23
C TRP H 102 -9.77 18.41 22.32
N ARG H 103 -8.93 19.37 22.71
CA ARG H 103 -8.66 20.56 21.91
C ARG H 103 -9.94 21.31 21.56
N ASP H 104 -10.85 21.40 22.53
CA ASP H 104 -12.11 22.13 22.38
C ASP H 104 -12.95 21.57 21.22
N ASP H 105 -12.77 20.28 20.94
CA ASP H 105 -13.53 19.59 19.91
C ASP H 105 -14.00 18.26 20.49
N LYS H 106 -15.31 18.02 20.41
CA LYS H 106 -15.90 16.82 20.99
C LYS H 106 -15.62 15.61 20.11
N GLN H 107 -15.58 14.44 20.74
CA GLN H 107 -15.28 13.19 20.05
C GLN H 107 -16.07 12.07 20.71
N ILE H 108 -16.17 10.95 20.00
CA ILE H 108 -16.85 9.76 20.51
C ILE H 108 -15.83 8.64 20.60
N LEU H 109 -15.58 8.16 21.81
CA LEU H 109 -14.71 7.00 22.01
C LEU H 109 -15.54 5.75 21.77
N VAL H 110 -15.18 4.98 20.74
CA VAL H 110 -16.08 3.94 20.25
C VAL H 110 -16.11 2.76 21.22
N GLU H 111 -17.30 2.18 21.38
CA GLU H 111 -17.46 0.88 22.00
C GLU H 111 -18.25 -0.09 21.14
N GLY H 112 -18.77 0.36 20.00
CA GLY H 112 -19.37 -0.55 19.04
C GLY H 112 -19.63 0.13 17.71
N VAL H 113 -19.32 -0.55 16.60
CA VAL H 113 -19.61 -0.03 15.27
C VAL H 113 -20.11 -1.18 14.41
N SER H 114 -21.17 -0.92 13.64
CA SER H 114 -21.70 -1.98 12.80
C SER H 114 -22.46 -1.40 11.61
N LYS H 115 -22.36 -2.08 10.47
CA LYS H 115 -23.02 -1.62 9.26
C LYS H 115 -24.51 -1.92 9.29
N VAL H 116 -25.29 -1.04 8.67
CA VAL H 116 -26.74 -1.18 8.58
C VAL H 116 -27.20 -0.84 7.17
N HIS H 117 -28.48 -1.02 6.94
CA HIS H 117 -29.35 -0.87 5.77
C HIS H 117 -30.07 0.47 5.82
N PRO H 118 -30.43 1.05 4.67
CA PRO H 118 -31.04 2.39 4.68
C PRO H 118 -32.32 2.50 5.51
N ASN H 119 -33.09 1.41 5.60
CA ASN H 119 -34.26 1.44 6.45
C ASN H 119 -33.90 1.80 7.89
N MET H 120 -32.74 1.30 8.36
CA MET H 120 -32.23 1.74 9.65
C MET H 120 -32.02 3.25 9.66
N TRP H 121 -31.55 3.81 8.55
CA TRP H 121 -31.33 5.26 8.51
C TRP H 121 -32.63 6.03 8.70
N ILE H 122 -33.66 5.61 7.96
CA ILE H 122 -34.96 6.29 8.08
C ILE H 122 -35.52 6.15 9.50
N LEU H 123 -35.46 4.94 10.05
CA LEU H 123 -36.02 4.70 11.37
C LEU H 123 -35.24 5.49 12.43
N HIS H 124 -33.93 5.60 12.25
CA HIS H 124 -33.13 6.41 13.18
C HIS H 124 -33.58 7.85 13.14
N ARG H 125 -33.85 8.38 11.95
CA ARG H 125 -34.27 9.77 11.87
C ARG H 125 -35.62 9.98 12.58
N TYR H 126 -36.61 9.12 12.30
CA TYR H 126 -37.87 9.23 13.04
C TYR H 126 -37.66 9.15 14.54
N GLU H 127 -36.86 8.17 14.99
CA GLU H 127 -36.72 7.96 16.42
C GLU H 127 -36.08 9.15 17.10
N THR H 128 -35.02 9.70 16.50
CA THR H 128 -34.36 10.83 17.14
C THR H 128 -35.27 12.06 17.16
N LEU H 129 -36.05 12.28 16.09
CA LEU H 129 -36.95 13.42 16.10
C LEU H 129 -38.00 13.28 17.20
N LYS H 130 -38.62 12.10 17.31
CA LYS H 130 -39.66 11.92 18.31
C LYS H 130 -39.09 12.08 19.72
N GLU H 131 -37.94 11.48 19.99
CA GLU H 131 -37.36 11.58 21.32
C GLU H 131 -36.99 13.02 21.64
N LYS H 132 -36.47 13.77 20.66
CA LYS H 132 -36.15 15.17 20.91
C LYS H 132 -37.40 15.97 21.22
N ILE H 133 -38.49 15.73 20.48
CA ILE H 133 -39.72 16.46 20.72
C ILE H 133 -40.23 16.22 22.13
N GLU H 134 -40.23 14.95 22.56
CA GLU H 134 -40.73 14.66 23.90
C GLU H 134 -39.92 15.38 24.97
N HIS H 135 -38.59 15.34 24.85
CA HIS H 135 -37.76 15.96 25.88
C HIS H 135 -37.90 17.47 25.87
N ILE H 136 -38.00 18.10 24.70
CA ILE H 136 -38.13 19.55 24.69
C ILE H 136 -39.48 19.97 25.27
N LYS H 137 -40.53 19.20 25.00
CA LYS H 137 -41.81 19.46 25.66
C LYS H 137 -41.67 19.39 27.18
N LYS H 138 -41.00 18.35 27.68
CA LYS H 138 -40.86 18.21 29.12
C LYS H 138 -40.04 19.35 29.72
N ALA H 139 -38.98 19.77 29.02
CA ALA H 139 -38.18 20.88 29.52
C ALA H 139 -38.96 22.18 29.53
N LYS H 140 -39.79 22.41 28.51
CA LYS H 140 -40.67 23.57 28.52
C LYS H 140 -41.59 23.54 29.72
N ILE H 141 -42.13 22.36 30.03
CA ILE H 141 -43.02 22.25 31.18
C ILE H 141 -42.28 22.55 32.48
N ALA H 142 -41.03 22.09 32.59
CA ALA H 142 -40.30 22.21 33.86
C ALA H 142 -39.64 23.57 34.07
N LEU H 143 -39.42 24.33 32.99
CA LEU H 143 -38.63 25.56 33.14
C LEU H 143 -39.32 26.57 34.07
N GLU H 144 -40.63 26.76 33.90
CA GLU H 144 -41.32 27.75 34.72
C GLU H 144 -41.48 27.25 36.16
N ILE H 145 -41.64 25.94 36.32
CA ILE H 145 -41.70 25.36 37.66
C ILE H 145 -40.41 25.65 38.41
N TYR H 146 -39.28 25.54 37.72
CA TYR H 146 -38.01 25.87 38.37
C TYR H 146 -37.89 27.37 38.63
N ASN H 147 -38.11 28.18 37.60
CA ASN H 147 -37.71 29.59 37.71
C ASN H 147 -38.65 30.38 38.60
N GLN H 148 -39.95 30.06 38.59
CA GLN H 148 -40.91 30.83 39.39
C GLN H 148 -40.74 30.56 40.87
N TYR H 149 -40.50 29.30 41.24
CA TYR H 149 -40.42 28.89 42.64
C TYR H 149 -39.00 28.66 43.11
N GLY H 150 -38.24 27.83 42.41
CA GLY H 150 -36.91 27.45 42.82
C GLY H 150 -36.83 26.02 43.29
N ILE H 151 -35.80 25.74 44.09
CA ILE H 151 -35.58 24.41 44.65
C ILE H 151 -36.11 24.43 46.08
N THR H 152 -37.29 23.85 46.27
CA THR H 152 -37.93 23.73 47.57
C THR H 152 -38.54 22.34 47.69
N ALA H 153 -38.81 21.92 48.92
CA ALA H 153 -39.40 20.61 49.14
C ALA H 153 -40.77 20.50 48.45
N LYS H 154 -41.58 21.54 48.56
CA LYS H 154 -42.88 21.55 47.88
C LYS H 154 -42.73 21.63 46.37
N SER H 155 -41.60 22.15 45.88
CA SER H 155 -41.36 22.14 44.44
C SER H 155 -41.29 20.72 43.91
N LYS H 156 -40.62 19.82 44.64
CA LYS H 156 -40.60 18.42 44.24
C LYS H 156 -42.00 17.81 44.27
N VAL H 157 -42.81 18.20 45.26
CA VAL H 157 -44.17 17.70 45.33
C VAL H 157 -44.96 18.14 44.09
N ILE H 158 -44.81 19.40 43.71
CA ILE H 158 -45.48 19.90 42.51
C ILE H 158 -44.99 19.14 41.28
N ALA H 159 -43.67 18.93 41.19
CA ALA H 159 -43.12 18.23 40.04
C ALA H 159 -43.69 16.82 39.93
N LYS H 160 -43.77 16.11 41.05
CA LYS H 160 -44.26 14.73 41.00
C LYS H 160 -45.77 14.68 40.72
N ASN H 161 -46.54 15.64 41.27
CA ASN H 161 -47.98 15.57 41.01
C ASN H 161 -48.34 16.06 39.61
N LYS H 162 -47.51 16.86 38.95
CA LYS H 162 -47.74 17.16 37.54
C LYS H 162 -46.97 16.23 36.61
N GLY H 163 -46.25 15.24 37.15
CA GLY H 163 -45.53 14.29 36.33
C GLY H 163 -44.18 14.77 35.86
N ILE H 164 -43.57 15.72 36.53
CA ILE H 164 -42.24 16.23 36.19
C ILE H 164 -41.22 15.44 36.99
N GLU H 165 -40.26 14.84 36.30
CA GLU H 165 -39.21 14.08 36.98
C GLU H 165 -38.31 15.01 37.78
N GLU H 166 -37.86 14.50 38.93
CA GLU H 166 -37.09 15.34 39.84
C GLU H 166 -35.73 15.71 39.24
N GLU H 167 -35.09 14.79 38.51
CA GLU H 167 -33.75 15.04 38.04
C GLU H 167 -33.68 16.20 37.06
N LEU H 168 -34.79 16.47 36.35
CA LEU H 168 -34.79 17.53 35.36
C LEU H 168 -34.48 18.87 35.99
N LEU H 169 -34.98 19.11 37.21
CA LEU H 169 -34.84 20.44 37.81
C LEU H 169 -33.40 20.72 38.23
N GLU H 170 -32.70 19.76 38.81
CA GLU H 170 -31.29 20.03 39.14
C GLU H 170 -30.42 20.00 37.90
N VAL H 171 -30.82 19.24 36.87
CA VAL H 171 -30.11 19.40 35.60
C VAL H 171 -30.23 20.83 35.09
N ILE H 172 -31.44 21.39 35.15
CA ILE H 172 -31.65 22.76 34.68
C ILE H 172 -30.88 23.75 35.55
N ASP H 173 -30.89 23.53 36.86
CA ASP H 173 -30.18 24.42 37.76
C ASP H 173 -28.68 24.39 37.50
N GLU H 174 -28.13 23.21 37.28
CA GLU H 174 -26.71 23.11 36.94
C GLU H 174 -26.42 23.76 35.60
N LEU H 175 -27.34 23.61 34.65
CA LEU H 175 -27.17 24.25 33.35
C LEU H 175 -27.09 25.77 33.51
N TYR H 176 -28.00 26.35 34.29
CA TYR H 176 -27.93 27.79 34.54
C TYR H 176 -26.63 28.15 35.26
N GLY H 177 -26.28 27.39 36.31
CA GLY H 177 -25.05 27.70 37.03
C GLY H 177 -23.84 27.70 36.12
N ILE H 178 -23.83 26.81 35.14
CA ILE H 178 -22.77 26.82 34.14
C ILE H 178 -22.86 28.08 33.28
N MET H 179 -24.07 28.43 32.83
CA MET H 179 -24.14 29.48 31.82
C MET H 179 -23.96 30.88 32.41
N MET H 180 -24.22 31.06 33.72
CA MET H 180 -23.75 32.30 34.35
C MET H 180 -22.23 32.26 34.43
N ARG I 1 -13.99 26.87 12.68
CA ARG I 1 -13.62 26.41 11.35
C ARG I 1 -14.08 24.98 11.12
N ARG I 2 -15.16 24.59 11.78
CA ARG I 2 -15.69 23.24 11.63
C ARG I 2 -16.20 23.04 10.21
N ARG I 3 -15.98 21.83 9.68
CA ARG I 3 -16.34 21.55 8.31
C ARG I 3 -17.84 21.60 8.11
N LYS I 4 -18.25 22.12 6.97
CA LYS I 4 -19.65 22.14 6.58
C LYS I 4 -20.07 20.74 6.17
N PRO I 5 -21.09 20.17 6.80
CA PRO I 5 -21.54 18.83 6.44
C PRO I 5 -22.31 18.85 5.12
N ALA I 6 -22.55 17.65 4.60
CA ALA I 6 -23.18 17.49 3.29
C ALA I 6 -24.61 17.97 3.37
N VAL I 7 -24.87 19.17 2.85
CA VAL I 7 -26.22 19.70 2.84
C VAL I 7 -27.04 18.95 1.81
N GLU I 8 -28.24 18.52 2.23
CA GLU I 8 -29.13 17.74 1.37
C GLU I 8 -30.02 18.71 0.60
N ARG I 9 -29.87 18.74 -0.72
CA ARG I 9 -30.62 19.66 -1.56
C ARG I 9 -31.11 18.98 -2.82
N LYS I 10 -32.15 19.57 -3.40
CA LYS I 10 -32.74 19.07 -4.63
C LYS I 10 -32.00 19.67 -5.82
N ILE I 11 -31.95 18.92 -6.93
CA ILE I 11 -31.24 19.40 -8.12
C ILE I 11 -31.86 20.69 -8.63
N SER I 12 -33.19 20.74 -8.71
CA SER I 12 -33.87 21.94 -9.19
C SER I 12 -33.72 23.12 -8.23
N GLU I 13 -33.26 22.89 -7.00
CA GLU I 13 -33.08 23.95 -6.02
C GLU I 13 -31.62 24.01 -5.57
N ILE I 14 -30.69 23.77 -6.49
CA ILE I 14 -29.28 23.92 -6.18
C ILE I 14 -28.95 25.40 -6.10
N ARG I 15 -28.36 25.82 -4.98
CA ARG I 15 -28.02 27.21 -4.76
C ARG I 15 -26.55 27.47 -5.08
N GLU I 16 -26.26 28.73 -5.38
CA GLU I 16 -24.93 29.11 -5.83
C GLU I 16 -23.89 28.87 -4.73
N GLU I 17 -24.24 29.21 -3.49
CA GLU I 17 -23.28 29.22 -2.40
C GLU I 17 -22.89 27.83 -1.90
N ASP I 18 -23.60 26.78 -2.30
CA ASP I 18 -23.29 25.44 -1.82
C ASP I 18 -21.94 24.98 -2.34
N THR I 19 -21.22 24.22 -1.51
CA THR I 19 -19.90 23.71 -1.86
C THR I 19 -19.82 22.19 -1.85
N ARG I 20 -20.64 21.52 -1.04
CA ARG I 20 -20.68 20.06 -0.97
C ARG I 20 -22.12 19.63 -0.85
N VAL I 21 -22.57 18.77 -1.77
CA VAL I 21 -23.98 18.38 -1.82
C VAL I 21 -24.11 16.88 -1.99
N SER I 22 -25.28 16.38 -1.61
CA SER I 22 -25.63 14.97 -1.73
C SER I 22 -26.96 14.85 -2.44
N LEU I 23 -27.06 13.87 -3.33
CA LEU I 23 -28.25 13.64 -4.13
C LEU I 23 -28.69 12.19 -4.01
N ILE I 24 -29.99 11.97 -4.15
CA ILE I 24 -30.57 10.64 -4.22
C ILE I 24 -31.42 10.57 -5.49
N GLY I 25 -31.04 9.70 -6.41
CA GLY I 25 -31.74 9.64 -7.67
C GLY I 25 -31.53 8.33 -8.40
N ARG I 26 -31.76 8.31 -9.71
CA ARG I 26 -31.52 7.13 -10.52
C ARG I 26 -30.64 7.49 -11.71
N VAL I 27 -29.74 6.56 -12.05
CA VAL I 27 -28.90 6.74 -13.21
C VAL I 27 -29.68 6.40 -14.47
N ILE I 28 -29.52 7.21 -15.51
CA ILE I 28 -30.28 7.02 -16.74
C ILE I 28 -29.37 6.60 -17.88
N LYS I 29 -28.10 7.03 -17.84
CA LYS I 29 -27.16 6.62 -18.87
C LYS I 29 -25.73 6.73 -18.35
N VAL I 30 -24.88 5.84 -18.82
CA VAL I 30 -23.51 5.67 -18.33
C VAL I 30 -22.56 5.69 -19.51
N ASP I 31 -21.44 6.40 -19.37
CA ASP I 31 -20.34 6.40 -20.33
C ASP I 31 -19.08 6.04 -19.55
N LYS I 32 -18.70 4.76 -19.63
CA LYS I 32 -17.56 4.28 -18.86
C LYS I 32 -16.24 4.74 -19.45
N MET I 33 -16.20 4.99 -20.77
CA MET I 33 -14.98 5.46 -21.40
C MET I 33 -14.57 6.84 -20.90
N ASP I 34 -15.52 7.62 -20.40
CA ASP I 34 -15.23 8.94 -19.84
C ASP I 34 -15.53 9.04 -18.36
N TYR I 35 -15.98 7.95 -17.72
CA TYR I 35 -16.35 7.96 -16.31
C TYR I 35 -17.43 9.00 -16.03
N MET I 36 -18.45 9.00 -16.87
CA MET I 36 -19.58 9.92 -16.76
C MET I 36 -20.84 9.12 -16.50
N PHE I 37 -21.75 9.65 -15.68
CA PHE I 37 -23.10 9.13 -15.71
C PHE I 37 -24.09 10.22 -15.37
N TRP I 38 -25.30 10.06 -15.89
CA TRP I 38 -26.34 11.09 -15.78
C TRP I 38 -27.32 10.73 -14.68
N LEU I 39 -27.47 11.62 -13.71
CA LEU I 39 -28.38 11.43 -12.59
C LEU I 39 -29.64 12.25 -12.83
N ASP I 40 -30.79 11.58 -12.79
CA ASP I 40 -32.09 12.21 -12.95
C ASP I 40 -32.96 11.83 -11.76
N ASP I 41 -33.34 12.82 -10.96
CA ASP I 41 -34.18 12.61 -9.79
C ASP I 41 -35.65 12.91 -10.06
N GLY I 42 -36.01 13.19 -11.31
CA GLY I 42 -37.37 13.52 -11.69
C GLY I 42 -37.61 15.00 -11.86
N THR I 43 -36.74 15.83 -11.31
CA THR I 43 -36.85 17.29 -11.42
C THR I 43 -35.74 17.88 -12.28
N GLY I 44 -34.85 17.07 -12.81
CA GLY I 44 -33.77 17.57 -13.63
C GLY I 44 -32.70 16.51 -13.80
N VAL I 45 -31.75 16.82 -14.68
CA VAL I 45 -30.67 15.91 -15.01
C VAL I 45 -29.34 16.61 -14.72
N ALA I 46 -28.38 15.85 -14.22
CA ALA I 46 -27.06 16.36 -13.90
C ALA I 46 -26.00 15.34 -14.30
N ILE I 47 -24.79 15.83 -14.57
CA ILE I 47 -23.68 14.95 -14.91
C ILE I 47 -22.85 14.72 -13.67
N ILE I 48 -22.42 13.48 -13.46
CA ILE I 48 -21.57 13.16 -12.31
C ILE I 48 -20.38 12.34 -12.82
N GLU I 49 -19.17 12.77 -12.45
CA GLU I 49 -17.95 12.09 -12.80
C GLU I 49 -17.69 10.95 -11.82
N SER I 50 -16.52 10.32 -11.93
CA SER I 50 -16.19 9.22 -11.06
C SER I 50 -14.69 9.19 -10.82
N GLU I 51 -14.32 8.55 -9.71
CA GLU I 51 -12.91 8.32 -9.42
C GLU I 51 -12.40 7.08 -10.13
N SER I 52 -12.96 5.92 -9.78
CA SER I 52 -12.61 4.67 -10.46
C SER I 52 -13.79 3.78 -10.80
N ASP I 53 -14.94 3.92 -10.14
CA ASP I 53 -16.02 2.96 -10.29
C ASP I 53 -17.27 3.63 -10.84
N LEU I 54 -18.01 2.88 -11.65
CA LEU I 54 -19.28 3.31 -12.19
C LEU I 54 -20.34 2.26 -11.87
N PRO I 55 -21.54 2.68 -11.50
CA PRO I 55 -22.63 1.73 -11.29
C PRO I 55 -23.27 1.36 -12.62
N LYS I 56 -23.99 0.24 -12.62
CA LYS I 56 -24.79 -0.11 -13.78
C LYS I 56 -26.02 0.79 -13.83
N VAL I 57 -26.78 0.69 -14.92
CA VAL I 57 -27.87 1.62 -15.19
C VAL I 57 -29.19 1.01 -14.72
N GLY I 58 -29.99 1.81 -14.00
CA GLY I 58 -31.34 1.44 -13.66
C GLY I 58 -31.66 1.38 -12.19
N GLN I 59 -30.70 1.63 -11.31
CA GLN I 59 -30.92 1.48 -9.87
C GLN I 59 -30.79 2.82 -9.16
N VAL I 60 -31.49 2.94 -8.04
CA VAL I 60 -31.43 4.15 -7.22
C VAL I 60 -30.07 4.22 -6.54
N VAL I 61 -29.41 5.37 -6.65
CA VAL I 61 -28.12 5.59 -6.02
C VAL I 61 -28.15 6.91 -5.26
N ARG I 62 -27.19 7.06 -4.36
CA ARG I 62 -26.98 8.28 -3.59
C ARG I 62 -25.54 8.70 -3.73
N VAL I 63 -25.31 9.96 -4.08
CA VAL I 63 -23.99 10.47 -4.39
C VAL I 63 -23.69 11.67 -3.51
N ILE I 64 -22.56 11.63 -2.82
CA ILE I 64 -22.08 12.75 -2.01
C ILE I 64 -20.81 13.26 -2.66
N GLY I 65 -20.79 14.55 -2.99
CA GLY I 65 -19.62 15.10 -3.68
C GLY I 65 -19.70 16.61 -3.77
N ARG I 66 -18.66 17.17 -4.37
CA ARG I 66 -18.50 18.61 -4.47
C ARG I 66 -18.93 19.11 -5.84
N ILE I 67 -19.51 20.32 -5.85
CA ILE I 67 -19.97 20.93 -7.09
C ILE I 67 -18.81 21.60 -7.80
N ILE I 68 -18.65 21.28 -9.08
CA ILE I 68 -17.65 21.91 -9.92
C ILE I 68 -18.37 22.89 -10.82
N ARG I 69 -18.08 24.17 -10.66
CA ARG I 69 -18.74 25.24 -11.41
C ARG I 69 -17.71 25.88 -12.33
N ASN I 70 -18.00 25.88 -13.64
CA ASN I 70 -17.14 26.49 -14.63
C ASN I 70 -17.98 26.84 -15.84
N GLU I 71 -17.32 27.30 -16.90
CA GLU I 71 -18.01 27.65 -18.14
C GLU I 71 -18.42 26.43 -18.96
N GLU I 72 -17.83 25.26 -18.69
CA GLU I 72 -18.21 24.05 -19.42
C GLU I 72 -19.60 23.57 -19.01
N GLY I 73 -19.96 23.70 -17.75
CA GLY I 73 -21.27 23.27 -17.28
C GLY I 73 -21.31 23.24 -15.77
N ILE I 74 -22.41 22.69 -15.26
CA ILE I 74 -22.63 22.54 -13.82
C ILE I 74 -22.79 21.05 -13.56
N HIS I 75 -21.72 20.41 -13.12
CA HIS I 75 -21.71 18.98 -12.86
C HIS I 75 -21.05 18.71 -11.52
N ILE I 76 -21.35 17.55 -10.96
CA ILE I 76 -20.97 17.19 -9.59
C ILE I 76 -19.88 16.14 -9.65
N TYR I 77 -18.78 16.38 -8.94
CA TYR I 77 -17.70 15.41 -8.82
C TYR I 77 -18.03 14.47 -7.66
N ALA I 78 -18.22 13.19 -7.98
CA ALA I 78 -18.61 12.23 -6.95
C ALA I 78 -17.44 11.91 -6.03
N GLU I 79 -17.75 11.77 -4.75
CA GLU I 79 -16.77 11.29 -3.78
C GLU I 79 -17.22 9.96 -3.20
N VAL I 80 -18.48 9.87 -2.81
CA VAL I 80 -19.03 8.65 -2.21
C VAL I 80 -20.30 8.27 -2.94
N ILE I 81 -20.39 7.00 -3.35
CA ILE I 81 -21.54 6.48 -4.06
C ILE I 81 -22.07 5.28 -3.29
N GLN I 82 -23.37 5.32 -2.96
CA GLN I 82 -24.01 4.25 -2.22
C GLN I 82 -25.27 3.79 -2.93
N ASP I 83 -25.65 2.54 -2.70
CA ASP I 83 -26.81 1.95 -3.34
C ASP I 83 -28.02 2.04 -2.39
N PHE I 84 -29.10 2.64 -2.89
CA PHE I 84 -30.36 2.67 -2.14
C PHE I 84 -31.44 1.91 -2.89
N SER I 85 -31.08 0.73 -3.42
CA SER I 85 -32.02 -0.01 -4.25
C SER I 85 -33.29 -0.37 -3.50
N ASP I 86 -33.16 -0.75 -2.23
CA ASP I 86 -34.29 -1.21 -1.44
C ASP I 86 -34.93 -0.10 -0.61
N ALA I 87 -34.45 1.14 -0.75
CA ALA I 87 -34.91 2.21 0.10
C ALA I 87 -36.33 2.62 -0.24
N ASP I 88 -37.02 3.20 0.74
CA ASP I 88 -38.36 3.75 0.57
C ASP I 88 -38.23 5.28 0.51
N LEU I 89 -38.48 5.85 -0.67
CA LEU I 89 -38.27 7.28 -0.86
C LEU I 89 -39.37 8.12 -0.24
N GLU I 90 -40.60 7.61 -0.21
CA GLU I 90 -41.73 8.41 0.25
C GLU I 90 -41.58 8.83 1.71
N ALA I 91 -41.20 7.88 2.57
CA ALA I 91 -40.99 8.22 3.98
C ALA I 91 -39.85 9.22 4.15
N LEU I 92 -38.78 9.07 3.36
CA LEU I 92 -37.67 10.00 3.45
C LEU I 92 -38.11 11.42 3.07
N GLU I 93 -38.86 11.54 1.99
CA GLU I 93 -39.37 12.86 1.61
C GLU I 93 -40.30 13.41 2.67
N GLU I 94 -41.15 12.55 3.25
CA GLU I 94 -42.09 12.99 4.27
C GLU I 94 -41.35 13.55 5.48
N ILE I 95 -40.29 12.87 5.92
CA ILE I 95 -39.55 13.36 7.07
C ILE I 95 -38.77 14.62 6.70
N ARG I 96 -38.31 14.73 5.46
CA ARG I 96 -37.67 15.97 5.06
C ARG I 96 -38.63 17.15 5.20
N GLU I 97 -39.87 16.96 4.72
CA GLU I 97 -40.88 18.00 4.85
C GLU I 97 -41.16 18.30 6.32
N LEU I 98 -41.35 17.26 7.13
CA LEU I 98 -41.63 17.46 8.54
C LEU I 98 -40.49 18.21 9.21
N GLU I 99 -39.26 17.89 8.83
CA GLU I 99 -38.10 18.49 9.47
C GLU I 99 -38.01 19.98 9.17
N ARG I 100 -38.08 20.38 7.89
CA ARG I 100 -37.89 21.81 7.66
C ARG I 100 -39.16 22.57 8.02
N LYS I 101 -40.27 21.86 8.23
CA LYS I 101 -41.46 22.48 8.78
C LYS I 101 -41.38 22.71 10.28
N LEU I 102 -40.77 21.81 11.04
CA LEU I 102 -40.77 21.87 12.49
C LEU I 102 -39.53 22.50 13.09
N LEU I 103 -38.34 22.06 12.67
CA LEU I 103 -37.11 22.42 13.38
C LEU I 103 -36.92 23.92 13.57
N PRO I 104 -37.13 24.79 12.58
CA PRO I 104 -36.87 26.22 12.83
C PRO I 104 -37.66 26.79 14.00
N ARG I 105 -38.92 26.37 14.17
CA ARG I 105 -39.70 26.81 15.31
C ARG I 105 -39.28 26.10 16.59
N LEU I 106 -38.78 24.86 16.47
CA LEU I 106 -38.43 24.09 17.65
C LEU I 106 -37.29 24.74 18.43
N GLU I 107 -36.28 25.23 17.72
CA GLU I 107 -35.15 25.88 18.38
C GLU I 107 -35.55 27.17 19.08
N GLY I 108 -36.67 27.79 18.68
CA GLY I 108 -37.11 29.01 19.32
C GLY I 108 -37.51 28.83 20.76
N GLU I 109 -37.82 27.60 21.17
CA GLU I 109 -38.19 27.35 22.55
C GLU I 109 -36.97 27.46 23.46
N ILE I 110 -37.24 27.57 24.76
CA ILE I 110 -36.25 27.69 25.83
C ILE I 110 -35.60 29.06 25.78
N VAL I 111 -35.41 29.67 26.94
CA VAL I 111 -34.86 31.01 27.06
C VAL I 111 -33.50 30.91 27.73
N TRP I 112 -32.52 31.63 27.16
CA TRP I 112 -31.10 31.54 27.53
C TRP I 112 -30.65 30.11 27.83
N THR J 184 -5.64 -19.80 -76.35
CA THR J 184 -6.47 -19.07 -75.41
C THR J 184 -5.63 -18.53 -74.26
N TYR J 185 -5.86 -19.04 -73.06
CA TYR J 185 -5.15 -18.64 -71.87
C TYR J 185 -4.26 -19.78 -71.38
N THR J 186 -3.05 -19.42 -70.95
CA THR J 186 -2.03 -20.39 -70.55
C THR J 186 -1.87 -20.39 -69.05
N ARG J 187 -1.89 -21.59 -68.46
CA ARG J 187 -1.62 -21.71 -67.03
C ARG J 187 -0.16 -21.40 -66.72
N LYS J 188 0.06 -20.76 -65.59
CA LYS J 188 1.41 -20.38 -65.20
C LYS J 188 1.45 -20.20 -63.69
N LYS J 189 2.68 -20.17 -63.16
CA LYS J 189 2.91 -20.01 -61.73
C LYS J 189 3.50 -18.64 -61.45
N ILE J 190 3.17 -18.09 -60.28
CA ILE J 190 3.60 -16.73 -59.93
C ILE J 190 5.11 -16.62 -59.91
N LYS J 191 5.81 -17.66 -59.44
CA LYS J 191 7.26 -17.63 -59.40
C LYS J 191 7.86 -17.38 -60.78
N ASP J 192 7.23 -17.91 -61.83
CA ASP J 192 7.74 -17.76 -63.19
C ASP J 192 7.08 -16.61 -63.94
N ILE J 193 6.25 -15.80 -63.29
CA ILE J 193 5.58 -14.70 -63.96
C ILE J 193 6.59 -13.62 -64.30
N GLU J 194 6.55 -13.16 -65.55
CA GLU J 194 7.45 -12.12 -66.04
C GLU J 194 6.64 -11.04 -66.75
N ALA J 195 7.12 -9.81 -66.67
CA ALA J 195 6.43 -8.68 -67.30
C ALA J 195 6.36 -8.87 -68.81
N GLY J 196 5.27 -8.38 -69.40
CA GLY J 196 5.04 -8.53 -70.82
C GLY J 196 4.28 -9.78 -71.21
N ASP J 197 3.89 -10.60 -70.25
CA ASP J 197 3.14 -11.82 -70.55
C ASP J 197 1.64 -11.53 -70.62
N ARG J 198 0.98 -12.13 -71.60
CA ARG J 198 -0.44 -11.94 -71.82
C ARG J 198 -1.13 -13.29 -71.89
N PHE J 199 -2.45 -13.27 -71.74
CA PHE J 199 -3.29 -14.47 -71.76
C PHE J 199 -2.80 -15.48 -70.73
N VAL J 200 -2.58 -15.00 -69.51
CA VAL J 200 -2.04 -15.79 -68.42
C VAL J 200 -3.13 -16.02 -67.40
N GLU J 201 -3.31 -17.27 -66.98
CA GLU J 201 -4.33 -17.67 -66.02
C GLU J 201 -3.65 -18.28 -64.80
N VAL J 202 -3.98 -17.74 -63.62
CA VAL J 202 -3.36 -18.13 -62.37
C VAL J 202 -4.46 -18.42 -61.35
N ARG J 203 -4.12 -19.23 -60.35
CA ARG J 203 -5.01 -19.52 -59.24
C ARG J 203 -4.34 -19.13 -57.93
N GLY J 204 -5.12 -18.67 -56.97
CA GLY J 204 -4.56 -18.34 -55.67
C GLY J 204 -5.63 -17.94 -54.70
N THR J 205 -5.23 -17.19 -53.68
CA THR J 205 -6.14 -16.67 -52.68
C THR J 205 -5.91 -15.18 -52.48
N ILE J 206 -6.97 -14.47 -52.10
CA ILE J 206 -6.89 -13.04 -51.86
C ILE J 206 -6.37 -12.80 -50.46
N ALA J 207 -5.27 -12.04 -50.36
CA ALA J 207 -4.66 -11.76 -49.07
C ALA J 207 -4.94 -10.36 -48.54
N LYS J 208 -5.00 -9.36 -49.42
CA LYS J 208 -5.21 -7.99 -48.98
C LYS J 208 -5.85 -7.21 -50.11
N VAL J 209 -6.70 -6.25 -49.74
CA VAL J 209 -7.39 -5.39 -50.69
C VAL J 209 -6.72 -4.01 -50.65
N TYR J 210 -6.40 -3.49 -51.83
CA TYR J 210 -5.68 -2.23 -51.90
C TYR J 210 -6.63 -1.04 -52.06
N ARG J 211 -7.39 -1.00 -53.15
CA ARG J 211 -8.16 0.19 -53.47
C ARG J 211 -9.48 -0.18 -54.13
N VAL J 212 -10.49 0.64 -53.85
CA VAL J 212 -11.80 0.57 -54.49
C VAL J 212 -12.14 1.95 -55.04
N LEU J 213 -12.39 2.03 -56.34
CA LEU J 213 -12.72 3.32 -56.93
C LEU J 213 -13.82 3.15 -57.97
N THR J 214 -14.45 4.27 -58.31
CA THR J 214 -15.44 4.33 -59.38
C THR J 214 -15.27 5.65 -60.12
N TYR J 215 -15.31 5.60 -61.45
CA TYR J 215 -15.14 6.79 -62.26
C TYR J 215 -15.94 6.68 -63.54
N ASP J 216 -16.10 7.80 -64.23
CA ASP J 216 -16.92 7.89 -65.42
C ASP J 216 -16.20 7.33 -66.63
N ALA J 217 -16.99 6.75 -67.55
CA ALA J 217 -16.45 6.13 -68.76
C ALA J 217 -17.53 6.13 -69.82
N CYS J 218 -17.11 5.90 -71.07
CA CYS J 218 -18.03 5.84 -72.19
C CYS J 218 -18.87 4.56 -72.11
N PRO J 219 -20.17 4.66 -72.40
CA PRO J 219 -21.03 3.47 -72.35
C PRO J 219 -20.90 2.55 -73.55
N GLU J 220 -20.02 2.86 -74.51
CA GLU J 220 -19.87 2.05 -75.71
C GLU J 220 -18.55 1.30 -75.73
N CYS J 221 -17.43 2.01 -75.61
CA CYS J 221 -16.11 1.39 -75.58
C CYS J 221 -15.58 1.17 -74.17
N LYS J 222 -16.37 1.49 -73.14
CA LYS J 222 -16.00 1.25 -71.76
C LYS J 222 -14.68 1.93 -71.40
N LYS J 223 -14.45 3.10 -71.98
CA LYS J 223 -13.22 3.86 -71.78
C LYS J 223 -13.53 5.17 -71.09
N LYS J 224 -12.64 5.57 -70.18
CA LYS J 224 -12.82 6.81 -69.45
C LYS J 224 -12.92 7.99 -70.40
N VAL J 225 -13.92 8.84 -70.18
CA VAL J 225 -14.16 10.00 -71.01
C VAL J 225 -13.40 11.19 -70.44
N ASP J 226 -13.05 12.14 -71.31
CA ASP J 226 -12.30 13.32 -70.92
C ASP J 226 -13.26 14.49 -70.75
N TYR J 227 -13.35 15.03 -69.54
CA TYR J 227 -14.20 16.18 -69.29
C TYR J 227 -13.46 17.45 -69.68
N ASP J 228 -14.07 18.27 -70.53
CA ASP J 228 -13.45 19.48 -71.03
C ASP J 228 -14.04 20.68 -70.29
N GLU J 229 -13.17 21.45 -69.63
CA GLU J 229 -13.64 22.65 -68.95
C GLU J 229 -14.18 23.69 -69.93
N GLY J 230 -13.49 23.87 -71.06
CA GLY J 230 -13.95 24.82 -72.06
C GLY J 230 -15.23 24.39 -72.74
N LEU J 231 -15.53 23.09 -72.74
CA LEU J 231 -16.77 22.58 -73.33
C LEU J 231 -17.82 22.23 -72.29
N GLY J 232 -17.41 21.93 -71.05
CA GLY J 232 -18.36 21.58 -70.03
C GLY J 232 -18.99 20.21 -70.18
N VAL J 233 -18.43 19.37 -71.05
CA VAL J 233 -19.00 18.05 -71.33
C VAL J 233 -17.88 17.02 -71.33
N TRP J 234 -18.30 15.75 -71.26
CA TRP J 234 -17.38 14.61 -71.24
C TRP J 234 -17.23 14.08 -72.66
N ILE J 235 -16.22 14.54 -73.37
CA ILE J 235 -15.98 14.10 -74.74
C ILE J 235 -15.24 12.77 -74.71
N CYS J 236 -15.67 11.86 -75.59
CA CYS J 236 -15.01 10.57 -75.80
C CYS J 236 -14.44 10.57 -77.21
N PRO J 237 -13.12 10.76 -77.39
CA PRO J 237 -12.60 10.99 -78.74
C PRO J 237 -12.48 9.71 -79.56
N GLU J 238 -13.49 8.85 -79.46
CA GLU J 238 -13.73 7.78 -80.41
C GLU J 238 -15.19 7.60 -80.77
N HIS J 239 -16.11 8.26 -80.05
CA HIS J 239 -17.53 8.23 -80.38
C HIS J 239 -18.17 9.61 -80.27
N GLY J 240 -17.37 10.67 -80.24
CA GLY J 240 -17.94 11.98 -80.03
C GLY J 240 -18.39 12.16 -78.59
N GLU J 241 -19.26 13.15 -78.39
CA GLU J 241 -19.78 13.43 -77.05
C GLU J 241 -20.75 12.33 -76.63
N VAL J 242 -20.52 11.77 -75.44
CA VAL J 242 -21.38 10.74 -74.88
C VAL J 242 -21.66 11.09 -73.43
N GLN J 243 -22.72 10.49 -72.88
CA GLN J 243 -23.06 10.67 -71.49
C GLN J 243 -22.26 9.68 -70.65
N PRO J 244 -21.38 10.14 -69.77
CA PRO J 244 -20.55 9.20 -69.01
C PRO J 244 -21.37 8.38 -68.03
N ILE J 245 -20.90 7.16 -67.77
CA ILE J 245 -21.52 6.27 -66.80
C ILE J 245 -20.44 5.74 -65.87
N LYS J 246 -20.87 5.40 -64.65
CA LYS J 246 -19.93 4.94 -63.64
C LYS J 246 -19.42 3.54 -63.94
N MET J 247 -18.14 3.30 -63.61
CA MET J 247 -17.52 2.00 -63.76
C MET J 247 -16.46 1.88 -62.67
N THR J 248 -16.31 0.67 -62.13
CA THR J 248 -15.56 0.45 -60.91
C THR J 248 -14.23 -0.25 -61.18
N ILE J 249 -13.24 0.09 -60.37
CA ILE J 249 -11.89 -0.45 -60.45
C ILE J 249 -11.49 -0.98 -59.07
N LEU J 250 -10.93 -2.19 -59.06
CA LEU J 250 -10.54 -2.90 -57.84
C LEU J 250 -9.06 -3.22 -57.87
N ASP J 251 -8.39 -3.03 -56.73
CA ASP J 251 -6.97 -3.34 -56.56
C ASP J 251 -6.81 -4.18 -55.30
N PHE J 252 -6.23 -5.37 -55.44
CA PHE J 252 -5.99 -6.20 -54.26
C PHE J 252 -4.75 -7.06 -54.51
N GLY J 253 -4.53 -8.03 -53.64
CA GLY J 253 -3.31 -8.81 -53.67
C GLY J 253 -3.58 -10.30 -53.55
N LEU J 254 -2.76 -11.09 -54.25
CA LEU J 254 -2.98 -12.51 -54.41
C LEU J 254 -1.73 -13.29 -54.01
N ASP J 255 -1.95 -14.42 -53.33
CA ASP J 255 -0.90 -15.36 -52.95
C ASP J 255 -1.24 -16.76 -53.43
N ASP J 256 -0.22 -17.47 -53.93
CA ASP J 256 -0.36 -18.85 -54.34
C ASP J 256 0.56 -19.78 -53.57
N GLY J 257 1.25 -19.27 -52.55
CA GLY J 257 2.27 -20.03 -51.85
C GLY J 257 3.64 -19.93 -52.46
N THR J 258 3.78 -19.30 -53.63
CA THR J 258 5.07 -19.10 -54.26
C THR J 258 5.40 -17.63 -54.51
N GLY J 259 4.45 -16.73 -54.36
CA GLY J 259 4.72 -15.31 -54.58
C GLY J 259 3.51 -14.47 -54.28
N TYR J 260 3.72 -13.16 -54.27
CA TYR J 260 2.69 -12.17 -53.97
C TYR J 260 2.56 -11.22 -55.15
N ILE J 261 1.33 -11.07 -55.65
CA ILE J 261 1.09 -10.28 -56.86
C ILE J 261 -0.08 -9.33 -56.62
N ARG J 262 0.14 -8.05 -56.94
CA ARG J 262 -0.96 -7.10 -56.98
C ARG J 262 -1.74 -7.25 -58.27
N VAL J 263 -3.06 -7.16 -58.16
CA VAL J 263 -3.96 -7.44 -59.27
C VAL J 263 -5.04 -6.37 -59.31
N THR J 264 -5.41 -5.97 -60.52
CA THR J 264 -6.42 -4.96 -60.77
C THR J 264 -7.52 -5.53 -61.65
N LEU J 265 -8.77 -5.27 -61.27
CA LEU J 265 -9.94 -5.80 -61.94
C LEU J 265 -10.88 -4.67 -62.33
N PHE J 266 -11.52 -4.83 -63.49
CA PHE J 266 -12.30 -3.78 -64.14
C PHE J 266 -13.80 -4.08 -64.06
N GLY J 267 -14.56 -3.09 -63.60
CA GLY J 267 -15.99 -3.05 -63.92
C GLY J 267 -16.80 -4.24 -63.47
N ASP J 268 -17.57 -4.80 -64.41
CA ASP J 268 -18.62 -5.75 -64.08
C ASP J 268 -18.08 -7.02 -63.45
N ASP J 269 -16.85 -7.40 -63.76
CA ASP J 269 -16.25 -8.54 -63.06
C ASP J 269 -16.15 -8.25 -61.57
N ALA J 270 -15.72 -7.04 -61.21
CA ALA J 270 -15.73 -6.63 -59.82
C ALA J 270 -17.15 -6.54 -59.28
N GLU J 271 -18.12 -6.18 -60.12
CA GLU J 271 -19.51 -6.16 -59.68
C GLU J 271 -19.96 -7.55 -59.26
N GLU J 272 -19.67 -8.57 -60.08
CA GLU J 272 -20.04 -9.93 -59.73
C GLU J 272 -19.27 -10.42 -58.51
N LEU J 273 -17.98 -10.10 -58.44
CA LEU J 273 -17.16 -10.57 -57.31
C LEU J 273 -17.62 -9.95 -56.00
N LEU J 274 -17.96 -8.66 -56.00
CA LEU J 274 -18.29 -7.94 -54.78
C LEU J 274 -19.79 -7.95 -54.50
N GLY J 275 -20.61 -8.00 -55.55
CA GLY J 275 -22.04 -8.11 -55.37
C GLY J 275 -22.76 -6.83 -54.97
N VAL J 276 -22.11 -5.67 -55.14
CA VAL J 276 -22.70 -4.39 -54.77
C VAL J 276 -22.72 -3.51 -56.01
N SER J 277 -23.90 -2.96 -56.33
CA SER J 277 -24.06 -2.16 -57.53
C SER J 277 -23.26 -0.86 -57.39
N PRO J 278 -22.71 -0.35 -58.50
CA PRO J 278 -21.73 0.74 -58.40
C PRO J 278 -22.26 2.02 -57.77
N GLU J 279 -23.57 2.29 -57.86
CA GLU J 279 -24.08 3.52 -57.29
C GLU J 279 -23.96 3.52 -55.77
N GLU J 280 -24.04 2.35 -55.14
CA GLU J 280 -23.78 2.27 -53.71
C GLU J 280 -22.34 2.64 -53.38
N ILE J 281 -21.38 2.18 -54.20
CA ILE J 281 -19.99 2.55 -53.99
C ILE J 281 -19.82 4.06 -54.15
N ALA J 282 -20.46 4.64 -55.17
CA ALA J 282 -20.36 6.08 -55.37
C ALA J 282 -20.93 6.85 -54.19
N GLU J 283 -22.10 6.44 -53.70
CA GLU J 283 -22.70 7.11 -52.55
C GLU J 283 -21.81 6.97 -51.33
N LYS J 284 -21.25 5.79 -51.10
CA LYS J 284 -20.43 5.57 -49.91
C LYS J 284 -19.14 6.38 -49.98
N ILE J 285 -18.50 6.43 -51.14
CA ILE J 285 -17.28 7.20 -51.25
C ILE J 285 -17.58 8.68 -51.04
N LYS J 286 -18.64 9.20 -51.67
CA LYS J 286 -19.00 10.60 -51.47
C LYS J 286 -19.26 10.88 -49.99
N GLU J 287 -20.00 9.98 -49.34
CA GLU J 287 -20.20 10.04 -47.89
C GLU J 287 -18.87 10.17 -47.16
N LEU J 288 -17.85 9.47 -47.65
CA LEU J 288 -16.52 9.62 -47.06
C LEU J 288 -15.95 11.01 -47.31
N GLU J 289 -16.08 11.54 -48.54
CA GLU J 289 -15.35 12.79 -48.76
C GLU J 289 -16.04 14.05 -48.24
N GLU J 290 -17.33 14.05 -47.87
CA GLU J 290 -17.78 15.34 -47.33
C GLU J 290 -17.19 15.59 -45.95
N SER J 291 -16.63 14.56 -45.30
CA SER J 291 -16.06 14.70 -43.97
C SER J 291 -14.76 15.50 -43.96
N GLY J 292 -14.22 15.81 -45.13
CA GLY J 292 -12.96 16.53 -45.20
C GLY J 292 -11.82 15.61 -45.60
N LEU J 293 -12.11 14.70 -46.52
CA LEU J 293 -11.16 13.69 -46.96
C LEU J 293 -11.03 13.77 -48.48
N THR J 294 -9.80 13.67 -48.98
CA THR J 294 -9.65 13.58 -50.43
C THR J 294 -9.66 12.11 -50.86
N THR J 295 -9.47 11.90 -52.16
CA THR J 295 -9.86 10.64 -52.79
C THR J 295 -9.09 9.43 -52.26
N LYS J 296 -7.76 9.51 -52.23
CA LYS J 296 -6.96 8.31 -52.01
C LYS J 296 -7.21 7.69 -50.65
N GLU J 297 -7.08 8.47 -49.58
CA GLU J 297 -7.24 7.91 -48.24
C GLU J 297 -8.68 7.52 -47.98
N ALA J 298 -9.64 8.27 -48.55
CA ALA J 298 -11.04 7.90 -48.39
C ALA J 298 -11.31 6.54 -49.02
N ALA J 299 -10.78 6.30 -50.21
CA ALA J 299 -10.93 5.00 -50.85
C ALA J 299 -10.26 3.91 -50.03
N ARG J 300 -9.06 4.19 -49.51
CA ARG J 300 -8.38 3.22 -48.67
C ARG J 300 -9.21 2.86 -47.45
N LYS J 301 -9.77 3.88 -46.77
CA LYS J 301 -10.58 3.63 -45.59
C LYS J 301 -11.84 2.84 -45.92
N LEU J 302 -12.50 3.18 -47.03
CA LEU J 302 -13.69 2.43 -47.41
C LEU J 302 -13.34 0.98 -47.70
N ALA J 303 -12.22 0.74 -48.39
CA ALA J 303 -11.82 -0.63 -48.70
C ALA J 303 -11.53 -1.42 -47.44
N GLU J 304 -10.81 -0.83 -46.49
CA GLU J 304 -10.42 -1.55 -45.29
C GLU J 304 -11.50 -1.56 -44.22
N ASP J 305 -12.59 -0.80 -44.42
CA ASP J 305 -13.65 -0.71 -43.43
C ASP J 305 -14.89 -1.52 -43.77
N GLU J 306 -15.16 -1.77 -45.06
CA GLU J 306 -16.35 -2.51 -45.44
C GLU J 306 -16.06 -3.58 -46.49
N PHE J 307 -14.83 -3.67 -46.99
CA PHE J 307 -14.52 -4.70 -47.98
C PHE J 307 -13.31 -5.50 -47.54
N TYR J 308 -13.29 -5.89 -46.27
CA TYR J 308 -12.28 -6.76 -45.69
C TYR J 308 -12.69 -8.23 -45.68
N ASN J 309 -13.99 -8.52 -45.81
CA ASN J 309 -14.47 -9.88 -45.69
C ASN J 309 -14.08 -10.75 -46.88
N ILE J 310 -13.56 -10.16 -47.95
CA ILE J 310 -13.34 -10.94 -49.17
C ILE J 310 -11.95 -11.56 -49.25
N ILE J 311 -11.07 -11.29 -48.30
CA ILE J 311 -9.75 -11.89 -48.28
C ILE J 311 -9.83 -13.26 -47.64
N GLY J 312 -8.99 -14.18 -48.11
CA GLY J 312 -9.06 -15.56 -47.69
C GLY J 312 -9.95 -16.43 -48.54
N ARG J 313 -10.35 -15.97 -49.71
CA ARG J 313 -11.22 -16.70 -50.61
C ARG J 313 -10.46 -17.03 -51.89
N GLU J 314 -10.52 -18.29 -52.32
CA GLU J 314 -9.76 -18.72 -53.48
C GLU J 314 -10.35 -18.17 -54.77
N ILE J 315 -9.49 -17.68 -55.66
CA ILE J 315 -9.88 -17.02 -56.88
C ILE J 315 -8.94 -17.42 -58.01
N VAL J 316 -9.51 -17.64 -59.18
CA VAL J 316 -8.77 -17.85 -60.43
C VAL J 316 -8.88 -16.58 -61.25
N VAL J 317 -7.74 -16.06 -61.72
CA VAL J 317 -7.68 -14.81 -62.46
C VAL J 317 -7.09 -15.10 -63.83
N ARG J 318 -7.54 -14.36 -64.83
CA ARG J 318 -7.00 -14.42 -66.19
C ARG J 318 -6.75 -13.01 -66.67
N GLY J 319 -5.54 -12.75 -67.16
CA GLY J 319 -5.20 -11.41 -67.60
C GLY J 319 -3.78 -11.33 -68.11
N ASN J 320 -3.20 -10.14 -68.00
CA ASN J 320 -1.86 -9.87 -68.52
C ASN J 320 -1.01 -9.18 -67.46
N VAL J 321 0.30 -9.32 -67.61
CA VAL J 321 1.27 -8.76 -66.67
C VAL J 321 1.76 -7.43 -67.21
N ILE J 322 1.73 -6.41 -66.36
CA ILE J 322 2.21 -5.07 -66.69
C ILE J 322 3.22 -4.66 -65.63
N GLU J 323 4.10 -3.73 -66.01
CA GLU J 323 5.14 -3.23 -65.12
C GLU J 323 4.93 -1.74 -64.87
N ASP J 324 4.98 -1.36 -63.59
CA ASP J 324 4.86 0.02 -63.17
C ASP J 324 6.14 0.45 -62.46
N ARG J 325 6.52 1.70 -62.67
CA ARG J 325 7.81 2.19 -62.19
C ARG J 325 7.92 2.13 -60.67
N PHE J 326 6.80 2.21 -59.96
CA PHE J 326 6.80 2.14 -58.51
C PHE J 326 6.25 0.85 -57.96
N LEU J 327 5.22 0.29 -58.58
CA LEU J 327 4.53 -0.89 -58.06
C LEU J 327 5.03 -2.19 -58.65
N GLY J 328 6.03 -2.14 -59.54
CA GLY J 328 6.58 -3.38 -60.08
C GLY J 328 5.55 -4.13 -60.90
N LEU J 329 5.43 -5.43 -60.63
CA LEU J 329 4.53 -6.28 -61.40
C LEU J 329 3.09 -6.08 -60.95
N ILE J 330 2.18 -6.00 -61.92
CA ILE J 330 0.75 -5.88 -61.66
C ILE J 330 0.00 -6.70 -62.70
N LEU J 331 -0.91 -7.56 -62.24
CA LEU J 331 -1.74 -8.34 -63.15
C LEU J 331 -3.05 -7.62 -63.40
N ARG J 332 -3.26 -7.21 -64.64
CA ARG J 332 -4.55 -6.66 -65.07
C ARG J 332 -5.42 -7.83 -65.50
N ALA J 333 -6.49 -8.07 -64.77
CA ALA J 333 -7.36 -9.22 -65.03
C ALA J 333 -8.47 -8.83 -65.99
N SER J 334 -8.45 -9.45 -67.17
CA SER J 334 -9.56 -9.26 -68.11
C SER J 334 -10.85 -9.84 -67.55
N SER J 335 -10.76 -11.00 -66.89
CA SER J 335 -11.91 -11.63 -66.27
C SER J 335 -11.43 -12.55 -65.16
N TRP J 336 -12.35 -12.92 -64.29
CA TRP J 336 -12.06 -13.84 -63.19
C TRP J 336 -13.13 -14.91 -63.13
N GLU J 337 -12.75 -16.09 -62.65
CA GLU J 337 -13.66 -17.22 -62.56
C GLU J 337 -13.43 -17.95 -61.25
N ASP J 338 -14.47 -18.66 -60.81
CA ASP J 338 -14.38 -19.44 -59.59
C ASP J 338 -13.43 -20.62 -59.78
N VAL J 339 -12.91 -21.13 -58.66
CA VAL J 339 -11.99 -22.25 -58.69
C VAL J 339 -12.72 -23.52 -59.11
N ASP J 340 -12.11 -24.27 -60.01
CA ASP J 340 -12.61 -25.59 -60.41
C ASP J 340 -11.82 -26.64 -59.62
N TYR J 341 -12.53 -27.36 -58.75
CA TYR J 341 -11.87 -28.23 -57.80
C TYR J 341 -11.36 -29.51 -58.45
N ARG J 342 -12.14 -30.09 -59.36
CA ARG J 342 -11.78 -31.38 -59.94
C ARG J 342 -10.53 -31.28 -60.80
N ARG J 343 -10.43 -30.23 -61.62
CA ARG J 343 -9.25 -30.10 -62.49
C ARG J 343 -7.99 -29.89 -61.66
N GLU J 344 -8.08 -29.09 -60.59
CA GLU J 344 -6.92 -28.92 -59.73
C GLU J 344 -6.58 -30.20 -58.99
N ILE J 345 -7.59 -30.99 -58.61
CA ILE J 345 -7.34 -32.26 -57.95
C ILE J 345 -6.58 -33.19 -58.87
N GLU J 346 -7.02 -33.29 -60.12
CA GLU J 346 -6.32 -34.18 -61.06
C GLU J 346 -4.94 -33.65 -61.42
N ARG J 347 -4.77 -32.33 -61.48
CA ARG J 347 -3.44 -31.76 -61.69
C ARG J 347 -2.52 -32.12 -60.53
N ILE J 348 -3.03 -32.03 -59.30
CA ILE J 348 -2.24 -32.43 -58.14
C ILE J 348 -1.89 -33.91 -58.23
N LYS J 349 -2.83 -34.75 -58.65
CA LYS J 349 -2.56 -36.17 -58.75
C LYS J 349 -1.47 -36.45 -59.79
N GLU J 350 -1.53 -35.79 -60.95
CA GLU J 350 -0.55 -36.08 -61.99
C GLU J 350 0.83 -35.54 -61.63
N GLU J 351 0.89 -34.36 -61.00
CA GLU J 351 2.21 -33.88 -60.55
C GLU J 351 2.76 -34.76 -59.43
N LEU J 352 1.88 -35.28 -58.57
CA LEU J 352 2.32 -36.20 -57.53
C LEU J 352 2.88 -37.48 -58.13
N GLU J 353 2.22 -37.98 -59.17
CA GLU J 353 2.73 -39.15 -59.89
C GLU J 353 4.09 -38.85 -60.52
N LYS J 354 4.25 -37.69 -61.15
CA LYS J 354 5.55 -37.35 -61.72
C LYS J 354 6.62 -37.17 -60.65
N LEU J 355 6.22 -36.81 -59.42
CA LEU J 355 7.20 -36.69 -58.34
C LEU J 355 7.81 -38.06 -58.01
N GLY J 356 7.01 -39.11 -58.04
CA GLY J 356 7.52 -40.44 -57.79
C GLY J 356 6.95 -41.09 -56.54
N VAL J 357 5.70 -40.76 -56.21
CA VAL J 357 5.04 -41.31 -55.04
C VAL J 357 4.27 -42.59 -55.37
N MET J 358 3.45 -42.56 -56.41
CA MET J 358 2.72 -43.74 -56.83
C MET J 358 3.54 -44.55 -57.83
N LYS K 1 10.39 -3.21 -50.00
CA LYS K 1 9.00 -3.29 -50.44
C LYS K 1 8.68 -4.68 -50.97
N LYS K 2 8.92 -5.69 -50.14
CA LYS K 2 8.71 -7.08 -50.53
C LYS K 2 7.85 -7.78 -49.50
N ARG K 3 7.15 -8.82 -49.92
CA ARG K 3 6.31 -9.63 -49.05
C ARG K 3 6.58 -11.09 -49.32
N MET K 4 6.92 -11.84 -48.28
CA MET K 4 7.15 -13.26 -48.47
C MET K 4 5.81 -14.00 -48.58
N PRO K 5 5.67 -14.91 -49.53
CA PRO K 5 4.40 -15.64 -49.66
C PRO K 5 4.13 -16.50 -48.44
N ALA K 6 2.85 -16.68 -48.14
CA ALA K 6 2.46 -17.52 -47.03
C ALA K 6 2.70 -18.99 -47.36
N THR K 7 2.63 -19.84 -46.33
CA THR K 7 2.85 -21.27 -46.48
C THR K 7 1.80 -22.04 -45.70
N ARG K 8 1.43 -23.20 -46.22
CA ARG K 8 0.37 -24.02 -45.65
C ARG K 8 0.99 -25.09 -44.76
N LEU K 9 0.44 -25.27 -43.56
CA LEU K 9 1.06 -26.09 -42.53
C LEU K 9 0.03 -26.95 -41.83
N TYR K 10 0.50 -28.02 -41.21
CA TYR K 10 -0.28 -28.75 -40.22
C TYR K 10 -0.22 -28.01 -38.88
N ILE K 11 -1.30 -28.13 -38.11
CA ILE K 11 -1.38 -27.41 -36.84
C ILE K 11 -0.34 -27.92 -35.87
N LYS K 12 -0.10 -29.24 -35.85
CA LYS K 12 0.88 -29.79 -34.92
C LYS K 12 2.28 -29.27 -35.19
N ASP K 13 2.61 -29.01 -36.46
CA ASP K 13 3.92 -28.46 -36.78
C ASP K 13 4.10 -27.09 -36.15
N ILE K 14 3.08 -26.24 -36.24
CA ILE K 14 3.13 -24.94 -35.59
C ILE K 14 3.23 -25.10 -34.08
N LEU K 15 2.48 -26.05 -33.52
CA LEU K 15 2.52 -26.27 -32.08
C LEU K 15 3.90 -26.70 -31.63
N GLU K 16 4.56 -27.57 -32.39
CA GLU K 16 5.82 -28.19 -31.98
C GLU K 16 7.00 -27.67 -32.78
N GLY K 17 7.02 -26.36 -33.07
CA GLY K 17 8.12 -25.72 -33.74
C GLY K 17 8.96 -24.89 -32.79
N TYR K 18 9.90 -24.15 -33.39
CA TYR K 18 10.83 -23.29 -32.64
C TYR K 18 10.64 -21.85 -33.07
N PHE K 19 10.25 -21.00 -32.13
CA PHE K 19 9.93 -19.61 -32.39
C PHE K 19 11.19 -18.77 -32.28
N VAL K 20 11.66 -18.22 -33.41
CA VAL K 20 12.82 -17.35 -33.42
C VAL K 20 12.33 -15.91 -33.48
N LYS K 21 12.62 -15.16 -32.42
CA LYS K 21 12.18 -13.78 -32.27
C LYS K 21 13.29 -12.86 -32.74
N SER K 22 13.08 -12.23 -33.90
CA SER K 22 14.03 -11.24 -34.38
C SER K 22 14.01 -10.03 -33.46
N GLU K 23 15.18 -9.42 -33.28
CA GLU K 23 15.31 -8.27 -32.40
C GLU K 23 15.59 -6.97 -33.14
N GLY K 24 16.03 -7.03 -34.39
CA GLY K 24 16.25 -5.84 -35.18
C GLY K 24 14.96 -5.27 -35.72
N ASP K 25 15.05 -4.00 -36.13
CA ASP K 25 13.89 -3.34 -36.70
C ASP K 25 13.74 -3.60 -38.19
N PHE K 26 14.60 -4.44 -38.77
CA PHE K 26 14.53 -4.74 -40.19
C PHE K 26 14.44 -6.25 -40.45
N GLU K 27 14.04 -7.03 -39.44
CA GLU K 27 13.79 -8.45 -39.60
C GLU K 27 12.60 -8.83 -38.72
N PRO K 28 11.65 -9.60 -39.24
CA PRO K 28 10.48 -9.96 -38.45
C PRO K 28 10.64 -11.29 -37.75
N ASN K 29 9.70 -11.63 -36.88
CA ASN K 29 9.72 -12.93 -36.20
C ASN K 29 9.49 -14.05 -37.21
N TYR K 30 9.95 -15.24 -36.87
CA TYR K 30 9.67 -16.38 -37.73
C TYR K 30 9.68 -17.66 -36.93
N LEU K 31 9.34 -18.75 -37.61
CA LEU K 31 9.17 -20.05 -36.99
C LEU K 31 9.95 -21.09 -37.78
N ILE K 32 10.66 -21.96 -37.06
CA ILE K 32 11.48 -23.01 -37.67
C ILE K 32 10.83 -24.34 -37.34
N THR K 33 10.59 -25.14 -38.38
CA THR K 33 9.98 -26.45 -38.19
C THR K 33 11.04 -27.45 -37.71
N LYS K 34 10.58 -28.63 -37.32
CA LYS K 34 11.50 -29.71 -36.98
C LYS K 34 12.34 -30.12 -38.18
N TYR K 35 11.73 -30.13 -39.37
CA TYR K 35 12.39 -30.52 -40.60
C TYR K 35 13.06 -29.33 -41.30
N ALA K 36 13.43 -28.32 -40.54
CA ALA K 36 14.24 -27.19 -41.02
C ALA K 36 13.53 -26.44 -42.15
N ARG K 37 12.40 -25.84 -41.79
CA ARG K 37 11.67 -24.97 -42.70
C ARG K 37 11.37 -23.65 -42.01
N LYS K 38 11.44 -22.57 -42.79
CA LYS K 38 11.18 -21.22 -42.30
C LYS K 38 9.75 -20.84 -42.68
N VAL K 39 8.95 -20.47 -41.68
CA VAL K 39 7.55 -20.11 -41.88
C VAL K 39 7.33 -18.72 -41.31
N TYR K 40 6.78 -17.82 -42.13
CA TYR K 40 6.48 -16.47 -41.71
C TYR K 40 4.99 -16.25 -41.47
N ARG K 41 4.15 -16.65 -42.42
CA ARG K 41 2.71 -16.44 -42.34
C ARG K 41 2.01 -17.78 -42.41
N ALA K 42 1.25 -18.10 -41.36
CA ALA K 42 0.50 -19.35 -41.35
C ALA K 42 -0.79 -19.21 -42.14
N LYS K 43 -1.27 -20.33 -42.66
CA LYS K 43 -2.44 -20.37 -43.54
C LYS K 43 -3.05 -21.77 -43.43
N ILE K 44 -4.13 -21.87 -42.66
CA ILE K 44 -4.72 -23.17 -42.35
C ILE K 44 -6.19 -23.17 -42.72
N VAL K 45 -6.75 -24.38 -42.82
CA VAL K 45 -8.14 -24.62 -43.18
C VAL K 45 -8.73 -25.61 -42.20
N GLY K 46 -9.80 -25.22 -41.53
CA GLY K 46 -10.33 -26.11 -40.50
C GLY K 46 -11.63 -25.60 -39.93
N THR K 47 -12.07 -26.25 -38.86
CA THR K 47 -13.36 -26.00 -38.26
C THR K 47 -13.22 -25.38 -36.87
N VAL K 48 -14.09 -24.45 -36.58
CA VAL K 48 -14.14 -23.78 -35.28
C VAL K 48 -14.87 -24.69 -34.29
N VAL K 49 -14.36 -24.79 -33.07
CA VAL K 49 -14.95 -25.66 -32.07
C VAL K 49 -15.75 -24.90 -31.03
N ARG K 50 -15.46 -23.63 -30.79
CA ARG K 50 -16.09 -22.86 -29.73
C ARG K 50 -16.61 -21.55 -30.29
N GLU K 51 -17.67 -21.03 -29.67
CA GLU K 51 -18.23 -19.76 -30.10
C GLU K 51 -17.25 -18.62 -29.82
N PRO K 52 -17.23 -17.60 -30.68
CA PRO K 52 -16.28 -16.50 -30.49
C PRO K 52 -16.62 -15.69 -29.25
N LEU K 53 -15.60 -15.36 -28.47
CA LEU K 53 -15.74 -14.46 -27.34
C LEU K 53 -15.03 -13.16 -27.67
N ILE K 54 -15.69 -12.04 -27.40
CA ILE K 54 -15.19 -10.72 -27.75
C ILE K 54 -15.35 -9.81 -26.54
N ALA K 55 -14.33 -9.00 -26.28
CA ALA K 55 -14.40 -8.05 -25.18
C ALA K 55 -15.47 -7.00 -25.48
N GLU K 56 -16.13 -6.54 -24.42
CA GLU K 56 -17.23 -5.58 -24.58
C GLU K 56 -16.74 -4.23 -25.10
N ASP K 57 -15.48 -3.88 -24.85
CA ASP K 57 -14.93 -2.59 -25.28
C ASP K 57 -14.27 -2.66 -26.65
N GLU K 58 -14.38 -3.80 -27.34
CA GLU K 58 -13.84 -3.96 -28.69
C GLU K 58 -12.32 -3.72 -28.70
N THR K 59 -11.60 -4.57 -27.97
CA THR K 59 -10.15 -4.52 -27.92
C THR K 59 -9.50 -5.77 -28.49
N TYR K 60 -9.90 -6.95 -28.03
CA TYR K 60 -9.33 -8.20 -28.51
C TYR K 60 -10.44 -9.18 -28.82
N GLY K 61 -10.21 -10.01 -29.84
CA GLY K 61 -11.14 -11.05 -30.21
C GLY K 61 -10.43 -12.31 -30.64
N LYS K 62 -10.74 -13.43 -29.99
CA LYS K 62 -10.04 -14.68 -30.24
C LYS K 62 -11.03 -15.83 -30.30
N PHE K 63 -10.64 -16.87 -31.03
CA PHE K 63 -11.41 -18.11 -31.01
C PHE K 63 -10.49 -19.28 -31.31
N GLN K 64 -11.09 -20.46 -31.45
CA GLN K 64 -10.34 -21.71 -31.58
C GLN K 64 -10.55 -22.33 -32.96
N VAL K 65 -9.45 -22.71 -33.59
CA VAL K 65 -9.46 -23.34 -34.90
C VAL K 65 -8.98 -24.78 -34.76
N ASP K 66 -9.73 -25.71 -35.33
CA ASP K 66 -9.41 -27.13 -35.29
C ASP K 66 -9.62 -27.78 -36.65
N ASP K 67 -8.75 -28.74 -36.99
CA ASP K 67 -8.90 -29.54 -38.19
C ASP K 67 -8.79 -31.04 -37.94
N GLY K 68 -8.66 -31.48 -36.69
CA GLY K 68 -8.37 -32.85 -36.38
C GLY K 68 -6.93 -33.11 -36.00
N THR K 69 -6.03 -32.18 -36.30
CA THR K 69 -4.63 -32.28 -35.92
C THR K 69 -4.31 -31.53 -34.63
N GLY K 70 -4.89 -30.37 -34.41
CA GLY K 70 -4.70 -29.64 -33.17
C GLY K 70 -5.69 -28.51 -33.07
N VAL K 71 -5.73 -27.90 -31.89
CA VAL K 71 -6.58 -26.74 -31.63
C VAL K 71 -5.67 -25.55 -31.38
N ILE K 72 -5.92 -24.47 -32.10
CA ILE K 72 -5.08 -23.28 -32.00
C ILE K 72 -5.95 -22.07 -31.69
N TRP K 73 -5.37 -21.14 -30.93
CA TRP K 73 -6.06 -19.93 -30.50
C TRP K 73 -5.69 -18.82 -31.48
N VAL K 74 -6.64 -18.41 -32.31
CA VAL K 74 -6.43 -17.33 -33.27
C VAL K 74 -6.90 -16.03 -32.64
N LEU K 75 -6.05 -15.01 -32.68
CA LEU K 75 -6.24 -13.75 -31.98
C LEU K 75 -6.22 -12.58 -32.95
N GLY K 76 -7.00 -11.55 -32.60
CA GLY K 76 -6.93 -10.26 -33.26
C GLY K 76 -7.02 -9.15 -32.24
N PHE K 77 -6.19 -8.13 -32.39
CA PHE K 77 -6.15 -7.03 -31.43
C PHE K 77 -6.65 -5.75 -32.08
N ARG K 78 -7.22 -4.87 -31.26
CA ARG K 78 -7.73 -3.58 -31.70
C ARG K 78 -8.75 -3.69 -32.80
N ASP K 79 -8.40 -3.16 -33.98
CA ASP K 79 -9.32 -3.08 -35.10
C ASP K 79 -9.52 -4.41 -35.80
N ASP K 80 -8.66 -5.39 -35.55
CA ASP K 80 -8.81 -6.70 -36.17
C ASP K 80 -9.95 -7.51 -35.56
N THR K 81 -10.52 -7.04 -34.44
CA THR K 81 -11.60 -7.76 -33.80
C THR K 81 -12.79 -7.95 -34.71
N LYS K 82 -12.93 -7.11 -35.74
CA LYS K 82 -14.03 -7.27 -36.70
C LYS K 82 -14.00 -8.65 -37.34
N PHE K 83 -12.80 -9.20 -37.55
CA PHE K 83 -12.71 -10.56 -38.09
C PHE K 83 -13.41 -11.55 -37.20
N ALA K 84 -13.25 -11.42 -35.88
CA ALA K 84 -13.91 -12.32 -34.95
C ALA K 84 -15.42 -12.21 -35.00
N LYS K 85 -15.97 -11.16 -35.60
CA LYS K 85 -17.41 -11.04 -35.76
C LYS K 85 -17.92 -11.71 -37.03
N LEU K 86 -17.03 -12.14 -37.93
CA LEU K 86 -17.46 -12.66 -39.21
C LEU K 86 -17.74 -14.17 -39.17
N VAL K 87 -17.40 -14.84 -38.09
CA VAL K 87 -17.46 -16.29 -38.06
C VAL K 87 -18.37 -16.75 -36.92
N ARG K 88 -19.26 -17.69 -37.24
CA ARG K 88 -20.15 -18.30 -36.28
C ARG K 88 -19.68 -19.72 -35.98
N LYS K 89 -20.12 -20.25 -34.85
CA LYS K 89 -19.67 -21.58 -34.42
C LYS K 89 -20.17 -22.66 -35.37
N GLY K 90 -19.33 -23.68 -35.57
CA GLY K 90 -19.70 -24.87 -36.31
C GLY K 90 -19.30 -24.89 -37.76
N ASP K 91 -18.87 -23.77 -38.32
CA ASP K 91 -18.58 -23.69 -39.74
C ASP K 91 -17.16 -24.19 -40.04
N LEU K 92 -16.89 -24.37 -41.32
CA LEU K 92 -15.60 -24.83 -41.84
C LEU K 92 -15.00 -23.68 -42.64
N VAL K 93 -13.95 -23.06 -42.10
CA VAL K 93 -13.42 -21.82 -42.62
C VAL K 93 -11.95 -21.98 -43.01
N GLN K 94 -11.41 -20.91 -43.59
CA GLN K 94 -9.99 -20.78 -43.89
C GLN K 94 -9.47 -19.53 -43.18
N VAL K 95 -8.26 -19.63 -42.63
CA VAL K 95 -7.65 -18.56 -41.84
C VAL K 95 -6.23 -18.34 -42.35
N ILE K 96 -5.84 -17.07 -42.45
CA ILE K 96 -4.49 -16.68 -42.85
C ILE K 96 -4.02 -15.58 -41.89
N GLY K 97 -2.81 -15.73 -41.36
CA GLY K 97 -2.36 -14.77 -40.36
C GLY K 97 -0.88 -14.94 -40.04
N LYS K 98 -0.43 -14.20 -39.02
CA LYS K 98 0.97 -14.20 -38.62
C LYS K 98 1.19 -15.18 -37.47
N ILE K 99 2.42 -15.24 -36.96
CA ILE K 99 2.83 -16.17 -35.91
C ILE K 99 3.52 -15.42 -34.79
N ALA K 100 3.09 -15.67 -33.55
CA ALA K 100 3.70 -15.06 -32.37
C ALA K 100 3.41 -15.93 -31.16
N GLU K 101 4.41 -16.12 -30.31
CA GLU K 101 4.33 -17.08 -29.21
C GLU K 101 3.98 -16.39 -27.90
N TRP K 102 3.01 -16.94 -27.18
CA TRP K 102 2.56 -16.38 -25.91
C TRP K 102 2.57 -17.47 -24.85
N ARG K 103 3.10 -17.11 -23.67
CA ARG K 103 3.21 -18.00 -22.51
C ARG K 103 3.62 -19.42 -22.90
N ASP K 104 4.71 -19.52 -23.65
CA ASP K 104 5.26 -20.80 -24.09
C ASP K 104 4.21 -21.61 -24.84
N ASP K 105 3.45 -20.94 -25.69
CA ASP K 105 2.42 -21.57 -26.49
C ASP K 105 2.25 -20.78 -27.77
N LYS K 106 2.26 -21.47 -28.91
CA LYS K 106 2.21 -20.81 -30.20
C LYS K 106 0.82 -20.25 -30.47
N GLN K 107 0.77 -19.19 -31.28
CA GLN K 107 -0.46 -18.48 -31.55
C GLN K 107 -0.45 -18.02 -33.00
N ILE K 108 -1.65 -17.74 -33.52
CA ILE K 108 -1.81 -17.17 -34.86
C ILE K 108 -2.52 -15.84 -34.70
N LEU K 109 -1.83 -14.75 -35.06
CA LEU K 109 -2.46 -13.44 -35.10
C LEU K 109 -3.23 -13.33 -36.40
N VAL K 110 -4.53 -13.01 -36.31
CA VAL K 110 -5.40 -13.15 -37.47
C VAL K 110 -5.12 -12.03 -38.46
N GLU K 111 -5.27 -12.35 -39.75
CA GLU K 111 -5.29 -11.33 -40.80
C GLU K 111 -6.43 -11.49 -41.78
N GLY K 112 -6.96 -12.69 -41.98
CA GLY K 112 -8.10 -12.89 -42.86
C GLY K 112 -8.76 -14.24 -42.71
N VAL K 113 -10.09 -14.26 -42.64
CA VAL K 113 -10.84 -15.50 -42.42
C VAL K 113 -12.04 -15.50 -43.35
N SER K 114 -12.36 -16.67 -43.92
CA SER K 114 -13.44 -16.75 -44.89
C SER K 114 -14.12 -18.11 -44.82
N LYS K 115 -15.39 -18.12 -45.25
CA LYS K 115 -16.16 -19.35 -45.41
C LYS K 115 -15.75 -20.06 -46.69
N VAL K 116 -15.75 -21.38 -46.64
CA VAL K 116 -15.28 -22.22 -47.73
C VAL K 116 -16.12 -23.50 -47.79
N HIS K 117 -15.79 -24.36 -48.77
CA HIS K 117 -16.42 -25.62 -49.12
C HIS K 117 -15.48 -26.80 -48.84
N PRO K 118 -16.00 -27.95 -48.43
CA PRO K 118 -15.13 -29.06 -48.03
C PRO K 118 -14.22 -29.56 -49.13
N ASN K 119 -14.66 -29.53 -50.39
CA ASN K 119 -13.78 -29.95 -51.49
C ASN K 119 -12.46 -29.19 -51.44
N MET K 120 -12.49 -27.92 -51.08
CA MET K 120 -11.25 -27.20 -50.87
C MET K 120 -10.48 -27.79 -49.70
N TRP K 121 -11.17 -28.35 -48.72
CA TRP K 121 -10.48 -28.97 -47.58
C TRP K 121 -9.71 -30.22 -48.03
N ILE K 122 -10.30 -31.02 -48.92
CA ILE K 122 -9.55 -32.10 -49.53
C ILE K 122 -8.37 -31.55 -50.33
N LEU K 123 -8.60 -30.49 -51.10
CA LEU K 123 -7.50 -29.84 -51.80
C LEU K 123 -6.42 -29.38 -50.83
N HIS K 124 -6.82 -28.96 -49.64
CA HIS K 124 -5.89 -28.50 -48.62
C HIS K 124 -5.00 -29.63 -48.14
N ARG K 125 -5.60 -30.79 -47.88
CA ARG K 125 -4.77 -31.96 -47.53
C ARG K 125 -3.81 -32.30 -48.67
N TYR K 126 -4.31 -32.28 -49.91
CA TYR K 126 -3.44 -32.56 -51.05
C TYR K 126 -2.25 -31.62 -51.08
N GLU K 127 -2.51 -30.31 -51.00
CA GLU K 127 -1.44 -29.33 -51.12
C GLU K 127 -0.46 -29.43 -49.96
N THR K 128 -0.97 -29.64 -48.74
CA THR K 128 -0.05 -29.68 -47.60
C THR K 128 0.84 -30.91 -47.67
N LEU K 129 0.32 -32.06 -48.09
CA LEU K 129 1.19 -33.22 -48.23
C LEU K 129 2.18 -33.03 -49.37
N LYS K 130 1.74 -32.38 -50.46
CA LYS K 130 2.64 -32.15 -51.58
C LYS K 130 3.79 -31.24 -51.18
N GLU K 131 3.52 -30.18 -50.42
CA GLU K 131 4.59 -29.35 -49.90
C GLU K 131 5.47 -30.13 -48.93
N LYS K 132 4.85 -30.94 -48.06
CA LYS K 132 5.59 -31.65 -47.03
C LYS K 132 6.63 -32.56 -47.65
N ILE K 133 6.23 -33.37 -48.64
CA ILE K 133 7.15 -34.35 -49.21
C ILE K 133 8.33 -33.66 -49.88
N GLU K 134 8.06 -32.59 -50.64
CA GLU K 134 9.14 -31.89 -51.32
C GLU K 134 10.12 -31.28 -50.31
N HIS K 135 9.59 -30.62 -49.28
CA HIS K 135 10.50 -29.96 -48.34
C HIS K 135 11.28 -30.97 -47.50
N ILE K 136 10.67 -32.09 -47.13
CA ILE K 136 11.40 -33.08 -46.34
C ILE K 136 12.49 -33.74 -47.20
N LYS K 137 12.19 -33.99 -48.48
CA LYS K 137 13.23 -34.55 -49.34
C LYS K 137 14.36 -33.55 -49.54
N LYS K 138 14.04 -32.25 -49.63
CA LYS K 138 15.07 -31.25 -49.73
C LYS K 138 15.94 -31.20 -48.48
N ALA K 139 15.32 -31.27 -47.31
CA ALA K 139 16.08 -31.30 -46.06
C ALA K 139 16.95 -32.54 -45.99
N LYS K 140 16.41 -33.68 -46.40
CA LYS K 140 17.19 -34.92 -46.40
C LYS K 140 18.40 -34.80 -47.30
N ILE K 141 18.23 -34.26 -48.50
CA ILE K 141 19.35 -34.16 -49.43
C ILE K 141 20.31 -33.04 -49.10
N ALA K 142 19.91 -32.09 -48.25
CA ALA K 142 20.81 -31.04 -47.82
C ALA K 142 21.54 -31.34 -46.52
N LEU K 143 21.05 -32.30 -45.73
CA LEU K 143 21.69 -32.60 -44.45
C LEU K 143 23.13 -33.08 -44.62
N GLU K 144 23.38 -33.95 -45.60
CA GLU K 144 24.75 -34.42 -45.83
C GLU K 144 25.65 -33.27 -46.26
N ILE K 145 25.15 -32.39 -47.12
CA ILE K 145 25.93 -31.24 -47.54
C ILE K 145 26.27 -30.36 -46.34
N TYR K 146 25.32 -30.22 -45.41
CA TYR K 146 25.61 -29.47 -44.19
C TYR K 146 26.71 -30.13 -43.37
N ASN K 147 26.55 -31.41 -43.07
CA ASN K 147 27.41 -32.02 -42.07
C ASN K 147 28.73 -32.55 -42.63
N GLN K 148 28.91 -32.54 -43.96
CA GLN K 148 30.18 -33.01 -44.51
C GLN K 148 31.24 -31.92 -44.44
N TYR K 149 30.88 -30.69 -44.80
CA TYR K 149 31.82 -29.57 -44.83
C TYR K 149 31.42 -28.48 -43.84
N GLY K 150 30.19 -27.98 -43.91
CA GLY K 150 29.74 -26.89 -43.09
C GLY K 150 29.52 -25.63 -43.90
N ILE K 151 29.89 -24.49 -43.31
CA ILE K 151 29.74 -23.19 -43.95
C ILE K 151 31.07 -22.91 -44.65
N THR K 152 31.20 -23.40 -45.88
CA THR K 152 32.36 -23.15 -46.71
C THR K 152 31.90 -22.79 -48.12
N ALA K 153 32.78 -22.13 -48.86
CA ALA K 153 32.46 -21.74 -50.24
C ALA K 153 32.22 -22.98 -51.09
N LYS K 154 33.09 -23.99 -50.95
CA LYS K 154 32.93 -25.21 -51.75
C LYS K 154 31.62 -25.91 -51.43
N SER K 155 31.23 -25.93 -50.15
CA SER K 155 29.99 -26.59 -49.76
C SER K 155 28.79 -25.97 -50.45
N LYS K 156 28.66 -24.64 -50.38
CA LYS K 156 27.51 -24.00 -51.02
C LYS K 156 27.60 -24.08 -52.53
N VAL K 157 28.82 -24.05 -53.09
CA VAL K 157 28.96 -24.18 -54.54
C VAL K 157 28.44 -25.54 -55.01
N ILE K 158 28.89 -26.62 -54.35
CA ILE K 158 28.44 -27.94 -54.76
C ILE K 158 26.96 -28.12 -54.47
N ALA K 159 26.45 -27.48 -53.42
CA ALA K 159 25.02 -27.58 -53.13
C ALA K 159 24.19 -26.90 -54.21
N LYS K 160 24.60 -25.71 -54.64
CA LYS K 160 23.85 -25.01 -55.69
C LYS K 160 23.98 -25.70 -57.03
N ASN K 161 25.15 -26.30 -57.33
CA ASN K 161 25.24 -27.10 -58.53
C ASN K 161 24.41 -28.37 -58.44
N LYS K 162 24.18 -28.87 -57.22
CA LYS K 162 23.33 -30.04 -57.04
C LYS K 162 21.85 -29.69 -57.21
N GLY K 163 21.45 -28.49 -56.84
CA GLY K 163 20.07 -28.07 -56.99
C GLY K 163 19.37 -27.79 -55.68
N ILE K 164 20.12 -27.30 -54.69
CA ILE K 164 19.60 -27.01 -53.37
C ILE K 164 19.83 -25.54 -53.06
N GLU K 165 18.79 -24.87 -52.54
CA GLU K 165 18.92 -23.47 -52.18
C GLU K 165 19.95 -23.31 -51.05
N GLU K 166 20.76 -22.25 -51.17
CA GLU K 166 21.82 -22.02 -50.20
C GLU K 166 21.26 -21.72 -48.82
N GLU K 167 20.15 -20.97 -48.77
CA GLU K 167 19.59 -20.53 -47.50
C GLU K 167 19.21 -21.69 -46.59
N LEU K 168 18.96 -22.87 -47.16
CA LEU K 168 18.68 -24.04 -46.33
C LEU K 168 19.86 -24.39 -45.44
N LEU K 169 21.09 -24.14 -45.91
CA LEU K 169 22.25 -24.39 -45.08
C LEU K 169 22.25 -23.51 -43.84
N GLU K 170 21.95 -22.22 -44.01
CA GLU K 170 21.86 -21.33 -42.85
C GLU K 170 20.70 -21.70 -41.96
N VAL K 171 19.59 -22.16 -42.55
CA VAL K 171 18.46 -22.61 -41.75
C VAL K 171 18.87 -23.78 -40.86
N ILE K 172 19.58 -24.75 -41.44
CA ILE K 172 20.05 -25.90 -40.68
C ILE K 172 21.03 -25.46 -39.60
N ASP K 173 21.90 -24.50 -39.94
CA ASP K 173 22.85 -24.00 -38.94
C ASP K 173 22.11 -23.38 -37.76
N GLU K 174 21.09 -22.56 -38.04
CA GLU K 174 20.32 -21.95 -36.99
C GLU K 174 19.60 -22.99 -36.14
N LEU K 175 19.01 -24.00 -36.79
CA LEU K 175 18.32 -25.05 -36.04
C LEU K 175 19.28 -25.82 -35.15
N TYR K 176 20.47 -26.14 -35.67
CA TYR K 176 21.47 -26.86 -34.89
C TYR K 176 21.95 -26.01 -33.72
N GLY K 177 22.12 -24.71 -33.94
CA GLY K 177 22.46 -23.83 -32.83
C GLY K 177 21.38 -23.79 -31.77
N ILE K 178 20.11 -23.80 -32.20
CA ILE K 178 19.02 -23.89 -31.24
C ILE K 178 19.05 -25.22 -30.50
N MET K 179 19.52 -26.28 -31.15
CA MET K 179 19.59 -27.58 -30.49
C MET K 179 20.51 -27.52 -29.26
N MET K 180 21.65 -26.85 -29.38
CA MET K 180 22.58 -26.73 -28.27
C MET K 180 22.51 -25.32 -27.71
N ARG L 3 -6.40 -28.70 -25.70
CA ARG L 3 -7.39 -29.75 -25.49
C ARG L 3 -7.16 -30.94 -26.41
N LYS L 4 -8.06 -31.90 -26.34
CA LYS L 4 -7.94 -33.09 -27.17
C LYS L 4 -8.33 -32.77 -28.61
N PRO L 5 -7.47 -33.05 -29.59
CA PRO L 5 -7.85 -32.83 -30.98
C PRO L 5 -9.01 -33.71 -31.40
N ALA L 6 -9.80 -33.21 -32.34
CA ALA L 6 -10.95 -33.95 -32.82
C ALA L 6 -10.51 -35.23 -33.51
N VAL L 7 -11.28 -36.30 -33.31
CA VAL L 7 -10.99 -37.62 -33.88
C VAL L 7 -12.14 -38.01 -34.80
N GLU L 8 -11.80 -38.57 -35.95
CA GLU L 8 -12.80 -39.11 -36.88
C GLU L 8 -12.62 -40.63 -36.95
N ARG L 9 -13.73 -41.36 -36.87
CA ARG L 9 -13.70 -42.81 -36.87
C ARG L 9 -14.87 -43.33 -37.70
N LYS L 10 -15.16 -44.62 -37.54
CA LYS L 10 -16.13 -45.35 -38.35
C LYS L 10 -16.96 -46.24 -37.44
N ILE L 11 -18.21 -46.49 -37.87
CA ILE L 11 -19.21 -47.05 -36.96
C ILE L 11 -18.79 -48.40 -36.43
N SER L 12 -18.37 -49.30 -37.31
CA SER L 12 -18.05 -50.65 -36.86
C SER L 12 -16.67 -50.77 -36.22
N GLU L 13 -15.82 -49.75 -36.38
CA GLU L 13 -14.47 -49.79 -35.82
C GLU L 13 -14.28 -48.77 -34.70
N ILE L 14 -15.37 -48.23 -34.16
CA ILE L 14 -15.26 -47.31 -33.03
C ILE L 14 -14.66 -48.03 -31.84
N ARG L 15 -13.73 -47.38 -31.16
CA ARG L 15 -13.00 -47.99 -30.06
C ARG L 15 -13.35 -47.36 -28.73
N GLU L 16 -13.15 -48.13 -27.66
CA GLU L 16 -13.45 -47.65 -26.32
C GLU L 16 -12.57 -46.48 -25.92
N GLU L 17 -11.30 -46.53 -26.32
CA GLU L 17 -10.35 -45.48 -25.92
C GLU L 17 -10.72 -44.11 -26.45
N ASP L 18 -11.51 -44.05 -27.52
CA ASP L 18 -11.92 -42.76 -28.09
C ASP L 18 -12.94 -42.09 -27.19
N THR L 19 -12.84 -40.77 -27.08
CA THR L 19 -13.79 -39.97 -26.31
C THR L 19 -14.59 -38.99 -27.15
N ARG L 20 -13.92 -38.14 -27.93
CA ARG L 20 -14.59 -37.20 -28.84
C ARG L 20 -14.34 -37.67 -30.26
N VAL L 21 -15.41 -37.98 -30.98
CA VAL L 21 -15.32 -38.64 -32.27
C VAL L 21 -16.15 -37.90 -33.31
N SER L 22 -15.69 -38.00 -34.56
CA SER L 22 -16.40 -37.47 -35.72
C SER L 22 -16.89 -38.64 -36.58
N LEU L 23 -18.16 -38.58 -36.97
CA LEU L 23 -18.77 -39.61 -37.81
C LEU L 23 -19.40 -38.98 -39.03
N ILE L 24 -19.58 -39.80 -40.07
CA ILE L 24 -20.26 -39.39 -41.29
C ILE L 24 -21.30 -40.46 -41.64
N GLY L 25 -22.52 -40.03 -41.93
CA GLY L 25 -23.56 -41.01 -42.23
C GLY L 25 -24.83 -40.36 -42.72
N ARG L 26 -25.81 -41.21 -43.02
CA ARG L 26 -27.12 -40.78 -43.50
C ARG L 26 -28.18 -41.07 -42.45
N VAL L 27 -29.04 -40.09 -42.19
CA VAL L 27 -30.13 -40.26 -41.25
C VAL L 27 -31.20 -41.14 -41.89
N ILE L 28 -31.64 -42.16 -41.14
CA ILE L 28 -32.67 -43.07 -41.63
C ILE L 28 -33.99 -42.78 -40.94
N LYS L 29 -33.94 -42.34 -39.69
CA LYS L 29 -35.14 -42.03 -38.93
C LYS L 29 -34.78 -41.27 -37.67
N VAL L 30 -35.79 -40.63 -37.09
CA VAL L 30 -35.63 -39.68 -35.98
C VAL L 30 -36.67 -39.98 -34.92
N ASP L 31 -36.56 -39.25 -33.81
CA ASP L 31 -37.54 -39.29 -32.74
C ASP L 31 -37.45 -37.99 -31.95
N LYS L 32 -38.57 -37.28 -31.89
CA LYS L 32 -38.62 -35.93 -31.32
C LYS L 32 -38.76 -35.93 -29.81
N MET L 33 -39.36 -36.97 -29.22
CA MET L 33 -39.55 -36.98 -27.78
C MET L 33 -38.20 -37.01 -27.05
N ASP L 34 -37.21 -37.67 -27.63
CA ASP L 34 -35.89 -37.79 -27.02
C ASP L 34 -34.87 -36.89 -27.74
N TYR L 35 -35.28 -36.18 -28.79
CA TYR L 35 -34.37 -35.38 -29.61
C TYR L 35 -33.23 -36.22 -30.14
N MET L 36 -33.55 -37.44 -30.58
CA MET L 36 -32.52 -38.42 -30.94
C MET L 36 -32.84 -38.96 -32.32
N PHE L 37 -31.85 -39.61 -32.94
CA PHE L 37 -32.01 -40.07 -34.31
C PHE L 37 -30.93 -41.10 -34.66
N TRP L 38 -31.05 -41.67 -35.85
CA TRP L 38 -30.21 -42.78 -36.29
C TRP L 38 -29.48 -42.43 -37.58
N LEU L 39 -28.20 -42.83 -37.65
CA LEU L 39 -27.37 -42.63 -38.83
C LEU L 39 -26.95 -43.99 -39.38
N ASP L 40 -26.88 -44.10 -40.71
CA ASP L 40 -26.20 -45.20 -41.36
C ASP L 40 -25.19 -44.67 -42.37
N ASP L 41 -23.98 -45.22 -42.34
CA ASP L 41 -22.96 -44.91 -43.33
C ASP L 41 -22.77 -46.04 -44.33
N GLY L 42 -23.72 -46.96 -44.43
CA GLY L 42 -23.60 -48.12 -45.29
C GLY L 42 -23.05 -49.35 -44.61
N THR L 43 -22.65 -49.25 -43.34
CA THR L 43 -22.04 -50.36 -42.62
C THR L 43 -22.61 -50.60 -41.24
N GLY L 44 -23.38 -49.67 -40.69
CA GLY L 44 -23.89 -49.86 -39.34
C GLY L 44 -24.84 -48.74 -38.96
N VAL L 45 -25.45 -48.90 -37.80
CA VAL L 45 -26.41 -47.94 -37.26
C VAL L 45 -25.77 -47.23 -36.07
N ALA L 46 -25.93 -45.91 -36.02
CA ALA L 46 -25.42 -45.08 -34.94
C ALA L 46 -26.56 -44.29 -34.32
N ILE L 47 -26.63 -44.33 -32.99
CA ILE L 47 -27.64 -43.59 -32.25
C ILE L 47 -27.04 -42.26 -31.80
N ILE L 48 -27.63 -41.16 -32.26
CA ILE L 48 -27.11 -39.83 -32.00
C ILE L 48 -28.17 -39.06 -31.24
N GLU L 49 -27.80 -38.58 -30.05
CA GLU L 49 -28.71 -37.85 -29.16
C GLU L 49 -28.42 -36.36 -29.31
N SER L 50 -29.26 -35.68 -30.09
CA SER L 50 -29.10 -34.25 -30.27
C SER L 50 -29.66 -33.48 -29.07
N GLU L 51 -29.17 -32.25 -28.90
CA GLU L 51 -29.63 -31.40 -27.80
C GLU L 51 -30.92 -30.69 -28.16
N SER L 52 -30.92 -29.93 -29.26
CA SER L 52 -32.13 -29.27 -29.72
C SER L 52 -32.34 -29.34 -31.23
N ASP L 53 -31.31 -29.53 -32.03
CA ASP L 53 -31.43 -29.54 -33.48
C ASP L 53 -31.79 -30.92 -34.01
N LEU L 54 -32.46 -30.95 -35.17
CA LEU L 54 -32.94 -32.18 -35.77
C LEU L 54 -32.60 -32.24 -37.25
N PRO L 55 -31.89 -33.25 -37.70
CA PRO L 55 -31.62 -33.42 -39.14
C PRO L 55 -32.80 -34.09 -39.82
N LYS L 56 -32.72 -34.17 -41.14
CA LYS L 56 -33.72 -34.83 -41.96
C LYS L 56 -33.21 -36.18 -42.43
N VAL L 57 -34.14 -37.00 -42.94
CA VAL L 57 -33.82 -38.36 -43.33
C VAL L 57 -33.36 -38.39 -44.79
N GLY L 58 -32.26 -39.07 -45.05
CA GLY L 58 -31.85 -39.38 -46.41
C GLY L 58 -30.72 -38.57 -46.98
N GLN L 59 -30.03 -37.77 -46.19
CA GLN L 59 -28.90 -36.99 -46.67
C GLN L 59 -27.64 -37.32 -45.88
N VAL L 60 -26.50 -37.17 -46.54
CA VAL L 60 -25.21 -37.42 -45.92
C VAL L 60 -24.82 -36.22 -45.07
N VAL L 61 -24.40 -36.48 -43.83
CA VAL L 61 -24.02 -35.43 -42.88
C VAL L 61 -22.82 -35.92 -42.07
N ARG L 62 -22.17 -34.97 -41.42
CA ARG L 62 -21.08 -35.25 -40.48
C ARG L 62 -21.46 -34.72 -39.11
N VAL L 63 -21.04 -35.44 -38.08
CA VAL L 63 -21.36 -35.11 -36.70
C VAL L 63 -20.08 -35.16 -35.87
N ILE L 64 -19.90 -34.15 -35.03
CA ILE L 64 -18.86 -34.12 -34.01
C ILE L 64 -19.54 -34.30 -32.67
N GLY L 65 -19.20 -35.38 -31.96
CA GLY L 65 -19.85 -35.69 -30.71
C GLY L 65 -18.90 -36.39 -29.78
N ARG L 66 -19.43 -36.81 -28.63
CA ARG L 66 -18.69 -37.64 -27.69
C ARG L 66 -19.55 -38.82 -27.28
N ILE L 67 -18.93 -39.98 -27.12
CA ILE L 67 -19.65 -41.20 -26.79
C ILE L 67 -19.99 -41.22 -25.32
N ILE L 68 -21.12 -41.84 -24.98
CA ILE L 68 -21.55 -42.03 -23.60
C ILE L 68 -21.57 -43.52 -23.36
N ARG L 69 -20.51 -44.04 -22.75
CA ARG L 69 -20.37 -45.47 -22.49
C ARG L 69 -21.02 -45.78 -21.15
N ASN L 70 -22.32 -46.02 -21.18
CA ASN L 70 -23.08 -46.32 -19.96
C ASN L 70 -23.80 -47.66 -20.10
N GLU L 71 -24.60 -48.00 -19.08
CA GLU L 71 -25.36 -49.24 -19.09
C GLU L 71 -26.71 -49.12 -19.79
N GLU L 72 -27.09 -47.91 -20.21
CA GLU L 72 -28.37 -47.72 -20.87
C GLU L 72 -28.35 -48.12 -22.33
N GLY L 73 -27.17 -48.31 -22.91
CA GLY L 73 -27.04 -48.67 -24.31
C GLY L 73 -25.94 -47.86 -24.95
N ILE L 74 -26.11 -47.59 -26.24
CA ILE L 74 -25.14 -46.81 -27.01
C ILE L 74 -25.78 -45.46 -27.33
N HIS L 75 -25.08 -44.39 -26.96
CA HIS L 75 -25.53 -43.03 -27.24
C HIS L 75 -24.32 -42.14 -27.46
N ILE L 76 -24.46 -41.18 -28.36
CA ILE L 76 -23.41 -40.23 -28.69
C ILE L 76 -23.89 -38.84 -28.31
N TYR L 77 -23.16 -38.20 -27.40
CA TYR L 77 -23.47 -36.84 -26.96
C TYR L 77 -22.97 -35.89 -28.03
N ALA L 78 -23.76 -35.74 -29.10
CA ALA L 78 -23.36 -34.91 -30.22
C ALA L 78 -23.40 -33.43 -29.84
N GLU L 79 -22.51 -32.66 -30.46
CA GLU L 79 -22.46 -31.22 -30.25
C GLU L 79 -22.47 -30.44 -31.55
N VAL L 80 -22.00 -31.03 -32.65
CA VAL L 80 -21.93 -30.32 -33.93
C VAL L 80 -22.46 -31.22 -35.03
N ILE L 81 -23.27 -30.66 -35.92
CA ILE L 81 -23.66 -31.34 -37.15
C ILE L 81 -23.40 -30.40 -38.31
N GLN L 82 -22.95 -30.95 -39.44
CA GLN L 82 -22.69 -30.17 -40.64
C GLN L 82 -23.09 -30.99 -41.87
N ASP L 83 -23.62 -30.30 -42.88
CA ASP L 83 -24.21 -30.98 -44.01
C ASP L 83 -23.21 -31.13 -45.15
N PHE L 84 -23.34 -32.23 -45.90
CA PHE L 84 -22.50 -32.47 -47.07
C PHE L 84 -23.28 -33.04 -48.24
N SER L 85 -24.54 -32.63 -48.43
CA SER L 85 -25.35 -33.19 -49.51
C SER L 85 -24.72 -32.91 -50.87
N ASP L 86 -24.10 -31.74 -51.03
CA ASP L 86 -23.42 -31.41 -52.28
C ASP L 86 -22.12 -32.17 -52.46
N ALA L 87 -21.52 -32.72 -51.40
CA ALA L 87 -20.16 -33.35 -51.50
C ALA L 87 -19.98 -34.80 -52.06
N ASP L 88 -18.71 -35.24 -52.09
CA ASP L 88 -18.27 -36.58 -52.50
C ASP L 88 -17.69 -37.35 -51.30
N LEU L 89 -17.14 -38.57 -51.48
CA LEU L 89 -16.67 -39.27 -50.30
C LEU L 89 -15.61 -40.31 -50.65
N GLU L 90 -15.59 -40.77 -51.90
CA GLU L 90 -14.53 -41.68 -52.32
C GLU L 90 -13.16 -41.02 -52.24
N ALA L 91 -13.06 -39.76 -52.66
CA ALA L 91 -11.80 -39.03 -52.52
C ALA L 91 -11.43 -38.85 -51.05
N LEU L 92 -12.42 -38.60 -50.21
CA LEU L 92 -12.16 -38.48 -48.77
C LEU L 92 -11.61 -39.78 -48.22
N GLU L 93 -12.21 -40.91 -48.60
CA GLU L 93 -11.72 -42.21 -48.13
C GLU L 93 -10.31 -42.49 -48.64
N GLU L 94 -10.05 -42.17 -49.91
CA GLU L 94 -8.72 -42.43 -50.47
C GLU L 94 -7.66 -41.56 -49.81
N ILE L 95 -7.98 -40.30 -49.53
CA ILE L 95 -7.00 -39.44 -48.87
C ILE L 95 -6.81 -39.87 -47.42
N ARG L 96 -7.86 -40.35 -46.76
CA ARG L 96 -7.69 -40.92 -45.42
C ARG L 96 -6.75 -42.12 -45.46
N GLU L 97 -6.93 -43.01 -46.44
CA GLU L 97 -6.06 -44.17 -46.57
C GLU L 97 -4.62 -43.74 -46.82
N LEU L 98 -4.42 -42.74 -47.67
CA LEU L 98 -3.09 -42.21 -47.91
C LEU L 98 -2.49 -41.68 -46.61
N GLU L 99 -3.29 -40.95 -45.83
CA GLU L 99 -2.82 -40.42 -44.55
C GLU L 99 -2.37 -41.54 -43.63
N ARG L 100 -3.21 -42.58 -43.49
CA ARG L 100 -2.84 -43.68 -42.59
C ARG L 100 -1.58 -44.39 -43.08
N LYS L 101 -1.44 -44.61 -44.39
CA LYS L 101 -0.31 -45.41 -44.84
C LYS L 101 0.97 -44.59 -44.92
N LEU L 102 0.88 -43.26 -44.93
CA LEU L 102 2.07 -42.43 -44.94
C LEU L 102 2.44 -41.85 -43.58
N LEU L 103 1.54 -41.08 -42.97
CA LEU L 103 1.92 -40.12 -41.94
C LEU L 103 2.78 -40.70 -40.82
N PRO L 104 2.41 -41.82 -40.16
CA PRO L 104 3.22 -42.26 -39.02
C PRO L 104 4.65 -42.63 -39.39
N ARG L 105 4.91 -42.91 -40.66
CA ARG L 105 6.27 -43.16 -41.11
C ARG L 105 7.08 -41.88 -41.24
N LEU L 106 6.41 -40.76 -41.54
CA LEU L 106 7.14 -39.54 -41.91
C LEU L 106 7.88 -38.93 -40.72
N GLU L 107 7.20 -38.78 -39.59
CA GLU L 107 7.84 -38.11 -38.46
C GLU L 107 9.00 -38.93 -37.90
N GLY L 108 8.95 -40.27 -38.07
CA GLY L 108 10.08 -41.09 -37.67
C GLY L 108 11.32 -40.86 -38.50
N GLU L 109 11.17 -40.31 -39.70
CA GLU L 109 12.30 -40.02 -40.55
C GLU L 109 13.00 -38.74 -40.08
N ILE L 110 14.30 -38.66 -40.40
CA ILE L 110 15.17 -37.55 -40.05
C ILE L 110 15.29 -37.43 -38.53
N VAL L 111 16.24 -36.63 -38.06
CA VAL L 111 16.44 -36.42 -36.64
C VAL L 111 16.77 -34.94 -36.42
N TRP L 112 16.28 -34.40 -35.30
CA TRP L 112 16.37 -32.98 -34.94
C TRP L 112 16.16 -32.03 -36.13
#